data_8E0X
#
_entry.id   8E0X
#
_cell.length_a   210.717
_cell.length_b   53.181
_cell.length_c   150.366
_cell.angle_alpha   90.000
_cell.angle_beta   115.795
_cell.angle_gamma   90.000
#
_symmetry.space_group_name_H-M   'C 1 2 1'
#
loop_
_entity.id
_entity.type
_entity.pdbx_description
1 polymer 'Phospho-2-dehydro-3-deoxyheptonate aldolase, Phe-sensitive'
2 non-polymer 'MANGANESE (II) ION'
3 non-polymer PHOSPHOENOLPYRUVATE
4 non-polymer 'PHOSPHATE ION'
5 water water
#
_entity_poly.entity_id   1
_entity_poly.type   'polypeptide(L)'
_entity_poly.pdbx_seq_one_letter_code
;GMNYQNDDLRIKEIKELLPPVALLEKFPATENAANTVAHARKAIHKILKGNDDRLLVVIGPCSIHDPVAAKEYATRLLAL
REELKDELEIVMRVYFEKPRTTVGWKGLINDPHMDNSFQINDGLRIARKLLLDINDSGLPAAGEFLDMITPQYLADLMSW
GAIGARTTESQVHRELASGLSCPVGFKNGTDGTIKVAIDAINAAGAPHCFLSVTKWGHSAIVNTSGNGDCHIILRGGKEP
NYSAKHVAEVKEGLNKAGLPAQVMIDFSHANSSKQFKKQMDVCADVCQQIAGGEKAIIGVMVESHLVEGNQSLESGEPLA
YGKSITDACIGWEDTDALLRQLANAVKARRG
;
_entity_poly.pdbx_strand_id   A,B,C,D
#
loop_
_chem_comp.id
_chem_comp.type
_chem_comp.name
_chem_comp.formula
MN non-polymer 'MANGANESE (II) ION' 'Mn 2'
PEP non-polymer PHOSPHOENOLPYRUVATE 'C3 H5 O6 P'
PO4 non-polymer 'PHOSPHATE ION' 'O4 P -3'
#
# COMPACT_ATOMS: atom_id res chain seq x y z
N TYR A 4 17.87 -4.13 6.87
CA TYR A 4 18.68 -3.24 6.01
C TYR A 4 19.71 -2.48 6.87
N GLN A 5 21.00 -2.61 6.56
CA GLN A 5 22.07 -1.96 7.37
C GLN A 5 22.07 -0.44 7.19
N ASN A 6 22.69 0.29 8.11
CA ASN A 6 22.80 1.77 8.04
C ASN A 6 21.40 2.40 8.06
N ASP A 7 20.42 1.73 8.66
CA ASP A 7 19.03 2.23 8.54
C ASP A 7 18.19 2.29 9.81
N ASP A 8 17.50 3.42 10.05
CA ASP A 8 16.49 3.57 11.10
C ASP A 8 17.06 3.68 12.52
N LEU A 9 18.30 4.16 12.67
CA LEU A 9 18.85 4.38 14.00
C LEU A 9 18.03 5.41 14.79
N ARG A 10 17.51 6.43 14.12
CA ARG A 10 16.84 7.52 14.80
C ARG A 10 15.33 7.48 14.63
N ILE A 11 14.81 6.36 14.13
CA ILE A 11 13.37 6.13 14.05
C ILE A 11 13.00 5.22 15.21
N LYS A 12 12.18 5.71 16.13
CA LYS A 12 11.82 4.95 17.33
C LYS A 12 10.64 4.02 17.08
N GLU A 13 9.57 4.51 16.50
CA GLU A 13 8.37 3.70 16.32
C GLU A 13 7.67 4.11 15.03
N ILE A 14 7.02 3.14 14.39
CA ILE A 14 6.20 3.37 13.21
C ILE A 14 4.80 2.84 13.52
N LYS A 15 3.79 3.70 13.44
CA LYS A 15 2.43 3.33 13.80
C LYS A 15 1.49 3.51 12.61
N GLU A 16 0.39 2.76 12.63
CA GLU A 16 -0.51 2.73 11.49
C GLU A 16 -1.30 4.04 11.39
N LEU A 17 -1.56 4.46 10.15
CA LEU A 17 -2.25 5.69 9.84
C LEU A 17 -3.38 5.39 8.88
N LEU A 18 -4.60 5.81 9.24
CA LEU A 18 -5.74 5.62 8.35
C LEU A 18 -5.44 6.30 7.01
N PRO A 19 -5.76 5.67 5.89
CA PRO A 19 -5.57 6.33 4.61
C PRO A 19 -6.68 7.35 4.40
N PRO A 20 -6.46 8.36 3.55
CA PRO A 20 -7.49 9.39 3.33
C PRO A 20 -8.87 8.81 2.97
N VAL A 21 -8.92 7.72 2.18
CA VAL A 21 -10.22 7.18 1.77
C VAL A 21 -11.04 6.73 2.97
N ALA A 22 -10.39 6.30 4.05
CA ALA A 22 -11.16 5.94 5.24
C ALA A 22 -11.87 7.16 5.81
N LEU A 23 -11.22 8.32 5.79
CA LEU A 23 -11.85 9.53 6.30
C LEU A 23 -12.85 10.09 5.32
N LEU A 24 -12.58 9.97 4.01
CA LEU A 24 -13.54 10.42 3.02
C LEU A 24 -14.81 9.56 3.02
N GLU A 25 -14.65 8.26 3.27
CA GLU A 25 -15.81 7.36 3.34
C GLU A 25 -16.59 7.56 4.63
N LYS A 26 -15.90 7.72 5.77
CA LYS A 26 -16.61 7.94 7.02
C LYS A 26 -17.28 9.30 7.03
N PHE A 27 -16.67 10.31 6.42
CA PHE A 27 -17.16 11.68 6.49
C PHE A 27 -17.23 12.28 5.10
N PRO A 28 -18.13 11.81 4.25
CA PRO A 28 -18.22 12.37 2.90
C PRO A 28 -18.86 13.75 2.94
N ALA A 29 -18.56 14.53 1.91
CA ALA A 29 -19.17 15.84 1.80
C ALA A 29 -20.66 15.69 1.49
N THR A 30 -21.50 16.36 2.28
CA THR A 30 -22.90 16.47 1.92
C THR A 30 -23.05 17.39 0.71
N GLU A 31 -24.24 17.38 0.10
CA GLU A 31 -24.47 18.32 -1.04
C GLU A 31 -24.19 19.74 -0.60
N ASN A 32 -24.68 20.14 0.57
CA ASN A 32 -24.53 21.53 1.05
C ASN A 32 -23.04 21.85 1.23
N ALA A 33 -22.31 20.97 1.90
CA ALA A 33 -20.87 21.20 2.14
C ALA A 33 -20.15 21.34 0.80
N ALA A 34 -20.43 20.44 -0.12
CA ALA A 34 -19.79 20.55 -1.43
C ALA A 34 -20.17 21.84 -2.14
N ASN A 35 -21.44 22.26 -1.99
CA ASN A 35 -21.86 23.50 -2.62
C ASN A 35 -21.17 24.71 -1.99
N THR A 36 -21.02 24.70 -0.67
CA THR A 36 -20.29 25.78 -0.01
C THR A 36 -18.88 25.91 -0.58
N VAL A 37 -18.14 24.80 -0.62
CA VAL A 37 -16.77 24.84 -1.11
C VAL A 37 -16.73 25.33 -2.55
N ALA A 38 -17.57 24.76 -3.41
CA ALA A 38 -17.49 25.08 -4.83
C ALA A 38 -17.84 26.54 -5.10
N HIS A 39 -18.82 27.11 -4.38
CA HIS A 39 -19.17 28.51 -4.65
C HIS A 39 -18.12 29.45 -4.09
N ALA A 40 -17.58 29.17 -2.91
CA ALA A 40 -16.59 30.08 -2.32
C ALA A 40 -15.31 30.11 -3.16
N ARG A 41 -14.86 28.95 -3.65
CA ARG A 41 -13.68 28.94 -4.52
C ARG A 41 -13.94 29.79 -5.76
N LYS A 42 -15.13 29.66 -6.36
CA LYS A 42 -15.46 30.41 -7.55
C LYS A 42 -15.50 31.92 -7.26
N ALA A 43 -16.08 32.29 -6.10
CA ALA A 43 -16.16 33.72 -5.74
C ALA A 43 -14.77 34.32 -5.55
N ILE A 44 -13.86 33.57 -4.93
CA ILE A 44 -12.50 34.07 -4.74
C ILE A 44 -11.79 34.18 -6.07
N HIS A 45 -11.93 33.18 -6.93
CA HIS A 45 -11.39 33.28 -8.28
C HIS A 45 -11.86 34.56 -8.97
N LYS A 46 -13.15 34.87 -8.84
CA LYS A 46 -13.71 36.06 -9.47
C LYS A 46 -13.07 37.33 -8.90
N ILE A 47 -12.89 37.40 -7.59
CA ILE A 47 -12.17 38.52 -6.98
C ILE A 47 -10.74 38.61 -7.53
N LEU A 48 -10.02 37.48 -7.58
CA LEU A 48 -8.62 37.54 -8.01
C LEU A 48 -8.50 37.99 -9.47
N LYS A 49 -9.43 37.56 -10.33
CA LYS A 49 -9.44 38.04 -11.71
C LYS A 49 -9.89 39.49 -11.84
N GLY A 50 -10.25 40.15 -10.72
CA GLY A 50 -10.68 41.52 -10.80
C GLY A 50 -12.08 41.72 -11.35
N ASN A 51 -12.89 40.67 -11.35
CA ASN A 51 -14.27 40.72 -11.83
C ASN A 51 -15.27 40.79 -10.69
N ASP A 52 -14.82 41.19 -9.51
CA ASP A 52 -15.72 41.40 -8.38
C ASP A 52 -14.98 42.27 -7.39
N ASP A 53 -15.64 43.34 -6.93
CA ASP A 53 -15.02 44.32 -6.06
C ASP A 53 -15.21 44.01 -4.59
N ARG A 54 -15.78 42.85 -4.27
CA ARG A 54 -15.93 42.47 -2.88
C ARG A 54 -14.60 42.05 -2.29
N LEU A 55 -14.54 42.03 -0.96
CA LEU A 55 -13.31 41.78 -0.24
C LEU A 55 -13.35 40.38 0.37
N LEU A 56 -12.30 39.59 0.13
CA LEU A 56 -12.18 38.30 0.80
C LEU A 56 -11.75 38.54 2.24
N VAL A 57 -12.49 37.99 3.20
CA VAL A 57 -12.15 38.16 4.61
C VAL A 57 -11.96 36.79 5.22
N VAL A 58 -10.73 36.47 5.62
CA VAL A 58 -10.41 35.21 6.25
C VAL A 58 -10.24 35.48 7.74
N ILE A 59 -11.14 34.95 8.57
CA ILE A 59 -11.20 35.38 9.96
C ILE A 59 -11.62 34.22 10.86
N GLY A 60 -10.99 34.14 12.02
CA GLY A 60 -11.27 33.10 12.97
C GLY A 60 -10.11 32.87 13.92
N PRO A 61 -10.20 31.82 14.74
CA PRO A 61 -9.14 31.56 15.72
C PRO A 61 -7.77 31.40 15.07
N CYS A 62 -6.73 31.73 15.85
CA CYS A 62 -5.37 31.38 15.44
C CYS A 62 -5.26 29.89 15.21
N SER A 63 -5.83 29.10 16.12
CA SER A 63 -5.83 27.65 16.01
C SER A 63 -7.09 27.10 16.67
N ILE A 64 -7.60 26.00 16.12
CA ILE A 64 -8.75 25.30 16.68
C ILE A 64 -8.24 24.27 17.68
N HIS A 65 -8.72 24.35 18.92
CA HIS A 65 -8.42 23.31 19.89
C HIS A 65 -9.67 22.69 20.50
N ASP A 66 -10.83 23.32 20.34
CA ASP A 66 -12.09 22.82 20.89
C ASP A 66 -13.15 22.92 19.82
N PRO A 67 -13.62 21.80 19.26
CA PRO A 67 -14.66 21.86 18.21
C PRO A 67 -15.97 22.46 18.68
N VAL A 68 -16.28 22.42 19.97
CA VAL A 68 -17.53 23.03 20.43
C VAL A 68 -17.46 24.54 20.28
N ALA A 69 -16.41 25.17 20.84
CA ALA A 69 -16.26 26.61 20.68
C ALA A 69 -16.13 27.00 19.21
N ALA A 70 -15.55 26.12 18.38
CA ALA A 70 -15.42 26.43 16.96
C ALA A 70 -16.77 26.46 16.26
N LYS A 71 -17.63 25.49 16.57
CA LYS A 71 -18.96 25.49 15.95
C LYS A 71 -19.79 26.68 16.42
N GLU A 72 -19.63 27.08 17.68
CA GLU A 72 -20.32 28.27 18.16
C GLU A 72 -19.85 29.51 17.41
N TYR A 73 -18.53 29.71 17.35
CA TYR A 73 -17.96 30.78 16.54
C TYR A 73 -18.50 30.74 15.12
N ALA A 74 -18.42 29.57 14.48
CA ALA A 74 -18.88 29.45 13.10
C ALA A 74 -20.31 29.97 12.93
N THR A 75 -21.18 29.63 13.88
CA THR A 75 -22.58 30.06 13.78
C THR A 75 -22.68 31.58 13.86
N ARG A 76 -21.96 32.21 14.80
CA ARG A 76 -21.97 33.67 14.87
C ARG A 76 -21.46 34.29 13.58
N LEU A 77 -20.40 33.70 13.00
CA LEU A 77 -19.78 34.29 11.82
C LEU A 77 -20.66 34.13 10.59
N LEU A 78 -21.44 33.04 10.52
CA LEU A 78 -22.31 32.82 9.37
C LEU A 78 -23.39 33.90 9.27
N ALA A 79 -23.86 34.41 10.41
CA ALA A 79 -24.82 35.52 10.37
C ALA A 79 -24.19 36.77 9.78
N LEU A 80 -22.96 37.08 10.20
CA LEU A 80 -22.25 38.21 9.62
C LEU A 80 -21.98 37.98 8.14
N ARG A 81 -21.71 36.73 7.76
CA ARG A 81 -21.47 36.40 6.35
C ARG A 81 -22.68 36.72 5.49
N GLU A 82 -23.85 36.20 5.88
CA GLU A 82 -25.06 36.46 5.10
C GLU A 82 -25.39 37.95 5.09
N GLU A 83 -25.22 38.61 6.21
CA GLU A 83 -25.57 40.04 6.31
C GLU A 83 -24.72 40.87 5.36
N LEU A 84 -23.40 40.72 5.41
CA LEU A 84 -22.50 41.59 4.66
C LEU A 84 -22.08 41.00 3.32
N LYS A 85 -22.85 40.03 2.80
CA LYS A 85 -22.45 39.28 1.61
C LYS A 85 -22.26 40.16 0.37
N ASP A 86 -22.91 41.32 0.30
CA ASP A 86 -22.78 42.16 -0.88
C ASP A 86 -21.44 42.88 -0.92
N GLU A 87 -20.75 42.97 0.21
CA GLU A 87 -19.46 43.62 0.29
C GLU A 87 -18.30 42.66 0.57
N LEU A 88 -18.55 41.56 1.27
CA LEU A 88 -17.49 40.70 1.77
C LEU A 88 -17.78 39.24 1.44
N GLU A 89 -16.72 38.50 1.09
CA GLU A 89 -16.76 37.04 0.99
C GLU A 89 -16.08 36.51 2.25
N ILE A 90 -16.88 36.20 3.26
CA ILE A 90 -16.36 35.84 4.57
C ILE A 90 -16.09 34.34 4.62
N VAL A 91 -14.88 33.98 5.04
CA VAL A 91 -14.42 32.59 5.10
C VAL A 91 -13.83 32.37 6.49
N MET A 92 -14.29 31.34 7.19
CA MET A 92 -13.73 31.01 8.50
C MET A 92 -12.31 30.47 8.41
N ARG A 93 -11.44 31.02 9.23
CA ARG A 93 -10.14 30.45 9.50
C ARG A 93 -10.29 29.19 10.36
N VAL A 94 -9.98 28.02 9.79
CA VAL A 94 -10.03 26.76 10.52
C VAL A 94 -8.65 26.09 10.46
N TYR A 95 -7.76 26.53 11.35
CA TYR A 95 -6.35 26.06 11.33
C TYR A 95 -6.07 25.05 12.43
N PHE A 96 -5.67 23.84 12.04
CA PHE A 96 -5.28 22.80 13.03
C PHE A 96 -3.95 22.17 12.62
N GLU A 97 -3.02 22.97 12.09
CA GLU A 97 -1.66 22.49 11.69
C GLU A 97 -0.67 23.65 11.90
N LYS A 98 -0.29 23.94 13.15
CA LYS A 98 0.52 25.16 13.43
C LYS A 98 2.02 25.01 13.15
N PRO A 99 2.66 26.01 12.50
CA PRO A 99 4.11 26.01 12.33
C PRO A 99 4.78 26.59 13.58
N ARG A 100 5.77 25.87 14.15
CA ARG A 100 6.44 26.37 15.38
C ARG A 100 7.85 26.91 15.06
N THR A 101 8.32 27.90 15.83
CA THR A 101 9.66 28.50 15.62
C THR A 101 10.73 27.47 15.96
N THR A 102 10.44 26.58 16.91
CA THR A 102 11.36 25.47 17.26
C THR A 102 10.55 24.22 17.59
N VAL A 103 9.85 24.24 18.73
CA VAL A 103 9.04 23.05 19.16
C VAL A 103 7.74 23.54 19.81
N GLY A 104 6.69 22.72 19.74
CA GLY A 104 5.43 23.05 20.43
C GLY A 104 4.25 22.24 19.92
N TRP A 105 3.07 22.43 20.52
CA TRP A 105 1.83 21.76 20.02
C TRP A 105 1.69 22.10 18.53
N LYS A 106 1.62 21.08 17.68
CA LYS A 106 1.58 21.37 16.22
C LYS A 106 0.11 21.41 15.79
N GLY A 107 -0.82 21.20 16.72
CA GLY A 107 -2.24 21.36 16.38
C GLY A 107 -3.18 20.27 16.84
N LEU A 108 -4.45 20.37 16.45
CA LEU A 108 -5.48 19.38 16.85
C LEU A 108 -5.24 18.05 16.13
N ILE A 109 -4.72 18.09 14.90
CA ILE A 109 -4.48 16.84 14.13
C ILE A 109 -3.31 16.07 14.76
N ASN A 110 -2.17 16.72 14.98
CA ASN A 110 -0.96 16.03 15.48
C ASN A 110 -1.17 15.53 16.91
N ASP A 111 -1.94 16.25 17.72
CA ASP A 111 -2.14 15.89 19.14
C ASP A 111 -3.49 16.42 19.61
N PRO A 112 -4.64 15.83 19.22
CA PRO A 112 -5.95 16.41 19.57
C PRO A 112 -6.20 16.51 21.07
N HIS A 113 -5.64 15.62 21.86
CA HIS A 113 -5.86 15.67 23.30
C HIS A 113 -4.85 16.55 24.01
N MET A 114 -3.96 17.21 23.25
CA MET A 114 -3.14 18.31 23.76
C MET A 114 -2.18 17.85 24.84
N ASP A 115 -1.86 16.55 24.89
CA ASP A 115 -1.11 15.96 26.00
C ASP A 115 0.07 15.12 25.51
N ASN A 116 0.56 15.38 24.30
CA ASN A 116 1.65 14.61 23.70
C ASN A 116 1.32 13.12 23.61
N SER A 117 0.03 12.79 23.44
CA SER A 117 -0.33 11.42 23.10
C SER A 117 -0.31 11.19 21.59
N PHE A 118 -0.31 12.26 20.79
CA PHE A 118 -0.14 12.19 19.34
C PHE A 118 -1.09 11.19 18.70
N GLN A 119 -2.37 11.32 19.05
CA GLN A 119 -3.41 10.46 18.48
C GLN A 119 -3.86 11.05 17.14
N ILE A 120 -2.97 10.91 16.16
CA ILE A 120 -3.19 11.62 14.89
C ILE A 120 -4.40 11.05 14.15
N ASN A 121 -4.67 9.75 14.27
CA ASN A 121 -5.87 9.21 13.63
C ASN A 121 -7.15 9.83 14.21
N ASP A 122 -7.18 10.02 15.54
CA ASP A 122 -8.31 10.74 16.14
C ASP A 122 -8.35 12.17 15.66
N GLY A 123 -7.19 12.84 15.62
CA GLY A 123 -7.15 14.23 15.18
C GLY A 123 -7.70 14.41 13.79
N LEU A 124 -7.36 13.49 12.89
CA LEU A 124 -7.87 13.60 11.53
C LEU A 124 -9.39 13.43 11.50
N ARG A 125 -9.92 12.49 12.29
CA ARG A 125 -11.36 12.31 12.37
C ARG A 125 -12.03 13.57 12.88
N ILE A 126 -11.54 14.09 14.01
CA ILE A 126 -12.12 15.29 14.60
C ILE A 126 -12.03 16.46 13.64
N ALA A 127 -10.85 16.65 13.03
CA ALA A 127 -10.64 17.77 12.12
C ALA A 127 -11.57 17.68 10.92
N ARG A 128 -11.69 16.50 10.30
CA ARG A 128 -12.54 16.42 9.12
C ARG A 128 -14.02 16.58 9.48
N LYS A 129 -14.43 16.04 10.63
CA LYS A 129 -15.84 16.17 11.03
C LYS A 129 -16.21 17.64 11.22
N LEU A 130 -15.35 18.38 11.95
CA LEU A 130 -15.56 19.82 12.15
C LEU A 130 -15.64 20.56 10.82
N LEU A 131 -14.65 20.37 9.94
CA LEU A 131 -14.71 21.03 8.62
C LEU A 131 -15.98 20.67 7.87
N LEU A 132 -16.41 19.41 7.95
CA LEU A 132 -17.63 19.00 7.27
C LEU A 132 -18.84 19.72 7.83
N ASP A 133 -18.97 19.76 9.16
CA ASP A 133 -20.10 20.42 9.79
C ASP A 133 -20.14 21.90 9.44
N ILE A 134 -18.97 22.57 9.42
CA ILE A 134 -18.93 24.00 9.14
C ILE A 134 -19.38 24.26 7.71
N ASN A 135 -18.78 23.55 6.76
CA ASN A 135 -19.20 23.72 5.37
C ASN A 135 -20.68 23.35 5.18
N ASP A 136 -21.15 22.33 5.91
CA ASP A 136 -22.53 21.92 5.73
C ASP A 136 -23.48 23.04 6.16
N SER A 137 -23.12 23.78 7.20
CA SER A 137 -23.90 24.94 7.62
C SER A 137 -23.86 26.10 6.64
N GLY A 138 -23.03 26.05 5.59
CA GLY A 138 -22.94 27.11 4.62
C GLY A 138 -21.75 28.05 4.76
N LEU A 139 -20.89 27.84 5.76
CA LEU A 139 -19.75 28.72 6.01
C LEU A 139 -18.51 28.10 5.40
N PRO A 140 -17.84 28.77 4.45
CA PRO A 140 -16.61 28.20 3.89
C PRO A 140 -15.46 28.30 4.89
N ALA A 141 -14.43 27.50 4.64
CA ALA A 141 -13.31 27.37 5.58
C ALA A 141 -11.97 27.58 4.86
N ALA A 142 -11.02 28.11 5.62
CA ALA A 142 -9.66 28.35 5.12
C ALA A 142 -8.67 27.61 6.03
N GLY A 143 -7.61 27.06 5.46
CA GLY A 143 -6.61 26.38 6.27
C GLY A 143 -5.17 26.68 5.90
N GLU A 144 -4.24 26.29 6.75
CA GLU A 144 -2.80 26.43 6.44
C GLU A 144 -2.31 25.06 5.98
N PHE A 145 -1.58 25.02 4.87
CA PHE A 145 -1.06 23.75 4.32
C PHE A 145 0.42 23.62 4.70
N LEU A 146 0.70 23.06 5.86
CA LEU A 146 2.10 22.90 6.35
C LEU A 146 2.64 21.52 6.05
N ASP A 147 1.77 20.52 6.00
CA ASP A 147 2.19 19.13 5.92
C ASP A 147 1.88 18.65 4.51
N MET A 148 2.72 17.75 3.99
CA MET A 148 2.51 17.21 2.65
C MET A 148 1.45 16.10 2.61
N ILE A 149 1.07 15.53 3.75
CA ILE A 149 0.23 14.35 3.79
C ILE A 149 -1.18 14.65 4.28
N THR A 150 -1.33 15.52 5.28
CA THR A 150 -2.68 15.87 5.75
C THR A 150 -3.61 16.47 4.69
N PRO A 151 -3.15 17.20 3.66
CA PRO A 151 -4.12 17.82 2.73
C PRO A 151 -5.07 16.83 2.06
N GLN A 152 -4.61 15.61 1.73
CA GLN A 152 -5.53 14.64 1.13
C GLN A 152 -6.72 14.31 2.02
N TYR A 153 -6.63 14.54 3.33
CA TYR A 153 -7.74 14.23 4.22
C TYR A 153 -8.73 15.38 4.36
N LEU A 154 -8.36 16.60 3.94
CA LEU A 154 -9.12 17.80 4.28
C LEU A 154 -9.32 18.77 3.14
N ALA A 155 -8.55 18.69 2.04
CA ALA A 155 -8.51 19.79 1.07
C ALA A 155 -9.82 19.92 0.30
N ASP A 156 -10.59 18.85 0.19
CA ASP A 156 -11.87 18.95 -0.51
C ASP A 156 -12.88 19.81 0.25
N LEU A 157 -12.60 20.11 1.51
CA LEU A 157 -13.51 20.95 2.36
C LEU A 157 -12.89 22.32 2.58
N MET A 158 -11.89 22.66 1.78
CA MET A 158 -11.21 23.98 1.91
CA MET A 158 -11.23 23.98 1.91
C MET A 158 -11.46 24.87 0.67
N SER A 159 -11.85 26.11 0.95
CA SER A 159 -12.16 27.04 -0.14
C SER A 159 -11.00 27.99 -0.39
N TRP A 160 -10.05 28.02 0.54
CA TRP A 160 -8.85 28.87 0.39
C TRP A 160 -7.75 28.33 1.31
N GLY A 161 -6.49 28.57 0.93
CA GLY A 161 -5.38 28.05 1.74
C GLY A 161 -4.23 29.03 1.85
N ALA A 162 -3.44 28.89 2.90
CA ALA A 162 -2.26 29.73 3.11
C ALA A 162 -1.01 28.87 3.25
N ILE A 163 0.08 29.28 2.62
CA ILE A 163 1.38 28.60 2.84
C ILE A 163 2.06 29.51 3.87
N GLY A 164 2.54 28.93 4.96
CA GLY A 164 3.11 29.73 6.02
C GLY A 164 4.39 30.43 5.60
N ALA A 165 4.67 31.55 6.28
CA ALA A 165 5.87 32.32 6.02
C ALA A 165 7.12 31.46 6.08
N ARG A 166 7.14 30.46 6.96
CA ARG A 166 8.32 29.62 7.14
C ARG A 166 8.55 28.66 5.97
N THR A 167 7.57 28.49 5.07
CA THR A 167 7.68 27.54 3.98
C THR A 167 7.36 28.14 2.61
N THR A 168 7.14 29.45 2.53
CA THR A 168 6.90 30.09 1.24
C THR A 168 8.06 29.85 0.26
N GLU A 169 9.30 29.83 0.76
CA GLU A 169 10.46 29.60 -0.09
C GLU A 169 10.65 28.14 -0.47
N SER A 170 9.95 27.21 0.18
CA SER A 170 10.25 25.80 0.01
C SER A 170 9.64 25.22 -1.27
N GLN A 171 10.46 24.51 -2.04
CA GLN A 171 9.99 23.94 -3.30
C GLN A 171 8.89 22.90 -3.08
N VAL A 172 8.95 22.14 -1.99
CA VAL A 172 7.93 21.10 -1.79
C VAL A 172 6.57 21.74 -1.50
N HIS A 173 6.56 22.90 -0.87
CA HIS A 173 5.27 23.56 -0.65
C HIS A 173 4.78 24.30 -1.89
N ARG A 174 5.70 24.84 -2.69
CA ARG A 174 5.29 25.43 -3.95
C ARG A 174 4.73 24.37 -4.88
N GLU A 175 5.34 23.19 -4.87
CA GLU A 175 4.79 22.03 -5.58
C GLU A 175 3.38 21.70 -5.10
N LEU A 176 3.19 21.60 -3.78
CA LEU A 176 1.86 21.29 -3.25
C LEU A 176 0.83 22.30 -3.71
N ALA A 177 1.15 23.59 -3.61
CA ALA A 177 0.20 24.63 -4.02
C ALA A 177 -0.16 24.50 -5.49
N SER A 178 0.78 24.06 -6.32
CA SER A 178 0.54 23.99 -7.77
C SER A 178 -0.55 23.00 -8.12
N GLY A 179 -0.88 22.08 -7.21
CA GLY A 179 -1.90 21.09 -7.47
C GLY A 179 -3.13 21.21 -6.57
N LEU A 180 -3.19 22.24 -5.75
CA LEU A 180 -4.37 22.40 -4.89
C LEU A 180 -5.56 22.90 -5.71
N SER A 181 -6.75 22.49 -5.29
CA SER A 181 -8.00 22.85 -5.96
C SER A 181 -8.58 24.18 -5.47
N CYS A 182 -8.00 24.76 -4.44
CA CYS A 182 -8.42 26.05 -3.94
C CYS A 182 -7.37 27.12 -4.21
N PRO A 183 -7.74 28.39 -4.11
CA PRO A 183 -6.75 29.46 -4.19
C PRO A 183 -5.82 29.40 -2.99
N VAL A 184 -4.62 29.99 -3.16
CA VAL A 184 -3.56 29.88 -2.17
C VAL A 184 -2.91 31.25 -1.94
N GLY A 185 -2.74 31.63 -0.69
CA GLY A 185 -1.97 32.81 -0.32
C GLY A 185 -0.57 32.44 0.15
N PHE A 186 0.42 33.23 -0.29
CA PHE A 186 1.80 33.04 0.13
C PHE A 186 2.21 34.21 1.01
N LYS A 187 2.55 33.92 2.27
CA LYS A 187 3.01 34.97 3.15
C LYS A 187 4.42 35.42 2.77
N ASN A 188 4.66 36.72 2.96
CA ASN A 188 6.04 37.24 2.81
C ASN A 188 6.90 36.56 3.87
N GLY A 189 8.22 36.70 3.77
CA GLY A 189 9.14 35.98 4.68
C GLY A 189 9.08 36.48 6.10
N THR A 190 9.44 35.61 7.04
CA THR A 190 9.39 36.01 8.45
C THR A 190 10.18 37.27 8.74
N ASP A 191 11.11 37.66 7.87
CA ASP A 191 11.81 38.94 8.00
C ASP A 191 11.29 40.00 7.05
N GLY A 192 10.12 39.79 6.44
CA GLY A 192 9.52 40.77 5.55
C GLY A 192 9.91 40.68 4.09
N THR A 193 10.62 39.63 3.68
CA THR A 193 11.03 39.45 2.29
C THR A 193 9.82 39.24 1.37
N ILE A 194 9.60 40.19 0.44
CA ILE A 194 8.58 40.07 -0.59
C ILE A 194 9.01 39.17 -1.76
N LYS A 195 10.31 39.17 -2.09
CA LYS A 195 10.81 38.44 -3.26
C LYS A 195 10.43 36.95 -3.24
N VAL A 196 10.50 36.31 -2.07
CA VAL A 196 10.24 34.87 -2.02
C VAL A 196 8.78 34.57 -2.31
N ALA A 197 7.85 35.46 -1.94
CA ALA A 197 6.44 35.20 -2.20
C ALA A 197 6.11 35.40 -3.67
N ILE A 198 6.76 36.37 -4.32
CA ILE A 198 6.60 36.52 -5.77
C ILE A 198 7.14 35.29 -6.50
N ASP A 199 8.36 34.87 -6.16
CA ASP A 199 8.89 33.61 -6.69
C ASP A 199 7.94 32.45 -6.45
N ALA A 200 7.37 32.35 -5.25
CA ALA A 200 6.46 31.25 -4.95
C ALA A 200 5.22 31.30 -5.84
N ILE A 201 4.68 32.50 -6.07
CA ILE A 201 3.50 32.61 -6.92
C ILE A 201 3.83 32.17 -8.33
N ASN A 202 4.98 32.60 -8.84
CA ASN A 202 5.39 32.16 -10.18
C ASN A 202 5.63 30.64 -10.21
N ALA A 203 6.29 30.11 -9.18
CA ALA A 203 6.51 28.65 -9.15
C ALA A 203 5.19 27.88 -9.07
N ALA A 204 4.29 28.31 -8.19
CA ALA A 204 3.04 27.56 -8.00
C ALA A 204 2.12 27.65 -9.22
N GLY A 205 2.28 28.69 -10.04
CA GLY A 205 1.52 28.83 -11.27
C GLY A 205 1.92 27.90 -12.38
N ALA A 206 3.10 27.22 -12.26
CA ALA A 206 3.58 26.35 -13.32
C ALA A 206 3.26 24.91 -13.00
N PRO A 207 3.16 24.04 -14.01
CA PRO A 207 2.97 22.63 -13.74
C PRO A 207 4.22 22.01 -13.14
N HIS A 208 4.02 21.00 -12.30
CA HIS A 208 5.09 20.32 -11.60
C HIS A 208 4.84 18.81 -11.64
N CYS A 209 5.92 18.06 -11.50
CA CYS A 209 5.86 16.62 -11.34
C CYS A 209 6.68 16.27 -10.11
N PHE A 210 6.07 15.57 -9.16
CA PHE A 210 6.73 15.30 -7.89
C PHE A 210 6.08 14.09 -7.24
N LEU A 211 6.70 13.60 -6.17
CA LEU A 211 6.17 12.47 -5.41
C LEU A 211 5.22 12.94 -4.32
N SER A 212 4.11 12.24 -4.16
CA SER A 212 3.10 12.59 -3.17
C SER A 212 2.41 11.30 -2.72
N VAL A 213 1.57 11.41 -1.69
CA VAL A 213 0.80 10.27 -1.19
C VAL A 213 -0.64 10.39 -1.69
N THR A 214 -1.16 9.29 -2.23
CA THR A 214 -2.52 9.28 -2.81
C THR A 214 -3.60 9.13 -1.73
N LYS A 215 -4.87 9.17 -2.15
CA LYS A 215 -6.01 8.98 -1.22
C LYS A 215 -5.95 7.57 -0.63
N TRP A 216 -5.17 6.70 -1.26
CA TRP A 216 -5.07 5.34 -0.76
C TRP A 216 -3.96 5.15 0.26
N GLY A 217 -3.25 6.22 0.60
CA GLY A 217 -2.14 6.10 1.53
C GLY A 217 -0.86 5.56 0.93
N HIS A 218 -0.72 5.60 -0.39
CA HIS A 218 0.46 5.11 -1.10
C HIS A 218 1.19 6.25 -1.79
N SER A 219 2.52 6.19 -1.79
CA SER A 219 3.27 7.20 -2.50
C SER A 219 3.13 6.94 -4.01
N ALA A 220 3.14 8.02 -4.79
CA ALA A 220 2.97 7.91 -6.22
C ALA A 220 3.62 9.11 -6.88
N ILE A 221 3.74 9.05 -8.22
CA ILE A 221 4.15 10.20 -9.01
C ILE A 221 2.91 10.99 -9.39
N VAL A 222 2.90 12.29 -9.10
CA VAL A 222 1.78 13.15 -9.46
C VAL A 222 2.27 14.27 -10.36
N ASN A 223 1.44 14.64 -11.34
CA ASN A 223 1.66 15.78 -12.22
C ASN A 223 0.55 16.78 -11.94
N THR A 224 0.91 18.04 -11.78
CA THR A 224 -0.07 19.09 -11.50
C THR A 224 -0.19 20.05 -12.67
N SER A 225 -1.26 20.85 -12.64
CA SER A 225 -1.48 21.79 -13.74
C SER A 225 -0.84 23.15 -13.48
N GLY A 226 -0.51 23.46 -12.23
CA GLY A 226 -0.22 24.85 -11.89
C GLY A 226 -1.46 25.56 -11.40
N ASN A 227 -1.27 26.48 -10.47
CA ASN A 227 -2.38 27.15 -9.78
C ASN A 227 -2.29 28.64 -10.04
N GLY A 228 -3.17 29.14 -10.91
CA GLY A 228 -3.14 30.57 -11.19
C GLY A 228 -3.88 31.42 -10.20
N ASP A 229 -4.54 30.81 -9.22
CA ASP A 229 -5.25 31.52 -8.15
C ASP A 229 -4.37 31.73 -6.92
N CYS A 230 -3.11 32.16 -7.10
CA CYS A 230 -2.23 32.43 -5.97
C CYS A 230 -1.99 33.93 -5.84
N HIS A 231 -1.77 34.37 -4.60
CA HIS A 231 -1.58 35.79 -4.33
C HIS A 231 -0.70 35.95 -3.11
N ILE A 232 -0.20 37.17 -2.90
CA ILE A 232 0.64 37.48 -1.75
C ILE A 232 -0.24 37.79 -0.53
N ILE A 233 0.33 37.53 0.65
CA ILE A 233 -0.22 37.93 1.93
C ILE A 233 0.82 38.77 2.63
N LEU A 234 0.48 40.02 2.93
CA LEU A 234 1.37 40.92 3.65
C LEU A 234 1.18 40.70 5.15
N ARG A 235 2.25 40.26 5.82
CA ARG A 235 2.17 39.79 7.19
C ARG A 235 3.15 40.50 8.10
N GLY A 236 3.91 41.46 7.59
CA GLY A 236 4.91 42.15 8.38
C GLY A 236 6.24 41.42 8.41
N GLY A 237 7.29 42.19 8.71
CA GLY A 237 8.59 41.60 8.94
C GLY A 237 9.18 42.03 10.26
N LYS A 238 10.40 42.59 10.23
CA LYS A 238 10.90 43.32 11.38
C LYS A 238 10.02 44.53 11.69
N GLU A 239 9.31 45.05 10.69
CA GLU A 239 8.35 46.12 10.85
C GLU A 239 7.07 45.75 10.12
N PRO A 240 5.92 46.33 10.49
CA PRO A 240 4.68 46.10 9.74
C PRO A 240 4.82 46.56 8.29
N ASN A 241 3.93 46.05 7.44
CA ASN A 241 3.95 46.40 6.02
C ASN A 241 2.55 46.53 5.45
N TYR A 242 1.62 47.09 6.23
CA TYR A 242 0.24 47.25 5.76
C TYR A 242 -0.08 48.65 5.22
N SER A 243 0.79 49.63 5.43
CA SER A 243 0.47 51.01 5.05
C SER A 243 0.40 51.15 3.53
N ALA A 244 -0.22 52.25 3.09
CA ALA A 244 -0.35 52.49 1.65
C ALA A 244 1.01 52.63 1.00
N LYS A 245 2.02 53.06 1.76
CA LYS A 245 3.40 53.09 1.27
C LYS A 245 3.86 51.69 0.90
N HIS A 246 3.73 50.74 1.83
CA HIS A 246 4.19 49.38 1.58
C HIS A 246 3.37 48.72 0.48
N VAL A 247 2.07 49.00 0.43
CA VAL A 247 1.22 48.46 -0.63
C VAL A 247 1.72 48.93 -1.98
N ALA A 248 2.04 50.22 -2.10
CA ALA A 248 2.52 50.76 -3.36
C ALA A 248 3.79 50.05 -3.81
N GLU A 249 4.76 49.87 -2.90
CA GLU A 249 5.97 49.14 -3.24
C GLU A 249 5.65 47.71 -3.64
N VAL A 250 4.72 47.07 -2.93
CA VAL A 250 4.38 45.69 -3.26
C VAL A 250 3.68 45.63 -4.62
N LYS A 251 2.80 46.59 -4.90
CA LYS A 251 2.13 46.59 -6.21
C LYS A 251 3.15 46.74 -7.35
N GLU A 252 4.10 47.67 -7.20
CA GLU A 252 5.08 47.88 -8.27
C GLU A 252 5.94 46.63 -8.47
N GLY A 253 6.27 45.91 -7.41
CA GLY A 253 7.05 44.71 -7.56
C GLY A 253 6.30 43.61 -8.27
N LEU A 254 5.03 43.43 -7.93
CA LEU A 254 4.21 42.42 -8.62
C LEU A 254 4.18 42.70 -10.13
N ASN A 255 3.87 43.93 -10.51
CA ASN A 255 3.80 44.31 -11.94
C ASN A 255 5.15 44.09 -12.61
N LYS A 256 6.23 44.57 -11.99
CA LYS A 256 7.58 44.34 -12.56
C LYS A 256 7.76 42.85 -12.82
N ALA A 257 7.24 41.99 -11.93
CA ALA A 257 7.39 40.55 -12.11
C ALA A 257 6.31 39.95 -13.00
N GLY A 258 5.50 40.77 -13.66
CA GLY A 258 4.48 40.25 -14.54
C GLY A 258 3.25 39.70 -13.85
N LEU A 259 3.01 40.06 -12.59
CA LEU A 259 1.93 39.49 -11.80
C LEU A 259 0.87 40.53 -11.51
N PRO A 260 -0.39 40.12 -11.36
CA PRO A 260 -1.44 41.09 -11.04
C PRO A 260 -1.14 41.77 -9.71
N ALA A 261 -1.37 43.09 -9.68
CA ALA A 261 -1.01 43.88 -8.50
C ALA A 261 -2.16 43.82 -7.49
N GLN A 262 -2.16 42.74 -6.72
CA GLN A 262 -3.23 42.52 -5.73
C GLN A 262 -2.60 41.92 -4.47
N VAL A 263 -3.15 42.27 -3.31
CA VAL A 263 -2.51 41.82 -2.05
C VAL A 263 -3.55 41.46 -1.01
N MET A 264 -3.22 40.52 -0.12
CA MET A 264 -4.06 40.26 1.05
C MET A 264 -3.24 40.78 2.22
N ILE A 265 -3.88 41.48 3.13
CA ILE A 265 -3.23 42.07 4.28
C ILE A 265 -3.66 41.31 5.54
N ASP A 266 -2.69 40.68 6.21
CA ASP A 266 -2.88 40.05 7.51
C ASP A 266 -2.79 41.13 8.58
N PHE A 267 -3.86 41.32 9.36
CA PHE A 267 -3.86 42.34 10.41
C PHE A 267 -3.07 41.90 11.62
N SER A 268 -2.72 40.63 11.71
CA SER A 268 -2.17 40.05 12.92
C SER A 268 -0.66 39.82 12.78
N HIS A 269 -0.13 38.87 13.55
CA HIS A 269 1.27 38.41 13.49
C HIS A 269 2.17 39.64 13.53
N ALA A 270 3.17 39.75 12.64
CA ALA A 270 4.12 40.86 12.70
C ALA A 270 3.50 42.19 12.31
N ASN A 271 2.29 42.20 11.73
CA ASN A 271 1.65 43.45 11.35
C ASN A 271 0.98 44.15 12.52
N SER A 272 0.75 43.44 13.63
CA SER A 272 0.31 44.06 14.87
C SER A 272 1.36 43.95 15.96
N SER A 273 2.54 43.42 15.63
CA SER A 273 3.61 43.15 16.61
C SER A 273 3.15 42.13 17.66
N LYS A 274 2.31 41.18 17.26
CA LYS A 274 1.79 40.14 18.14
C LYS A 274 1.06 40.71 19.35
N GLN A 275 0.39 41.85 19.19
CA GLN A 275 -0.54 42.36 20.20
C GLN A 275 -1.92 42.53 19.57
N PHE A 276 -2.88 41.74 20.04
CA PHE A 276 -4.11 41.49 19.28
C PHE A 276 -4.98 42.73 19.12
N LYS A 277 -4.96 43.65 20.09
CA LYS A 277 -5.85 44.81 19.99
C LYS A 277 -5.49 45.69 18.80
N LYS A 278 -4.21 45.77 18.44
CA LYS A 278 -3.77 46.59 17.31
C LYS A 278 -4.30 46.10 15.97
N GLN A 279 -4.90 44.90 15.90
CA GLN A 279 -5.60 44.51 14.68
C GLN A 279 -6.69 45.51 14.33
N MET A 280 -7.32 46.11 15.34
CA MET A 280 -8.33 47.14 15.11
C MET A 280 -7.69 48.39 14.48
N ASP A 281 -6.45 48.69 14.86
CA ASP A 281 -5.73 49.81 14.26
C ASP A 281 -5.42 49.55 12.80
N VAL A 282 -4.85 48.37 12.50
CA VAL A 282 -4.60 48.00 11.11
C VAL A 282 -5.88 48.08 10.30
N CYS A 283 -7.00 47.66 10.90
CA CYS A 283 -8.29 47.72 10.21
C CYS A 283 -8.65 49.15 9.82
N ALA A 284 -8.53 50.09 10.76
CA ALA A 284 -8.79 51.49 10.46
C ALA A 284 -7.97 51.97 9.28
N ASP A 285 -6.66 51.68 9.31
CA ASP A 285 -5.76 52.07 8.22
C ASP A 285 -6.18 51.43 6.91
N VAL A 286 -6.39 50.11 6.91
CA VAL A 286 -6.74 49.40 5.69
C VAL A 286 -8.08 49.88 5.15
N CYS A 287 -9.02 50.19 6.04
CA CYS A 287 -10.33 50.69 5.60
C CYS A 287 -10.18 52.04 4.91
N GLN A 288 -9.28 52.89 5.41
CA GLN A 288 -9.03 54.17 4.78
C GLN A 288 -8.52 53.99 3.36
N GLN A 289 -7.58 53.05 3.15
CA GLN A 289 -7.07 52.78 1.81
C GLN A 289 -8.18 52.30 0.89
N ILE A 290 -8.93 51.28 1.33
CA ILE A 290 -10.01 50.74 0.52
C ILE A 290 -11.03 51.83 0.20
N ALA A 291 -11.51 52.53 1.24
CA ALA A 291 -12.50 53.57 1.04
C ALA A 291 -12.00 54.66 0.10
N GLY A 292 -10.70 54.94 0.12
CA GLY A 292 -10.11 55.92 -0.77
C GLY A 292 -9.88 55.49 -2.19
N GLY A 293 -10.26 54.25 -2.53
CA GLY A 293 -10.13 53.75 -3.90
C GLY A 293 -9.08 52.68 -4.12
N GLU A 294 -8.40 52.22 -3.07
CA GLU A 294 -7.39 51.13 -3.24
C GLU A 294 -8.12 49.86 -3.68
N LYS A 295 -7.97 49.48 -4.94
CA LYS A 295 -8.67 48.28 -5.48
C LYS A 295 -7.70 47.08 -5.41
N ALA A 296 -6.44 47.32 -5.08
CA ALA A 296 -5.44 46.22 -5.06
C ALA A 296 -5.63 45.34 -3.82
N ILE A 297 -6.36 45.84 -2.83
CA ILE A 297 -6.54 45.06 -1.61
C ILE A 297 -7.76 44.18 -1.84
N ILE A 298 -7.50 42.90 -2.11
CA ILE A 298 -8.54 41.93 -2.41
C ILE A 298 -8.87 41.06 -1.20
N GLY A 299 -8.17 41.22 -0.09
CA GLY A 299 -8.42 40.33 1.02
C GLY A 299 -7.72 40.79 2.27
N VAL A 300 -8.27 40.35 3.39
CA VAL A 300 -7.66 40.57 4.70
C VAL A 300 -7.74 39.28 5.49
N MET A 301 -6.92 39.18 6.52
CA MET A 301 -6.91 38.03 7.41
C MET A 301 -6.87 38.57 8.83
N VAL A 302 -7.73 38.02 9.69
CA VAL A 302 -7.91 38.52 11.05
C VAL A 302 -7.97 37.34 12.01
N GLU A 303 -7.30 37.47 13.15
CA GLU A 303 -7.31 36.44 14.18
C GLU A 303 -8.34 36.84 15.24
N SER A 304 -9.46 36.11 15.24
CA SER A 304 -10.60 36.42 16.12
C SER A 304 -11.16 35.17 16.79
N HIS A 305 -11.65 35.33 18.01
CA HIS A 305 -12.30 34.21 18.70
C HIS A 305 -13.49 34.74 19.50
N LEU A 306 -14.24 33.84 20.14
CA LEU A 306 -15.34 34.25 21.00
C LEU A 306 -14.84 35.19 22.09
N VAL A 307 -13.79 34.79 22.78
CA VAL A 307 -13.23 35.54 23.90
C VAL A 307 -11.83 35.99 23.53
N GLU A 308 -11.57 37.28 23.68
CA GLU A 308 -10.29 37.88 23.29
C GLU A 308 -9.14 37.36 24.14
N GLY A 309 -7.93 37.50 23.63
CA GLY A 309 -6.72 37.15 24.36
C GLY A 309 -6.18 35.76 24.03
N ASN A 310 -5.43 35.19 24.99
CA ASN A 310 -4.85 33.83 24.83
C ASN A 310 -4.61 33.21 26.21
N GLN A 311 -4.21 31.93 26.25
CA GLN A 311 -3.98 31.24 27.54
C GLN A 311 -2.97 30.13 27.30
N SER A 312 -2.28 29.70 28.36
CA SER A 312 -1.20 28.70 28.17
C SER A 312 -1.82 27.33 28.42
N LEU A 313 -1.30 26.30 27.76
CA LEU A 313 -1.63 24.91 28.15
C LEU A 313 -0.83 24.67 29.42
N GLU A 314 -1.30 25.20 30.55
CA GLU A 314 -0.51 25.11 31.80
C GLU A 314 -1.27 24.26 32.83
N PRO A 318 -7.99 23.54 34.33
CA PRO A 318 -9.15 23.86 33.50
C PRO A 318 -8.88 25.04 32.55
N LEU A 319 -9.11 24.85 31.25
CA LEU A 319 -8.86 25.91 30.24
C LEU A 319 -10.12 26.77 30.08
N ALA A 320 -9.95 28.05 29.80
CA ALA A 320 -11.11 28.92 29.55
C ALA A 320 -11.80 28.53 28.23
N TYR A 321 -13.08 28.87 28.09
CA TYR A 321 -13.83 28.53 26.87
C TYR A 321 -13.72 29.63 25.83
N GLY A 322 -13.60 29.24 24.57
CA GLY A 322 -13.56 30.19 23.48
C GLY A 322 -12.39 31.14 23.58
N LYS A 323 -11.32 30.73 24.23
CA LYS A 323 -10.10 31.51 24.35
C LYS A 323 -8.98 30.74 23.65
N SER A 324 -8.14 31.48 22.94
CA SER A 324 -7.04 30.88 22.18
C SER A 324 -6.00 30.27 23.10
N ILE A 325 -5.48 29.11 22.70
CA ILE A 325 -4.33 28.51 23.37
C ILE A 325 -3.04 28.69 22.57
N THR A 326 -3.11 29.42 21.45
CA THR A 326 -1.92 29.83 20.72
C THR A 326 -1.90 31.36 20.74
N ASP A 327 -1.92 32.02 19.58
CA ASP A 327 -1.76 33.47 19.54
C ASP A 327 -3.02 34.17 20.03
N ALA A 328 -2.83 35.39 20.55
CA ALA A 328 -3.96 36.17 21.05
C ALA A 328 -4.85 36.65 19.90
N CYS A 329 -6.15 36.65 20.14
CA CYS A 329 -7.14 37.06 19.15
C CYS A 329 -8.00 38.18 19.70
N ILE A 330 -8.66 38.90 18.79
CA ILE A 330 -9.73 39.77 19.24
C ILE A 330 -10.96 38.94 19.59
N GLY A 331 -11.84 39.54 20.39
CA GLY A 331 -13.07 38.91 20.81
C GLY A 331 -14.24 39.23 19.89
N TRP A 332 -15.43 38.79 20.29
CA TRP A 332 -16.53 38.84 19.32
C TRP A 332 -17.10 40.26 19.13
N GLU A 333 -17.15 41.10 20.18
CA GLU A 333 -17.69 42.43 19.92
C GLU A 333 -16.78 43.21 18.97
N ASP A 334 -15.47 43.16 19.20
CA ASP A 334 -14.52 43.76 18.26
C ASP A 334 -14.67 43.14 16.87
N THR A 335 -14.90 41.83 16.80
CA THR A 335 -15.04 41.15 15.52
C THR A 335 -16.24 41.67 14.74
N ASP A 336 -17.32 41.86 15.33
CA ASP A 336 -18.52 42.42 14.74
C ASP A 336 -18.27 43.81 14.16
N ALA A 337 -17.59 44.67 14.93
CA ALA A 337 -17.32 46.02 14.46
C ALA A 337 -16.32 46.02 13.31
N LEU A 338 -15.28 45.18 13.41
CA LEU A 338 -14.28 45.10 12.36
C LEU A 338 -14.92 44.71 11.04
N LEU A 339 -15.82 43.76 11.05
CA LEU A 339 -16.40 43.29 9.77
C LEU A 339 -17.27 44.40 9.14
N ARG A 340 -17.97 45.16 9.98
CA ARG A 340 -18.86 46.22 9.45
C ARG A 340 -17.98 47.34 8.89
N GLN A 341 -16.89 47.64 9.58
CA GLN A 341 -15.94 48.66 9.08
C GLN A 341 -15.50 48.29 7.66
N LEU A 342 -15.11 47.02 7.42
CA LEU A 342 -14.63 46.63 6.11
C LEU A 342 -15.75 46.65 5.08
N ALA A 343 -16.94 46.17 5.45
CA ALA A 343 -18.07 46.23 4.54
C ALA A 343 -18.36 47.68 4.15
N ASN A 344 -18.25 48.60 5.11
CA ASN A 344 -18.49 50.00 4.82
C ASN A 344 -17.39 50.57 3.93
N ALA A 345 -16.13 50.20 4.21
CA ALA A 345 -15.03 50.65 3.37
C ALA A 345 -15.18 50.13 1.95
N VAL A 346 -15.62 48.88 1.81
CA VAL A 346 -15.89 48.33 0.48
C VAL A 346 -17.01 49.11 -0.20
N LYS A 347 -18.04 49.48 0.57
CA LYS A 347 -19.13 50.28 0.03
C LYS A 347 -18.61 51.60 -0.54
N ALA A 348 -17.76 52.29 0.23
CA ALA A 348 -17.20 53.55 -0.21
C ALA A 348 -16.38 53.37 -1.48
N ARG A 349 -15.45 52.40 -1.50
CA ARG A 349 -14.64 52.15 -2.70
C ARG A 349 -15.51 52.00 -3.94
N ARG A 350 -16.76 51.62 -3.77
CA ARG A 350 -17.69 51.43 -4.87
C ARG A 350 -18.43 52.73 -5.19
N ASP B 7 -11.99 18.19 -5.63
CA ASP B 7 -10.87 17.25 -5.57
C ASP B 7 -10.20 16.99 -6.94
N ASP B 8 -8.87 17.14 -6.95
CA ASP B 8 -8.02 16.80 -8.10
C ASP B 8 -8.31 17.65 -9.34
N LEU B 9 -8.79 18.89 -9.13
CA LEU B 9 -8.98 19.80 -10.26
C LEU B 9 -7.65 20.15 -10.92
N ARG B 10 -6.58 20.28 -10.14
CA ARG B 10 -5.28 20.64 -10.68
C ARG B 10 -4.27 19.50 -10.63
N ILE B 11 -4.75 18.27 -10.45
CA ILE B 11 -3.93 17.05 -10.54
C ILE B 11 -4.20 16.43 -11.90
N LYS B 12 -3.21 16.45 -12.79
CA LYS B 12 -3.44 15.99 -14.15
C LYS B 12 -3.32 14.47 -14.29
N GLU B 13 -2.32 13.87 -13.66
CA GLU B 13 -2.09 12.43 -13.81
C GLU B 13 -1.43 11.88 -12.56
N ILE B 14 -1.73 10.62 -12.23
CA ILE B 14 -1.12 9.91 -11.12
C ILE B 14 -0.53 8.61 -11.64
N LYS B 15 0.76 8.39 -11.41
CA LYS B 15 1.49 7.25 -11.95
C LYS B 15 2.18 6.46 -10.85
N GLU B 16 2.39 5.17 -11.12
CA GLU B 16 2.88 4.24 -10.12
C GLU B 16 4.35 4.52 -9.77
N LEU B 17 4.67 4.40 -8.49
CA LEU B 17 6.02 4.67 -7.98
C LEU B 17 6.55 3.44 -7.29
N LEU B 18 7.75 2.99 -7.68
CA LEU B 18 8.40 1.88 -7.00
C LEU B 18 8.57 2.21 -5.52
N PRO B 19 8.20 1.31 -4.61
CA PRO B 19 8.45 1.53 -3.18
C PRO B 19 9.94 1.42 -2.88
N PRO B 20 10.39 2.03 -1.78
CA PRO B 20 11.81 1.93 -1.40
C PRO B 20 12.34 0.50 -1.34
N VAL B 21 11.56 -0.45 -0.81
CA VAL B 21 12.06 -1.83 -0.66
C VAL B 21 12.39 -2.40 -2.01
N ALA B 22 11.74 -1.94 -3.08
CA ALA B 22 12.09 -2.44 -4.40
C ALA B 22 13.49 -1.99 -4.79
N LEU B 23 13.85 -0.74 -4.49
CA LEU B 23 15.19 -0.26 -4.84
C LEU B 23 16.25 -0.85 -3.91
N LEU B 24 15.88 -1.02 -2.63
CA LEU B 24 16.76 -1.66 -1.66
C LEU B 24 17.04 -3.12 -2.04
N GLU B 25 16.02 -3.84 -2.51
CA GLU B 25 16.21 -5.24 -2.90
C GLU B 25 17.02 -5.36 -4.19
N LYS B 26 16.80 -4.45 -5.15
CA LYS B 26 17.54 -4.53 -6.41
C LYS B 26 19.01 -4.13 -6.20
N PHE B 27 19.26 -3.15 -5.34
CA PHE B 27 20.60 -2.59 -5.12
C PHE B 27 20.95 -2.60 -3.63
N PRO B 28 21.23 -3.76 -3.05
CA PRO B 28 21.60 -3.78 -1.62
C PRO B 28 23.01 -3.23 -1.42
N ALA B 29 23.26 -2.67 -0.24
CA ALA B 29 24.61 -2.25 0.07
C ALA B 29 25.50 -3.48 0.11
N THR B 30 26.63 -3.40 -0.59
CA THR B 30 27.69 -4.37 -0.39
C THR B 30 28.26 -4.23 1.03
N GLU B 31 29.07 -5.22 1.43
CA GLU B 31 29.78 -5.09 2.71
C GLU B 31 30.66 -3.84 2.74
N ASN B 32 31.40 -3.57 1.65
CA ASN B 32 32.29 -2.42 1.67
C ASN B 32 31.53 -1.11 1.60
N ALA B 33 30.41 -1.06 0.89
CA ALA B 33 29.62 0.18 0.88
C ALA B 33 29.05 0.47 2.25
N ALA B 34 28.51 -0.57 2.91
CA ALA B 34 28.00 -0.35 4.27
C ALA B 34 29.10 0.12 5.20
N ASN B 35 30.30 -0.43 5.03
CA ASN B 35 31.47 -0.03 5.81
C ASN B 35 31.82 1.43 5.59
N THR B 36 31.87 1.85 4.32
CA THR B 36 32.17 3.24 3.97
C THR B 36 31.24 4.19 4.71
N VAL B 37 29.94 3.87 4.69
CA VAL B 37 28.93 4.73 5.31
C VAL B 37 29.11 4.75 6.82
N ALA B 38 29.19 3.57 7.44
CA ALA B 38 29.33 3.52 8.90
C ALA B 38 30.58 4.24 9.37
N HIS B 39 31.71 4.06 8.68
CA HIS B 39 32.94 4.71 9.13
C HIS B 39 32.87 6.22 8.92
N ALA B 40 32.34 6.68 7.80
CA ALA B 40 32.29 8.13 7.59
C ALA B 40 31.35 8.81 8.59
N ARG B 41 30.20 8.21 8.85
CA ARG B 41 29.28 8.78 9.83
C ARG B 41 29.95 8.90 11.20
N LYS B 42 30.69 7.86 11.60
CA LYS B 42 31.37 7.88 12.90
C LYS B 42 32.47 8.93 12.92
N ALA B 43 33.22 9.05 11.80
CA ALA B 43 34.30 10.04 11.76
C ALA B 43 33.76 11.45 11.84
N ILE B 44 32.60 11.70 11.23
CA ILE B 44 31.99 13.02 11.31
C ILE B 44 31.45 13.27 12.72
N HIS B 45 30.84 12.26 13.33
CA HIS B 45 30.39 12.41 14.71
C HIS B 45 31.55 12.79 15.62
N LYS B 46 32.70 12.15 15.44
CA LYS B 46 33.89 12.44 16.24
C LYS B 46 34.37 13.88 16.05
N ILE B 47 34.39 14.37 14.80
CA ILE B 47 34.74 15.78 14.58
C ILE B 47 33.74 16.69 15.27
N LEU B 48 32.45 16.37 15.16
CA LEU B 48 31.43 17.25 15.71
C LEU B 48 31.49 17.28 17.24
N LYS B 49 31.96 16.21 17.86
CA LYS B 49 32.09 16.19 19.32
C LYS B 49 33.38 16.83 19.79
N GLY B 50 34.25 17.25 18.88
CA GLY B 50 35.49 17.89 19.25
C GLY B 50 36.64 16.93 19.49
N ASN B 51 36.47 15.66 19.17
CA ASN B 51 37.49 14.67 19.44
C ASN B 51 38.37 14.38 18.23
N ASP B 52 38.25 15.14 17.15
CA ASP B 52 39.10 14.94 15.99
C ASP B 52 39.35 16.30 15.37
N ASP B 53 40.60 16.58 15.03
CA ASP B 53 41.00 17.89 14.54
C ASP B 53 41.06 17.95 13.02
N ARG B 54 40.54 16.93 12.34
CA ARG B 54 40.50 16.94 10.89
C ARG B 54 39.31 17.78 10.38
N LEU B 55 39.32 18.08 9.08
CA LEU B 55 38.31 18.92 8.44
C LEU B 55 37.40 18.06 7.57
N LEU B 56 36.09 18.18 7.77
CA LEU B 56 35.14 17.54 6.87
C LEU B 56 35.08 18.36 5.59
N VAL B 57 35.27 17.70 4.44
CA VAL B 57 35.23 18.39 3.16
C VAL B 57 34.15 17.73 2.31
N VAL B 58 33.05 18.43 2.07
CA VAL B 58 31.98 17.97 1.19
C VAL B 58 32.18 18.65 -0.16
N ILE B 59 32.57 17.91 -1.17
CA ILE B 59 33.05 18.52 -2.42
C ILE B 59 32.60 17.67 -3.60
N GLY B 60 32.16 18.32 -4.65
CA GLY B 60 31.74 17.63 -5.85
C GLY B 60 30.75 18.46 -6.64
N PRO B 61 30.11 17.84 -7.63
CA PRO B 61 29.26 18.59 -8.58
C PRO B 61 28.12 19.33 -7.91
N CYS B 62 27.77 20.48 -8.49
CA CYS B 62 26.52 21.12 -8.05
C CYS B 62 25.38 20.12 -8.13
N SER B 63 25.33 19.35 -9.21
CA SER B 63 24.31 18.33 -9.42
C SER B 63 24.89 17.21 -10.26
N ILE B 64 24.41 16.01 -10.01
CA ILE B 64 24.76 14.83 -10.81
C ILE B 64 23.81 14.79 -12.00
N HIS B 65 24.34 14.79 -13.21
CA HIS B 65 23.49 14.49 -14.36
C HIS B 65 24.01 13.35 -15.24
N ASP B 66 25.21 12.86 -14.98
CA ASP B 66 25.77 11.79 -15.80
C ASP B 66 26.55 10.82 -14.94
N PRO B 67 26.06 9.60 -14.74
CA PRO B 67 26.80 8.62 -13.92
C PRO B 67 28.21 8.37 -14.38
N VAL B 68 28.48 8.50 -15.69
CA VAL B 68 29.82 8.19 -16.17
C VAL B 68 30.83 9.22 -15.65
N ALA B 69 30.55 10.51 -15.84
CA ALA B 69 31.46 11.53 -15.32
C ALA B 69 31.50 11.50 -13.80
N ALA B 70 30.38 11.19 -13.15
CA ALA B 70 30.37 11.15 -11.69
C ALA B 70 31.31 10.06 -11.17
N LYS B 71 31.33 8.89 -11.81
CA LYS B 71 32.26 7.86 -11.36
C LYS B 71 33.71 8.21 -11.70
N GLU B 72 33.96 8.86 -12.85
CA GLU B 72 35.33 9.31 -13.11
C GLU B 72 35.76 10.34 -12.08
N TYR B 73 34.87 11.29 -11.76
CA TYR B 73 35.15 12.23 -10.68
C TYR B 73 35.44 11.51 -9.36
N ALA B 74 34.60 10.53 -9.01
CA ALA B 74 34.76 9.84 -7.73
C ALA B 74 36.12 9.12 -7.63
N THR B 75 36.60 8.54 -8.73
CA THR B 75 37.92 7.87 -8.68
C THR B 75 39.01 8.88 -8.35
N ARG B 76 38.98 10.03 -9.02
CA ARG B 76 39.98 11.06 -8.76
C ARG B 76 39.90 11.54 -7.31
N LEU B 77 38.68 11.77 -6.82
CA LEU B 77 38.53 12.30 -5.47
C LEU B 77 38.92 11.26 -4.43
N LEU B 78 38.61 9.99 -4.71
CA LEU B 78 38.97 8.91 -3.79
C LEU B 78 40.48 8.84 -3.59
N ALA B 79 41.26 9.04 -4.65
CA ALA B 79 42.72 9.04 -4.51
C ALA B 79 43.21 10.16 -3.61
N LEU B 80 42.61 11.36 -3.73
CA LEU B 80 42.97 12.41 -2.78
C LEU B 80 42.41 12.14 -1.39
N ARG B 81 41.21 11.55 -1.28
CA ARG B 81 40.68 11.19 0.04
C ARG B 81 41.68 10.32 0.80
N GLU B 82 42.26 9.36 0.08
CA GLU B 82 43.25 8.45 0.64
C GLU B 82 44.55 9.18 0.95
N GLU B 83 45.04 10.00 0.01
CA GLU B 83 46.32 10.69 0.21
C GLU B 83 46.26 11.67 1.36
N LEU B 84 45.13 12.36 1.55
CA LEU B 84 45.06 13.48 2.48
C LEU B 84 44.32 13.11 3.76
N LYS B 85 44.08 11.83 4.00
CA LYS B 85 43.16 11.36 5.04
C LYS B 85 43.62 11.70 6.46
N ASP B 86 44.90 11.98 6.69
CA ASP B 86 45.33 12.40 8.02
C ASP B 86 44.81 13.79 8.40
N GLU B 87 44.47 14.61 7.40
CA GLU B 87 44.00 15.98 7.62
C GLU B 87 42.55 16.21 7.24
N LEU B 88 42.04 15.51 6.23
CA LEU B 88 40.70 15.76 5.68
C LEU B 88 39.89 14.47 5.70
N GLU B 89 38.62 14.61 6.06
CA GLU B 89 37.59 13.59 5.86
C GLU B 89 36.79 14.02 4.62
N ILE B 90 37.12 13.44 3.48
CA ILE B 90 36.60 13.89 2.19
C ILE B 90 35.36 13.06 1.85
N VAL B 91 34.25 13.77 1.58
CA VAL B 91 32.96 13.18 1.25
C VAL B 91 32.53 13.81 -0.07
N MET B 92 32.01 13.00 -1.01
CA MET B 92 31.71 13.57 -2.31
C MET B 92 30.26 14.07 -2.34
N ARG B 93 30.06 15.29 -2.85
CA ARG B 93 28.72 15.76 -3.14
C ARG B 93 28.09 14.89 -4.21
N VAL B 94 27.04 14.15 -3.87
CA VAL B 94 26.31 13.35 -4.85
C VAL B 94 24.86 13.81 -4.78
N TYR B 95 24.58 14.97 -5.37
CA TYR B 95 23.28 15.63 -5.20
C TYR B 95 22.33 15.26 -6.33
N PHE B 96 21.23 14.60 -5.98
CA PHE B 96 20.24 14.18 -6.95
C PHE B 96 19.01 15.07 -6.99
N GLU B 97 18.92 16.06 -6.09
CA GLU B 97 17.77 16.96 -6.01
C GLU B 97 18.25 18.39 -5.82
N LYS B 98 17.67 19.30 -6.61
CA LYS B 98 18.04 20.70 -6.61
C LYS B 98 16.82 21.56 -6.32
N PRO B 99 16.89 22.47 -5.35
CA PRO B 99 15.83 23.47 -5.19
C PRO B 99 16.04 24.62 -6.15
N ARG B 100 14.99 25.00 -6.87
CA ARG B 100 15.07 26.09 -7.83
C ARG B 100 14.48 27.38 -7.26
N THR B 101 15.05 28.51 -7.69
CA THR B 101 14.55 29.81 -7.23
C THR B 101 13.08 29.98 -7.62
N THR B 102 12.72 29.56 -8.84
CA THR B 102 11.32 29.41 -9.22
C THR B 102 11.09 28.05 -9.86
N VAL B 103 11.46 27.89 -11.13
CA VAL B 103 11.27 26.64 -11.87
C VAL B 103 12.57 26.23 -12.55
N GLY B 104 12.62 24.97 -12.98
CA GLY B 104 13.79 24.47 -13.70
C GLY B 104 14.02 23.01 -13.42
N TRP B 105 15.08 22.46 -14.03
CA TRP B 105 15.44 21.05 -13.85
C TRP B 105 15.71 20.78 -12.37
N LYS B 106 14.97 19.83 -11.80
CA LYS B 106 15.06 19.54 -10.38
C LYS B 106 16.06 18.43 -10.05
N GLY B 107 16.80 17.93 -11.05
CA GLY B 107 17.88 16.99 -10.83
C GLY B 107 17.60 15.63 -11.43
N LEU B 108 18.52 14.71 -11.17
CA LEU B 108 18.53 13.43 -11.86
C LEU B 108 17.35 12.55 -11.47
N ILE B 109 16.93 12.60 -10.21
CA ILE B 109 15.84 11.72 -9.80
C ILE B 109 14.53 12.18 -10.41
N ASN B 110 14.25 13.48 -10.36
CA ASN B 110 13.00 13.99 -10.87
C ASN B 110 12.89 13.82 -12.38
N ASP B 111 14.00 13.97 -13.11
CA ASP B 111 13.96 14.00 -14.57
C ASP B 111 15.31 13.52 -15.12
N PRO B 112 15.60 12.22 -14.98
CA PRO B 112 16.94 11.72 -15.33
C PRO B 112 17.31 11.97 -16.77
N HIS B 113 16.34 11.92 -17.67
CA HIS B 113 16.62 12.09 -19.13
C HIS B 113 16.70 13.58 -19.49
N MET B 114 16.46 14.47 -18.54
CA MET B 114 16.64 15.93 -18.76
C MET B 114 15.81 16.41 -19.95
N ASP B 115 14.60 15.88 -20.11
CA ASP B 115 13.74 16.22 -21.27
C ASP B 115 12.30 16.42 -20.78
N ASN B 116 12.12 16.65 -19.49
CA ASN B 116 10.77 16.77 -18.94
C ASN B 116 9.91 15.52 -19.19
N SER B 117 10.55 14.35 -19.32
CA SER B 117 9.79 13.11 -19.31
C SER B 117 9.56 12.57 -17.90
N PHE B 118 10.22 13.14 -16.89
CA PHE B 118 9.98 12.83 -15.48
C PHE B 118 9.92 11.33 -15.21
N GLN B 119 10.92 10.62 -15.72
CA GLN B 119 11.02 9.17 -15.55
C GLN B 119 11.60 8.86 -14.17
N ILE B 120 10.79 9.12 -13.14
CA ILE B 120 11.34 9.12 -11.78
C ILE B 120 11.71 7.70 -11.34
N ASN B 121 10.97 6.68 -11.78
CA ASN B 121 11.38 5.33 -11.43
C ASN B 121 12.76 5.01 -11.98
N ASP B 122 13.02 5.41 -13.23
CA ASP B 122 14.36 5.30 -13.79
C ASP B 122 15.36 6.11 -12.97
N GLY B 123 15.00 7.34 -12.60
CA GLY B 123 15.93 8.19 -11.88
C GLY B 123 16.34 7.61 -10.55
N LEU B 124 15.38 7.01 -9.83
CA LEU B 124 15.68 6.35 -8.57
C LEU B 124 16.61 5.17 -8.79
N ARG B 125 16.41 4.39 -9.88
CA ARG B 125 17.31 3.28 -10.17
C ARG B 125 18.71 3.77 -10.47
N ILE B 126 18.81 4.80 -11.31
CA ILE B 126 20.11 5.35 -11.66
C ILE B 126 20.79 5.92 -10.43
N ALA B 127 20.04 6.67 -9.63
CA ALA B 127 20.60 7.36 -8.47
C ALA B 127 21.13 6.37 -7.44
N ARG B 128 20.33 5.39 -7.07
CA ARG B 128 20.80 4.44 -6.07
C ARG B 128 21.96 3.60 -6.58
N LYS B 129 21.92 3.17 -7.83
CA LYS B 129 23.05 2.41 -8.42
C LYS B 129 24.34 3.24 -8.34
N LEU B 130 24.27 4.52 -8.68
CA LEU B 130 25.46 5.35 -8.63
C LEU B 130 25.96 5.52 -7.20
N LEU B 131 25.05 5.80 -6.28
CA LEU B 131 25.42 5.95 -4.88
C LEU B 131 26.05 4.68 -4.34
N LEU B 132 25.49 3.52 -4.73
CA LEU B 132 26.08 2.25 -4.34
C LEU B 132 27.50 2.09 -4.90
N ASP B 133 27.70 2.38 -6.18
CA ASP B 133 29.01 2.24 -6.79
C ASP B 133 30.04 3.15 -6.13
N ILE B 134 29.66 4.38 -5.82
CA ILE B 134 30.60 5.31 -5.22
C ILE B 134 30.98 4.82 -3.82
N ASN B 135 29.98 4.51 -2.99
CA ASN B 135 30.28 3.96 -1.67
C ASN B 135 31.08 2.66 -1.74
N ASP B 136 30.75 1.77 -2.70
CA ASP B 136 31.50 0.52 -2.76
C ASP B 136 32.96 0.74 -3.11
N SER B 137 33.27 1.80 -3.87
CA SER B 137 34.66 2.10 -4.18
C SER B 137 35.45 2.56 -2.96
N GLY B 138 34.78 2.92 -1.88
CA GLY B 138 35.42 3.46 -0.69
C GLY B 138 35.19 4.94 -0.44
N LEU B 139 34.39 5.63 -1.28
CA LEU B 139 34.20 7.09 -1.18
C LEU B 139 32.85 7.40 -0.55
N PRO B 140 32.78 8.01 0.63
CA PRO B 140 31.48 8.36 1.20
C PRO B 140 30.81 9.48 0.39
N ALA B 141 29.49 9.59 0.57
CA ALA B 141 28.64 10.48 -0.21
C ALA B 141 27.80 11.39 0.66
N ALA B 142 27.56 12.62 0.15
CA ALA B 142 26.71 13.62 0.76
C ALA B 142 25.55 13.99 -0.18
N GLY B 143 24.39 14.31 0.39
CA GLY B 143 23.26 14.76 -0.41
C GLY B 143 22.48 15.87 0.25
N GLU B 144 21.71 16.62 -0.55
CA GLU B 144 20.72 17.54 0.02
C GLU B 144 19.41 16.79 0.14
N PHE B 145 18.80 16.82 1.32
CA PHE B 145 17.51 16.19 1.58
C PHE B 145 16.46 17.26 1.38
N LEU B 146 15.90 17.30 0.18
CA LEU B 146 14.89 18.26 -0.21
C LEU B 146 13.50 17.64 -0.20
N ASP B 147 13.34 16.52 -0.89
CA ASP B 147 12.07 15.80 -1.02
C ASP B 147 11.78 15.00 0.25
N MET B 148 10.49 14.88 0.58
CA MET B 148 10.07 14.17 1.79
C MET B 148 10.03 12.65 1.57
N ILE B 149 9.93 12.19 0.32
CA ILE B 149 9.73 10.78 0.03
C ILE B 149 11.00 10.10 -0.49
N THR B 150 11.86 10.79 -1.24
CA THR B 150 13.07 10.12 -1.75
C THR B 150 14.06 9.63 -0.69
N PRO B 151 14.17 10.22 0.52
CA PRO B 151 15.21 9.73 1.45
C PRO B 151 15.17 8.23 1.73
N GLN B 152 13.98 7.60 1.83
CA GLN B 152 13.97 6.16 2.09
C GLN B 152 14.63 5.34 0.99
N TYR B 153 14.80 5.91 -0.20
CA TYR B 153 15.45 5.17 -1.27
C TYR B 153 16.97 5.24 -1.19
N LEU B 154 17.52 6.24 -0.52
CA LEU B 154 18.93 6.59 -0.64
C LEU B 154 19.64 6.75 0.68
N ALA B 155 18.92 6.94 1.80
CA ALA B 155 19.59 7.49 2.98
C ALA B 155 20.55 6.49 3.60
N ASP B 156 20.30 5.19 3.43
CA ASP B 156 21.26 4.21 3.95
C ASP B 156 22.63 4.30 3.27
N LEU B 157 22.77 5.06 2.19
CA LEU B 157 24.07 5.17 1.48
C LEU B 157 24.64 6.59 1.62
N MET B 158 24.00 7.43 2.44
CA MET B 158 24.45 8.81 2.67
C MET B 158 25.21 8.89 4.00
N SER B 159 26.38 9.51 3.98
CA SER B 159 27.20 9.65 5.21
C SER B 159 26.98 11.03 5.85
N TRP B 160 26.29 11.93 5.15
CA TRP B 160 26.08 13.30 5.59
C TRP B 160 25.02 13.90 4.70
N GLY B 161 24.14 14.73 5.26
CA GLY B 161 23.13 15.39 4.48
C GLY B 161 23.05 16.87 4.79
N ALA B 162 22.53 17.63 3.83
CA ALA B 162 22.29 19.05 4.00
C ALA B 162 20.81 19.36 3.87
N ILE B 163 20.34 20.31 4.67
CA ILE B 163 19.02 20.92 4.48
C ILE B 163 19.28 22.30 3.90
N GLY B 164 18.70 22.57 2.73
CA GLY B 164 19.04 23.78 1.98
C GLY B 164 18.58 25.06 2.64
N ALA B 165 19.19 26.16 2.18
CA ALA B 165 18.83 27.50 2.66
C ALA B 165 17.34 27.75 2.60
N ARG B 166 16.69 27.30 1.53
CA ARG B 166 15.28 27.61 1.32
C ARG B 166 14.35 26.74 2.16
N THR B 167 14.88 25.72 2.82
CA THR B 167 14.06 24.80 3.61
C THR B 167 14.51 24.69 5.07
N THR B 168 15.55 25.40 5.47
CA THR B 168 16.01 25.31 6.86
C THR B 168 14.93 25.71 7.85
N GLU B 169 14.07 26.67 7.50
CA GLU B 169 13.00 27.10 8.39
C GLU B 169 11.78 26.18 8.37
N SER B 170 11.75 25.18 7.51
CA SER B 170 10.56 24.38 7.28
C SER B 170 10.41 23.26 8.32
N GLN B 171 9.24 23.19 8.97
CA GLN B 171 9.04 22.20 10.03
C GLN B 171 9.21 20.77 9.51
N VAL B 172 8.73 20.48 8.30
CA VAL B 172 8.79 19.09 7.85
C VAL B 172 10.23 18.70 7.55
N HIS B 173 11.09 19.67 7.18
CA HIS B 173 12.50 19.33 6.97
C HIS B 173 13.22 19.15 8.30
N ARG B 174 12.91 19.97 9.30
CA ARG B 174 13.49 19.74 10.62
C ARG B 174 13.07 18.39 11.18
N GLU B 175 11.79 18.04 11.00
CA GLU B 175 11.32 16.72 11.41
C GLU B 175 12.12 15.62 10.73
N LEU B 176 12.26 15.72 9.39
CA LEU B 176 13.04 14.74 8.65
C LEU B 176 14.44 14.58 9.23
N ALA B 177 15.11 15.69 9.52
CA ALA B 177 16.47 15.60 10.03
C ALA B 177 16.50 14.89 11.39
N SER B 178 15.49 15.16 12.22
CA SER B 178 15.42 14.56 13.55
C SER B 178 15.41 13.02 13.51
N GLY B 179 15.08 12.43 12.37
CA GLY B 179 15.06 10.99 12.20
C GLY B 179 16.08 10.38 11.25
N LEU B 180 16.98 11.19 10.67
CA LEU B 180 17.98 10.65 9.77
C LEU B 180 19.13 10.00 10.53
N SER B 181 19.68 8.93 9.96
CA SER B 181 20.78 8.20 10.57
C SER B 181 22.14 8.83 10.33
N CYS B 182 22.23 9.91 9.54
CA CYS B 182 23.50 10.56 9.29
C CYS B 182 23.54 11.94 9.90
N PRO B 183 24.72 12.54 10.03
CA PRO B 183 24.81 13.94 10.46
C PRO B 183 24.15 14.85 9.43
N VAL B 184 23.67 16.01 9.88
CA VAL B 184 22.94 16.95 9.01
C VAL B 184 23.47 18.37 9.21
N GLY B 185 23.82 19.03 8.11
CA GLY B 185 24.08 20.46 8.12
C GLY B 185 22.87 21.27 7.68
N PHE B 186 22.63 22.38 8.39
CA PHE B 186 21.57 23.33 8.06
C PHE B 186 22.17 24.63 7.54
N LYS B 187 21.78 24.99 6.33
CA LYS B 187 22.33 26.22 5.71
C LYS B 187 21.65 27.43 6.34
N ASN B 188 22.38 28.54 6.47
CA ASN B 188 21.74 29.79 6.91
C ASN B 188 20.71 30.21 5.85
N GLY B 189 19.86 31.17 6.18
CA GLY B 189 18.79 31.61 5.26
C GLY B 189 19.37 32.29 4.03
N THR B 190 18.59 32.30 2.95
CA THR B 190 19.10 32.90 1.71
C THR B 190 19.45 34.37 1.88
N ASP B 191 18.88 35.06 2.86
CA ASP B 191 19.25 36.45 3.09
C ASP B 191 20.33 36.59 4.16
N GLY B 192 20.91 35.48 4.61
CA GLY B 192 22.00 35.54 5.56
C GLY B 192 21.60 35.26 7.00
N THR B 193 20.31 35.11 7.27
CA THR B 193 19.86 34.96 8.66
C THR B 193 20.41 33.69 9.29
N ILE B 194 21.08 33.86 10.43
CA ILE B 194 21.68 32.76 11.18
C ILE B 194 20.64 32.06 12.06
N LYS B 195 19.72 32.83 12.64
CA LYS B 195 18.84 32.32 13.68
C LYS B 195 18.02 31.13 13.20
N VAL B 196 17.56 31.14 11.94
CA VAL B 196 16.73 30.03 11.45
C VAL B 196 17.50 28.73 11.48
N ALA B 197 18.82 28.78 11.25
CA ALA B 197 19.62 27.56 11.29
C ALA B 197 19.88 27.10 12.73
N ILE B 198 20.07 28.04 13.65
CA ILE B 198 20.22 27.69 15.06
C ILE B 198 18.93 27.08 15.60
N ASP B 199 17.78 27.68 15.29
CA ASP B 199 16.51 27.06 15.65
C ASP B 199 16.36 25.68 15.03
N ALA B 200 16.83 25.51 13.79
CA ALA B 200 16.69 24.22 13.13
C ALA B 200 17.53 23.16 13.84
N ILE B 201 18.77 23.50 14.21
CA ILE B 201 19.60 22.56 14.94
C ILE B 201 18.88 22.10 16.21
N ASN B 202 18.32 23.06 16.96
CA ASN B 202 17.65 22.71 18.21
C ASN B 202 16.40 21.88 17.95
N ALA B 203 15.59 22.27 16.96
CA ALA B 203 14.41 21.48 16.62
C ALA B 203 14.80 20.06 16.19
N ALA B 204 15.84 19.94 15.36
CA ALA B 204 16.23 18.62 14.86
C ALA B 204 16.79 17.74 15.96
N GLY B 205 17.33 18.34 17.03
CA GLY B 205 17.89 17.51 18.07
C GLY B 205 16.89 16.88 19.02
N ALA B 206 15.62 17.25 18.91
CA ALA B 206 14.51 16.83 19.72
C ALA B 206 13.71 15.75 19.01
N PRO B 207 13.04 14.86 19.76
CA PRO B 207 12.21 13.85 19.12
C PRO B 207 10.93 14.47 18.56
N HIS B 208 10.43 13.88 17.49
CA HIS B 208 9.22 14.40 16.87
C HIS B 208 8.28 13.25 16.53
N CYS B 209 7.03 13.60 16.31
CA CYS B 209 6.02 12.66 15.85
C CYS B 209 5.32 13.30 14.67
N PHE B 210 5.33 12.62 13.52
CA PHE B 210 4.78 13.25 12.31
C PHE B 210 4.47 12.19 11.27
N LEU B 211 3.82 12.62 10.20
CA LEU B 211 3.42 11.71 9.13
C LEU B 211 4.52 11.59 8.09
N SER B 212 4.85 10.36 7.70
CA SER B 212 5.90 10.12 6.73
C SER B 212 5.54 8.87 5.93
N VAL B 213 6.43 8.47 5.03
CA VAL B 213 6.19 7.31 4.18
C VAL B 213 7.24 6.26 4.52
N THR B 214 6.81 5.01 4.59
CA THR B 214 7.70 3.92 4.98
C THR B 214 8.42 3.32 3.76
N LYS B 215 9.26 2.33 4.01
CA LYS B 215 10.02 1.64 2.91
C LYS B 215 9.05 0.86 2.02
N TRP B 216 7.83 0.64 2.49
CA TRP B 216 6.80 -0.04 1.67
CA TRP B 216 6.81 -0.04 1.66
C TRP B 216 5.92 0.93 0.85
N GLY B 217 6.26 2.21 0.95
CA GLY B 217 5.52 3.22 0.17
C GLY B 217 4.15 3.54 0.72
N HIS B 218 3.94 3.29 2.00
CA HIS B 218 2.65 3.61 2.66
C HIS B 218 2.88 4.71 3.69
N SER B 219 1.90 5.60 3.84
CA SER B 219 2.06 6.65 4.82
C SER B 219 1.83 6.09 6.21
N ALA B 220 2.48 6.71 7.19
CA ALA B 220 2.48 6.15 8.52
C ALA B 220 2.76 7.26 9.51
N ILE B 221 2.51 6.96 10.77
CA ILE B 221 2.90 7.90 11.85
C ILE B 221 4.29 7.44 12.28
N VAL B 222 5.20 8.39 12.43
CA VAL B 222 6.60 8.05 12.78
C VAL B 222 7.03 8.84 14.01
N ASN B 223 7.82 8.22 14.87
CA ASN B 223 8.39 8.91 16.05
C ASN B 223 9.91 8.89 15.91
N THR B 224 10.54 10.05 16.04
CA THR B 224 12.01 10.17 15.90
C THR B 224 12.64 10.36 17.28
N SER B 225 13.93 10.08 17.37
CA SER B 225 14.67 10.23 18.65
C SER B 225 15.31 11.60 18.76
N GLY B 226 15.45 12.32 17.64
CA GLY B 226 16.23 13.54 17.68
C GLY B 226 17.63 13.24 17.19
N ASN B 227 18.26 14.20 16.54
CA ASN B 227 19.55 14.00 15.89
C ASN B 227 20.50 15.03 16.48
N GLY B 228 21.46 14.57 17.28
CA GLY B 228 22.43 15.47 17.86
C GLY B 228 23.63 15.79 16.99
N ASP B 229 23.75 15.15 15.83
CA ASP B 229 24.86 15.39 14.92
C ASP B 229 24.48 16.44 13.87
N CYS B 230 23.93 17.57 14.30
CA CYS B 230 23.58 18.66 13.39
C CYS B 230 24.45 19.88 13.63
N HIS B 231 24.64 20.67 12.58
CA HIS B 231 25.51 21.84 12.64
C HIS B 231 25.06 22.82 11.56
N ILE B 232 25.56 24.06 11.67
CA ILE B 232 25.22 25.13 10.75
C ILE B 232 26.16 25.08 9.54
N ILE B 233 25.66 25.51 8.38
CA ILE B 233 26.48 25.71 7.19
C ILE B 233 26.37 27.20 6.80
N LEU B 234 27.52 27.86 6.71
CA LEU B 234 27.57 29.28 6.31
C LEU B 234 27.67 29.35 4.79
N ARG B 235 26.65 29.91 4.14
CA ARG B 235 26.58 29.94 2.66
C ARG B 235 26.37 31.36 2.16
N GLY B 236 26.54 32.35 3.05
CA GLY B 236 26.36 33.76 2.69
C GLY B 236 24.91 34.23 2.64
N GLY B 237 24.75 35.55 2.49
CA GLY B 237 23.42 36.14 2.39
C GLY B 237 23.43 37.21 1.32
N LYS B 238 23.02 38.43 1.68
CA LYS B 238 23.22 39.56 0.77
C LYS B 238 24.70 39.77 0.51
N GLU B 239 25.53 39.57 1.53
CA GLU B 239 26.98 39.61 1.47
C GLU B 239 27.53 38.25 1.88
N PRO B 240 28.79 37.93 1.55
CA PRO B 240 29.37 36.67 2.08
C PRO B 240 29.49 36.72 3.59
N ASN B 241 29.50 35.55 4.21
CA ASN B 241 29.61 35.44 5.66
C ASN B 241 30.67 34.42 6.07
N TYR B 242 31.73 34.26 5.27
CA TYR B 242 32.78 33.32 5.63
C TYR B 242 33.91 33.94 6.44
N SER B 243 33.99 35.27 6.53
CA SER B 243 35.18 35.87 7.12
C SER B 243 35.15 35.70 8.66
N ALA B 244 36.30 35.98 9.27
CA ALA B 244 36.47 35.81 10.72
C ALA B 244 35.42 36.59 11.51
N LYS B 245 35.13 37.82 11.09
CA LYS B 245 34.11 38.62 11.79
C LYS B 245 32.77 37.88 11.85
N HIS B 246 32.36 37.28 10.74
CA HIS B 246 31.10 36.53 10.73
C HIS B 246 31.22 35.23 11.51
N VAL B 247 32.35 34.53 11.35
CA VAL B 247 32.54 33.29 12.10
C VAL B 247 32.44 33.57 13.59
N ALA B 248 33.03 34.69 14.04
CA ALA B 248 32.93 35.05 15.45
C ALA B 248 31.48 35.28 15.88
N GLU B 249 30.70 36.01 15.08
CA GLU B 249 29.31 36.25 15.47
C GLU B 249 28.52 34.95 15.53
N VAL B 250 28.79 34.03 14.61
CA VAL B 250 28.06 32.76 14.60
C VAL B 250 28.49 31.89 15.79
N LYS B 251 29.79 31.82 16.08
CA LYS B 251 30.26 31.13 17.27
C LYS B 251 29.54 31.63 18.53
N GLU B 252 29.51 32.95 18.71
CA GLU B 252 28.84 33.54 19.87
C GLU B 252 27.34 33.23 19.87
N GLY B 253 26.71 33.24 18.69
CA GLY B 253 25.30 32.94 18.61
C GLY B 253 24.99 31.49 18.96
N LEU B 254 25.82 30.56 18.49
CA LEU B 254 25.64 29.18 18.87
C LEU B 254 25.83 29.00 20.37
N ASN B 255 26.90 29.58 20.93
CA ASN B 255 27.15 29.39 22.35
C ASN B 255 26.03 29.98 23.18
N LYS B 256 25.51 31.15 22.75
CA LYS B 256 24.42 31.76 23.49
C LYS B 256 23.18 30.88 23.44
N ALA B 257 23.02 30.12 22.37
CA ALA B 257 21.92 29.17 22.26
C ALA B 257 22.23 27.82 22.88
N GLY B 258 23.37 27.68 23.56
CA GLY B 258 23.71 26.43 24.21
C GLY B 258 24.29 25.37 23.30
N LEU B 259 24.77 25.74 22.10
CA LEU B 259 25.32 24.80 21.12
C LEU B 259 26.82 24.99 20.98
N PRO B 260 27.58 23.94 20.68
CA PRO B 260 29.02 24.10 20.48
C PRO B 260 29.26 25.04 19.31
N ALA B 261 30.31 25.85 19.43
CA ALA B 261 30.67 26.84 18.43
C ALA B 261 31.38 26.09 17.32
N GLN B 262 30.62 25.65 16.31
CA GLN B 262 31.23 24.94 15.19
C GLN B 262 30.47 25.29 13.91
N VAL B 263 31.21 25.41 12.84
CA VAL B 263 30.58 25.84 11.57
C VAL B 263 31.18 25.09 10.39
N MET B 264 30.34 24.80 9.41
CA MET B 264 30.88 24.33 8.12
C MET B 264 30.75 25.58 7.22
N ILE B 265 31.74 25.85 6.39
CA ILE B 265 31.68 27.02 5.48
C ILE B 265 31.56 26.58 4.01
N ASP B 266 30.43 26.91 3.40
CA ASP B 266 30.22 26.71 1.97
C ASP B 266 30.97 27.79 1.20
N PHE B 267 31.96 27.38 0.38
CA PHE B 267 32.75 28.35 -0.36
C PHE B 267 31.99 28.94 -1.55
N SER B 268 30.86 28.35 -1.92
CA SER B 268 30.15 28.65 -3.15
C SER B 268 28.86 29.41 -2.81
N HIS B 269 27.87 29.37 -3.72
CA HIS B 269 26.59 30.07 -3.58
C HIS B 269 26.85 31.54 -3.20
N ALA B 270 26.19 32.08 -2.17
CA ALA B 270 26.33 33.50 -1.89
C ALA B 270 27.71 33.84 -1.35
N ASN B 271 28.48 32.86 -0.86
CA ASN B 271 29.81 33.20 -0.35
C ASN B 271 30.82 33.43 -1.47
N SER B 272 30.52 33.01 -2.69
CA SER B 272 31.35 33.35 -3.84
C SER B 272 30.67 34.37 -4.75
N SER B 273 29.53 34.94 -4.30
CA SER B 273 28.64 35.73 -5.13
C SER B 273 28.29 35.00 -6.43
N LYS B 274 28.10 33.69 -6.30
CA LYS B 274 27.80 32.75 -7.40
C LYS B 274 28.85 32.83 -8.52
N GLN B 275 30.07 33.22 -8.18
CA GLN B 275 31.17 33.28 -9.13
C GLN B 275 32.12 32.13 -8.81
N PHE B 276 32.13 31.10 -9.66
CA PHE B 276 32.72 29.84 -9.25
C PHE B 276 34.20 29.96 -8.90
N LYS B 277 34.95 30.86 -9.56
CA LYS B 277 36.38 30.91 -9.27
C LYS B 277 36.66 31.59 -7.93
N LYS B 278 35.73 32.39 -7.41
CA LYS B 278 35.96 33.02 -6.11
C LYS B 278 35.95 32.02 -4.96
N GLN B 279 35.50 30.77 -5.19
CA GLN B 279 35.67 29.72 -4.19
C GLN B 279 37.13 29.58 -3.80
N MET B 280 38.05 29.85 -4.74
CA MET B 280 39.50 29.76 -4.46
C MET B 280 39.90 30.92 -3.53
N ASP B 281 39.22 32.06 -3.67
CA ASP B 281 39.49 33.17 -2.76
C ASP B 281 38.91 32.91 -1.37
N VAL B 282 37.68 32.40 -1.29
CA VAL B 282 37.19 31.95 0.02
C VAL B 282 38.15 30.93 0.62
N CYS B 283 38.63 29.99 -0.21
CA CYS B 283 39.55 28.97 0.25
C CYS B 283 40.76 29.60 0.92
N ALA B 284 41.37 30.59 0.25
CA ALA B 284 42.57 31.22 0.80
C ALA B 284 42.28 31.84 2.15
N ASP B 285 41.13 32.53 2.29
CA ASP B 285 40.82 33.16 3.55
C ASP B 285 40.52 32.14 4.63
N VAL B 286 39.74 31.11 4.30
CA VAL B 286 39.41 30.10 5.29
C VAL B 286 40.66 29.29 5.67
N CYS B 287 41.58 29.06 4.71
CA CYS B 287 42.82 28.36 5.04
C CYS B 287 43.65 29.17 6.04
N GLN B 288 43.73 30.50 5.82
CA GLN B 288 44.44 31.36 6.77
C GLN B 288 43.79 31.33 8.17
N GLN B 289 42.46 31.32 8.23
CA GLN B 289 41.78 31.17 9.52
C GLN B 289 42.13 29.85 10.19
N ILE B 290 42.05 28.75 9.45
CA ILE B 290 42.34 27.43 10.03
C ILE B 290 43.80 27.35 10.48
N ALA B 291 44.73 27.70 9.60
CA ALA B 291 46.15 27.59 9.94
C ALA B 291 46.51 28.54 11.08
N GLY B 292 45.85 29.70 11.16
CA GLY B 292 46.04 30.64 12.26
C GLY B 292 45.48 30.18 13.60
N GLY B 293 44.70 29.10 13.63
CA GLY B 293 44.28 28.54 14.90
C GLY B 293 42.79 28.40 15.12
N GLU B 294 41.97 28.65 14.10
CA GLU B 294 40.52 28.62 14.30
C GLU B 294 40.03 27.18 14.36
N LYS B 295 39.60 26.74 15.53
CA LYS B 295 39.12 25.38 15.74
C LYS B 295 37.65 25.22 15.38
N ALA B 296 36.87 26.31 15.33
CA ALA B 296 35.44 26.16 15.10
C ALA B 296 35.13 25.72 13.66
N ILE B 297 36.04 25.93 12.72
CA ILE B 297 35.76 25.52 11.35
C ILE B 297 35.99 24.01 11.28
N ILE B 298 34.89 23.27 11.36
CA ILE B 298 34.94 21.77 11.33
C ILE B 298 34.68 21.23 9.91
N GLY B 299 34.23 22.06 8.97
CA GLY B 299 34.00 21.55 7.63
C GLY B 299 33.95 22.66 6.62
N VAL B 300 34.03 22.27 5.34
CA VAL B 300 33.82 23.19 4.23
C VAL B 300 33.01 22.45 3.17
N MET B 301 32.43 23.24 2.28
CA MET B 301 31.68 22.68 1.12
C MET B 301 32.18 23.40 -0.14
N VAL B 302 32.32 22.66 -1.23
CA VAL B 302 32.90 23.22 -2.45
C VAL B 302 32.17 22.61 -3.65
N GLU B 303 31.85 23.43 -4.65
CA GLU B 303 31.20 22.97 -5.88
C GLU B 303 32.27 22.77 -6.95
N SER B 304 32.43 21.51 -7.39
CA SER B 304 33.62 21.06 -8.11
C SER B 304 33.25 19.98 -9.12
N HIS B 305 33.84 20.03 -10.30
CA HIS B 305 33.57 19.01 -11.32
C HIS B 305 34.86 18.70 -12.06
N LEU B 306 34.78 17.78 -13.03
CA LEU B 306 35.92 17.47 -13.89
C LEU B 306 36.37 18.70 -14.66
N VAL B 307 35.41 19.41 -15.26
CA VAL B 307 35.68 20.55 -16.12
C VAL B 307 35.00 21.77 -15.50
N GLU B 308 35.67 22.92 -15.54
CA GLU B 308 35.14 24.09 -14.86
C GLU B 308 33.98 24.73 -15.64
N GLY B 309 33.20 25.56 -14.93
CA GLY B 309 32.16 26.36 -15.53
C GLY B 309 30.80 25.70 -15.51
N ASN B 310 29.94 26.05 -16.47
CA ASN B 310 28.68 25.34 -16.65
C ASN B 310 28.20 25.49 -18.10
N GLN B 311 27.04 24.92 -18.38
CA GLN B 311 26.43 24.90 -19.73
C GLN B 311 24.91 24.79 -19.56
N SER B 312 24.15 25.04 -20.62
CA SER B 312 22.68 25.05 -20.52
C SER B 312 22.05 23.86 -21.26
N LEU B 313 21.04 23.25 -20.66
CA LEU B 313 20.28 22.18 -21.36
C LEU B 313 19.30 22.83 -22.35
N GLU B 314 18.87 24.05 -22.09
CA GLU B 314 17.81 24.72 -22.91
C GLU B 314 18.26 24.88 -24.38
N SER B 315 19.56 25.05 -24.62
CA SER B 315 20.11 25.23 -25.98
C SER B 315 19.75 24.04 -26.89
N GLY B 316 19.72 22.83 -26.34
CA GLY B 316 19.52 21.64 -27.19
C GLY B 316 20.85 21.17 -27.77
N GLU B 317 21.93 21.89 -27.51
CA GLU B 317 23.27 21.43 -27.96
C GLU B 317 23.67 20.17 -27.21
N PRO B 318 24.42 19.24 -27.83
CA PRO B 318 24.92 18.08 -27.13
C PRO B 318 25.72 18.57 -25.90
N LEU B 319 25.53 17.91 -24.76
CA LEU B 319 26.20 18.38 -23.52
C LEU B 319 27.69 18.07 -23.53
N ALA B 320 28.51 19.00 -23.04
CA ALA B 320 29.92 18.67 -22.88
C ALA B 320 30.09 17.71 -21.70
N TYR B 321 31.12 16.85 -21.81
CA TYR B 321 31.41 15.87 -20.77
C TYR B 321 31.97 16.52 -19.51
N GLY B 322 31.50 16.07 -18.35
CA GLY B 322 32.17 16.46 -17.11
C GLY B 322 31.94 17.90 -16.68
N LYS B 323 30.86 18.53 -17.16
CA LYS B 323 30.63 19.96 -17.01
C LYS B 323 29.22 20.21 -16.49
N SER B 324 29.10 21.03 -15.45
CA SER B 324 27.82 21.21 -14.78
C SER B 324 26.73 21.75 -15.70
N ILE B 325 25.50 21.26 -15.52
CA ILE B 325 24.33 21.86 -16.15
C ILE B 325 23.53 22.71 -15.19
N THR B 326 24.05 22.95 -13.98
CA THR B 326 23.38 23.80 -13.00
C THR B 326 24.37 24.89 -12.65
N ASP B 327 24.77 25.02 -11.37
CA ASP B 327 25.71 26.06 -10.97
C ASP B 327 27.08 25.80 -11.57
N ALA B 328 27.83 26.87 -11.83
CA ALA B 328 29.21 26.71 -12.28
C ALA B 328 30.11 26.19 -11.16
N CYS B 329 31.02 25.29 -11.51
CA CYS B 329 31.93 24.62 -10.58
C CYS B 329 33.37 24.91 -10.96
N ILE B 330 34.28 24.83 -9.98
CA ILE B 330 35.69 24.74 -10.36
C ILE B 330 35.97 23.39 -11.00
N GLY B 331 37.03 23.37 -11.80
CA GLY B 331 37.44 22.13 -12.48
C GLY B 331 38.38 21.29 -11.64
N TRP B 332 38.89 20.20 -12.23
CA TRP B 332 39.71 19.25 -11.42
C TRP B 332 41.02 19.87 -10.94
N GLU B 333 41.73 20.58 -11.80
CA GLU B 333 43.07 21.09 -11.43
C GLU B 333 42.94 22.02 -10.21
N ASP B 334 41.99 22.94 -10.25
CA ASP B 334 41.73 23.83 -9.08
C ASP B 334 41.30 22.97 -7.88
N THR B 335 40.50 21.94 -8.15
CA THR B 335 40.05 21.10 -7.04
C THR B 335 41.22 20.45 -6.33
N ASP B 336 42.14 19.84 -7.09
CA ASP B 336 43.33 19.26 -6.49
C ASP B 336 44.10 20.30 -5.68
N ALA B 337 44.33 21.48 -6.26
CA ALA B 337 45.06 22.53 -5.54
C ALA B 337 44.32 22.93 -4.26
N LEU B 338 43.00 23.06 -4.35
CA LEU B 338 42.24 23.51 -3.19
C LEU B 338 42.26 22.46 -2.07
N LEU B 339 42.19 21.19 -2.42
CA LEU B 339 42.23 20.17 -1.38
C LEU B 339 43.58 20.17 -0.68
N ARG B 340 44.65 20.37 -1.44
CA ARG B 340 45.99 20.39 -0.83
C ARG B 340 46.14 21.62 0.06
N GLN B 341 45.56 22.76 -0.36
CA GLN B 341 45.58 23.95 0.50
C GLN B 341 44.90 23.65 1.84
N LEU B 342 43.70 23.08 1.80
CA LEU B 342 42.98 22.75 3.04
C LEU B 342 43.75 21.76 3.91
N ALA B 343 44.30 20.71 3.30
CA ALA B 343 45.10 19.78 4.08
C ALA B 343 46.30 20.50 4.72
N ASN B 344 47.01 21.33 3.95
CA ASN B 344 48.15 22.03 4.53
C ASN B 344 47.71 22.92 5.70
N ALA B 345 46.52 23.54 5.58
CA ALA B 345 46.03 24.42 6.65
C ALA B 345 45.69 23.63 7.90
N VAL B 346 45.08 22.45 7.74
CA VAL B 346 44.73 21.62 8.91
C VAL B 346 45.99 21.16 9.62
N LYS B 347 47.01 20.76 8.86
CA LYS B 347 48.29 20.42 9.46
C LYS B 347 48.86 21.62 10.23
N ALA B 348 48.89 22.80 9.60
CA ALA B 348 49.38 23.99 10.30
C ALA B 348 48.57 24.26 11.56
N ARG B 349 47.27 23.98 11.57
CA ARG B 349 46.43 24.31 12.76
C ARG B 349 46.87 23.44 13.94
N ARG B 350 47.32 22.22 13.67
CA ARG B 350 47.72 21.25 14.72
C ARG B 350 48.98 21.73 15.45
N GLY B 351 49.86 22.42 14.73
CA GLY B 351 51.09 22.97 15.33
C GLY B 351 52.18 21.93 15.39
N ASP C 7 3.36 -10.48 -19.68
CA ASP C 7 2.69 -10.63 -18.37
C ASP C 7 1.32 -9.97 -18.43
N ASP C 8 0.38 -10.43 -17.61
CA ASP C 8 -0.95 -9.79 -17.53
C ASP C 8 -1.57 -9.65 -18.94
N LEU C 9 -1.38 -10.65 -19.80
CA LEU C 9 -2.00 -10.63 -21.14
C LEU C 9 -3.42 -11.20 -21.06
N ARG C 10 -3.83 -11.71 -19.90
CA ARG C 10 -5.21 -12.19 -19.73
C ARG C 10 -5.84 -11.31 -18.65
N ILE C 11 -5.10 -10.30 -18.19
CA ILE C 11 -5.67 -9.35 -17.25
C ILE C 11 -6.15 -8.17 -18.06
N LYS C 12 -7.47 -7.98 -18.13
CA LYS C 12 -8.03 -6.91 -18.93
C LYS C 12 -7.89 -5.56 -18.23
N GLU C 13 -8.36 -5.50 -17.00
CA GLU C 13 -8.35 -4.20 -16.29
C GLU C 13 -8.11 -4.40 -14.80
N ILE C 14 -7.46 -3.43 -14.16
CA ILE C 14 -7.27 -3.47 -12.69
C ILE C 14 -7.87 -2.17 -12.16
N LYS C 15 -8.80 -2.27 -11.21
CA LYS C 15 -9.50 -1.07 -10.71
C LYS C 15 -9.28 -0.95 -9.21
N GLU C 16 -9.46 0.25 -8.68
CA GLU C 16 -9.19 0.51 -7.25
C GLU C 16 -10.21 -0.16 -6.36
N LEU C 17 -9.77 -0.55 -5.17
CA LEU C 17 -10.60 -1.24 -4.19
C LEU C 17 -10.42 -0.59 -2.83
N LEU C 18 -11.53 -0.19 -2.21
CA LEU C 18 -11.49 0.36 -0.87
C LEU C 18 -10.85 -0.65 0.09
N PRO C 19 -9.96 -0.21 0.98
CA PRO C 19 -9.40 -1.12 1.99
C PRO C 19 -10.42 -1.40 3.08
N PRO C 20 -10.27 -2.49 3.83
CA PRO C 20 -11.25 -2.77 4.90
C PRO C 20 -11.38 -1.66 5.93
N VAL C 21 -10.27 -1.03 6.32
CA VAL C 21 -10.37 0.07 7.29
C VAL C 21 -11.35 1.12 6.82
N ALA C 22 -11.53 1.26 5.49
CA ALA C 22 -12.47 2.26 4.97
C ALA C 22 -13.92 1.85 5.22
N LEU C 23 -14.22 0.56 5.12
CA LEU C 23 -15.58 0.08 5.43
C LEU C 23 -15.79 0.03 6.93
N LEU C 24 -14.75 -0.36 7.67
CA LEU C 24 -14.83 -0.42 9.12
C LEU C 24 -15.06 0.95 9.71
N GLU C 25 -14.44 1.98 9.13
CA GLU C 25 -14.59 3.35 9.63
C GLU C 25 -15.95 3.93 9.26
N LYS C 26 -16.42 3.67 8.04
CA LYS C 26 -17.73 4.18 7.65
C LYS C 26 -18.85 3.48 8.41
N PHE C 27 -18.71 2.17 8.64
CA PHE C 27 -19.77 1.36 9.24
C PHE C 27 -19.24 0.64 10.48
N PRO C 28 -18.95 1.37 11.55
CA PRO C 28 -18.46 0.71 12.76
C PRO C 28 -19.59 -0.04 13.46
N ALA C 29 -19.21 -1.09 14.16
CA ALA C 29 -20.18 -1.85 14.94
C ALA C 29 -20.73 -1.00 16.07
N THR C 30 -22.06 -0.94 16.16
CA THR C 30 -22.70 -0.35 17.33
C THR C 30 -22.42 -1.20 18.56
N GLU C 31 -22.70 -0.62 19.72
CA GLU C 31 -22.79 -1.40 20.96
C GLU C 31 -23.61 -2.66 20.73
N ASN C 32 -24.85 -2.48 20.26
CA ASN C 32 -25.77 -3.62 20.13
C ASN C 32 -25.20 -4.68 19.19
N ALA C 33 -24.80 -4.27 17.99
CA ALA C 33 -24.24 -5.19 17.01
C ALA C 33 -23.06 -5.97 17.59
N ALA C 34 -22.16 -5.27 18.28
CA ALA C 34 -21.03 -5.93 18.93
C ALA C 34 -21.52 -6.99 19.91
N ASN C 35 -22.54 -6.67 20.70
CA ASN C 35 -23.05 -7.65 21.67
C ASN C 35 -23.72 -8.82 20.98
N THR C 36 -24.50 -8.56 19.92
CA THR C 36 -25.12 -9.65 19.19
C THR C 36 -24.09 -10.69 18.77
N VAL C 37 -22.97 -10.23 18.22
CA VAL C 37 -21.93 -11.13 17.76
C VAL C 37 -21.24 -11.82 18.93
N ALA C 38 -20.92 -11.06 19.98
CA ALA C 38 -20.26 -11.65 21.14
C ALA C 38 -21.09 -12.76 21.76
N HIS C 39 -22.39 -12.49 21.98
CA HIS C 39 -23.27 -13.50 22.56
C HIS C 39 -23.39 -14.72 21.66
N ALA C 40 -23.73 -14.50 20.38
CA ALA C 40 -24.02 -15.61 19.49
C ALA C 40 -22.80 -16.52 19.35
N ARG C 41 -21.61 -15.95 19.29
CA ARG C 41 -20.41 -16.76 19.20
C ARG C 41 -20.20 -17.57 20.47
N LYS C 42 -20.40 -16.94 21.63
CA LYS C 42 -20.35 -17.67 22.90
C LYS C 42 -21.38 -18.80 22.91
N ALA C 43 -22.63 -18.47 22.55
CA ALA C 43 -23.70 -19.46 22.57
C ALA C 43 -23.37 -20.68 21.73
N ILE C 44 -22.80 -20.46 20.54
CA ILE C 44 -22.45 -21.58 19.67
C ILE C 44 -21.30 -22.38 20.25
N HIS C 45 -20.33 -21.71 20.88
CA HIS C 45 -19.25 -22.43 21.53
C HIS C 45 -19.79 -23.33 22.64
N LYS C 46 -20.71 -22.79 23.44
CA LYS C 46 -21.31 -23.58 24.52
C LYS C 46 -22.03 -24.80 23.96
N ILE C 47 -22.79 -24.60 22.88
CA ILE C 47 -23.41 -25.74 22.19
C ILE C 47 -22.34 -26.70 21.70
N LEU C 48 -21.27 -26.17 21.10
CA LEU C 48 -20.28 -27.04 20.47
C LEU C 48 -19.44 -27.79 21.50
N LYS C 49 -19.31 -27.26 22.71
CA LYS C 49 -18.61 -27.94 23.79
C LYS C 49 -19.50 -28.91 24.56
N GLY C 50 -20.73 -29.12 24.08
CA GLY C 50 -21.66 -30.03 24.72
C GLY C 50 -22.38 -29.49 25.93
N ASN C 51 -22.21 -28.21 26.26
CA ASN C 51 -22.75 -27.65 27.49
C ASN C 51 -24.03 -26.86 27.26
N ASP C 52 -24.83 -27.27 26.27
CA ASP C 52 -26.11 -26.63 25.98
C ASP C 52 -26.87 -27.58 25.07
N ASP C 53 -28.12 -27.91 25.42
CA ASP C 53 -28.89 -28.87 24.65
C ASP C 53 -29.66 -28.23 23.50
N ARG C 54 -29.55 -26.92 23.32
CA ARG C 54 -30.28 -26.25 22.26
C ARG C 54 -29.67 -26.59 20.89
N LEU C 55 -30.36 -26.17 19.84
CA LEU C 55 -29.98 -26.49 18.47
C LEU C 55 -29.59 -25.20 17.76
N LEU C 56 -28.47 -25.24 17.03
CA LEU C 56 -28.07 -24.11 16.20
C LEU C 56 -28.79 -24.18 14.87
N VAL C 57 -29.54 -23.15 14.54
CA VAL C 57 -30.32 -23.15 13.30
C VAL C 57 -29.81 -22.02 12.41
N VAL C 58 -29.13 -22.39 11.34
CA VAL C 58 -28.64 -21.43 10.35
C VAL C 58 -29.66 -21.42 9.22
N ILE C 59 -30.43 -20.33 9.12
CA ILE C 59 -31.59 -20.29 8.25
C ILE C 59 -31.74 -18.93 7.60
N GLY C 60 -32.04 -18.94 6.30
CA GLY C 60 -32.22 -17.71 5.56
C GLY C 60 -32.05 -17.96 4.08
N PRO C 61 -32.07 -16.88 3.30
CA PRO C 61 -32.01 -17.02 1.83
C PRO C 61 -30.75 -17.74 1.41
N CYS C 62 -30.85 -18.41 0.26
CA CYS C 62 -29.66 -18.94 -0.39
C CYS C 62 -28.64 -17.85 -0.61
N SER C 63 -29.10 -16.67 -1.01
CA SER C 63 -28.22 -15.55 -1.28
C SER C 63 -29.00 -14.27 -1.05
N ILE C 64 -28.33 -13.27 -0.47
CA ILE C 64 -28.92 -11.94 -0.37
C ILE C 64 -28.75 -11.23 -1.71
N HIS C 65 -29.84 -10.65 -2.20
CA HIS C 65 -29.76 -9.81 -3.40
C HIS C 65 -30.56 -8.52 -3.29
N ASP C 66 -31.36 -8.34 -2.23
CA ASP C 66 -32.18 -7.18 -2.00
C ASP C 66 -32.17 -6.86 -0.52
N PRO C 67 -31.44 -5.81 -0.11
CA PRO C 67 -31.37 -5.49 1.32
C PRO C 67 -32.73 -5.24 1.95
N VAL C 68 -33.71 -4.79 1.16
CA VAL C 68 -35.02 -4.44 1.71
C VAL C 68 -35.78 -5.69 2.11
N ALA C 69 -35.89 -6.65 1.19
CA ALA C 69 -36.47 -7.95 1.54
C ALA C 69 -35.68 -8.61 2.67
N ALA C 70 -34.35 -8.46 2.69
CA ALA C 70 -33.56 -9.11 3.72
C ALA C 70 -33.87 -8.55 5.11
N LYS C 71 -34.12 -7.24 5.20
CA LYS C 71 -34.40 -6.67 6.52
C LYS C 71 -35.79 -7.07 7.00
N GLU C 72 -36.76 -7.22 6.08
CA GLU C 72 -38.08 -7.72 6.49
C GLU C 72 -37.97 -9.15 7.01
N TYR C 73 -37.36 -10.04 6.22
CA TYR C 73 -37.06 -11.38 6.69
C TYR C 73 -36.41 -11.36 8.06
N ALA C 74 -35.38 -10.51 8.23
CA ALA C 74 -34.67 -10.45 9.51
C ALA C 74 -35.61 -10.07 10.65
N THR C 75 -36.54 -9.15 10.40
CA THR C 75 -37.50 -8.79 11.43
C THR C 75 -38.42 -9.95 11.76
N ARG C 76 -38.86 -10.70 10.74
CA ARG C 76 -39.71 -11.86 10.98
C ARG C 76 -38.95 -12.95 11.73
N LEU C 77 -37.71 -13.24 11.31
CA LEU C 77 -36.93 -14.28 11.96
C LEU C 77 -36.53 -13.89 13.38
N LEU C 78 -36.27 -12.60 13.62
CA LEU C 78 -35.90 -12.16 14.96
C LEU C 78 -37.00 -12.47 15.96
N ALA C 79 -38.26 -12.33 15.54
CA ALA C 79 -39.39 -12.69 16.41
C ALA C 79 -39.31 -14.15 16.80
N LEU C 80 -39.14 -15.05 15.83
CA LEU C 80 -39.03 -16.47 16.12
C LEU C 80 -37.78 -16.76 16.93
N ARG C 81 -36.71 -15.99 16.71
CA ARG C 81 -35.52 -16.15 17.54
C ARG C 81 -35.83 -15.89 19.01
N GLU C 82 -36.62 -14.86 19.30
CA GLU C 82 -36.97 -14.58 20.69
C GLU C 82 -37.98 -15.57 21.23
N GLU C 83 -38.94 -15.98 20.39
CA GLU C 83 -39.99 -16.89 20.85
C GLU C 83 -39.42 -18.26 21.17
N LEU C 84 -38.47 -18.75 20.36
CA LEU C 84 -37.96 -20.10 20.47
C LEU C 84 -36.60 -20.16 21.15
N LYS C 85 -36.22 -19.11 21.87
CA LYS C 85 -34.84 -18.96 22.35
C LYS C 85 -34.43 -20.04 23.34
N ASP C 86 -35.39 -20.72 23.98
CA ASP C 86 -35.04 -21.76 24.95
C ASP C 86 -34.76 -23.09 24.29
N GLU C 87 -35.18 -23.28 23.03
CA GLU C 87 -34.88 -24.51 22.31
C GLU C 87 -33.91 -24.31 21.15
N LEU C 88 -33.93 -23.13 20.51
CA LEU C 88 -33.14 -22.87 19.32
C LEU C 88 -32.26 -21.64 19.51
N GLU C 89 -31.09 -21.67 18.87
CA GLU C 89 -30.22 -20.50 18.70
C GLU C 89 -30.25 -20.18 17.21
N ILE C 90 -31.09 -19.23 16.83
CA ILE C 90 -31.40 -18.99 15.42
C ILE C 90 -30.46 -17.93 14.85
N VAL C 91 -29.86 -18.23 13.70
CA VAL C 91 -28.88 -17.38 13.05
C VAL C 91 -29.27 -17.25 11.57
N MET C 92 -29.54 -16.02 11.12
CA MET C 92 -29.71 -15.73 9.69
C MET C 92 -28.59 -16.20 8.79
N ARG C 93 -28.97 -16.84 7.70
CA ARG C 93 -28.10 -16.90 6.52
C ARG C 93 -28.05 -15.51 5.89
N VAL C 94 -26.88 -14.90 5.84
CA VAL C 94 -26.69 -13.66 5.12
C VAL C 94 -25.55 -13.86 4.14
N TYR C 95 -25.82 -14.59 3.06
CA TYR C 95 -24.76 -15.07 2.16
C TYR C 95 -24.55 -14.06 1.06
N PHE C 96 -23.38 -13.41 1.07
CA PHE C 96 -23.02 -12.43 0.07
C PHE C 96 -22.18 -12.99 -1.07
N GLU C 97 -21.73 -14.25 -0.98
CA GLU C 97 -20.86 -14.84 -2.00
C GLU C 97 -21.33 -16.26 -2.31
N LYS C 98 -21.47 -16.56 -3.60
CA LYS C 98 -22.00 -17.85 -4.02
C LYS C 98 -21.01 -18.55 -4.92
N PRO C 99 -20.66 -19.80 -4.62
CA PRO C 99 -19.81 -20.58 -5.52
C PRO C 99 -20.66 -21.17 -6.63
N ARG C 100 -20.22 -21.01 -7.87
CA ARG C 100 -20.95 -21.54 -9.01
C ARG C 100 -20.37 -22.88 -9.45
N THR C 101 -21.24 -23.70 -10.05
CA THR C 101 -20.77 -24.95 -10.62
C THR C 101 -19.87 -24.68 -11.82
N THR C 102 -20.13 -23.60 -12.54
CA THR C 102 -19.22 -23.16 -13.59
C THR C 102 -19.16 -21.63 -13.56
N VAL C 103 -20.12 -20.96 -14.20
CA VAL C 103 -20.18 -19.50 -14.22
C VAL C 103 -21.56 -19.08 -13.75
N GLY C 104 -21.67 -17.82 -13.37
CA GLY C 104 -22.95 -17.29 -12.91
C GLY C 104 -22.73 -16.14 -11.94
N TRP C 105 -23.86 -15.61 -11.45
CA TRP C 105 -23.84 -14.51 -10.50
C TRP C 105 -23.21 -14.98 -9.20
N LYS C 106 -22.12 -14.32 -8.79
CA LYS C 106 -21.35 -14.74 -7.62
C LYS C 106 -21.85 -14.12 -6.31
N GLY C 107 -22.89 -13.29 -6.36
CA GLY C 107 -23.50 -12.77 -5.16
C GLY C 107 -23.47 -11.25 -5.12
N LEU C 108 -23.93 -10.73 -3.99
CA LEU C 108 -24.18 -9.30 -3.87
C LEU C 108 -22.88 -8.51 -3.90
N ILE C 109 -21.83 -9.01 -3.25
CA ILE C 109 -20.59 -8.24 -3.21
C ILE C 109 -19.97 -8.16 -4.60
N ASN C 110 -19.90 -9.29 -5.30
CA ASN C 110 -19.24 -9.29 -6.60
C ASN C 110 -19.97 -8.43 -7.61
N ASP C 111 -21.31 -8.36 -7.54
CA ASP C 111 -22.09 -7.66 -8.55
C ASP C 111 -23.43 -7.22 -7.95
N PRO C 112 -23.42 -6.20 -7.08
CA PRO C 112 -24.64 -5.84 -6.36
C PRO C 112 -25.79 -5.45 -7.27
N HIS C 113 -25.52 -4.88 -8.44
CA HIS C 113 -26.59 -4.50 -9.34
C HIS C 113 -26.98 -5.61 -10.31
N MET C 114 -26.45 -6.81 -10.10
CA MET C 114 -26.92 -8.02 -10.80
C MET C 114 -26.84 -7.88 -12.31
N ASP C 115 -25.91 -7.06 -12.82
CA ASP C 115 -25.93 -6.75 -14.24
C ASP C 115 -24.54 -6.82 -14.86
N ASN C 116 -23.61 -7.57 -14.26
CA ASN C 116 -22.25 -7.72 -14.77
C ASN C 116 -21.52 -6.38 -14.86
N SER C 117 -21.87 -5.42 -13.99
CA SER C 117 -21.08 -4.20 -13.86
C SER C 117 -20.07 -4.27 -12.72
N PHE C 118 -20.15 -5.29 -11.87
CA PHE C 118 -19.12 -5.62 -10.89
C PHE C 118 -18.70 -4.41 -10.05
N GLN C 119 -19.69 -3.72 -9.48
CA GLN C 119 -19.44 -2.56 -8.61
C GLN C 119 -19.15 -3.05 -7.18
N ILE C 120 -17.95 -3.59 -7.02
CA ILE C 120 -17.60 -4.31 -5.80
C ILE C 120 -17.46 -3.35 -4.63
N ASN C 121 -17.00 -2.13 -4.86
CA ASN C 121 -16.94 -1.14 -3.76
C ASN C 121 -18.36 -0.87 -3.24
N ASP C 122 -19.30 -0.69 -4.16
CA ASP C 122 -20.73 -0.52 -3.75
C ASP C 122 -21.19 -1.81 -3.05
N GLY C 123 -20.86 -2.97 -3.60
CA GLY C 123 -21.22 -4.25 -2.97
C GLY C 123 -20.78 -4.29 -1.52
N LEU C 124 -19.54 -3.89 -1.27
CA LEU C 124 -19.04 -4.00 0.10
C LEU C 124 -19.72 -3.01 1.04
N ARG C 125 -19.99 -1.79 0.59
CA ARG C 125 -20.76 -0.85 1.41
C ARG C 125 -22.16 -1.42 1.66
N ILE C 126 -22.82 -1.91 0.62
CA ILE C 126 -24.16 -2.46 0.77
C ILE C 126 -24.13 -3.63 1.75
N ALA C 127 -23.22 -4.57 1.52
CA ALA C 127 -23.18 -5.78 2.33
C ALA C 127 -22.90 -5.44 3.79
N ARG C 128 -21.94 -4.55 4.04
CA ARG C 128 -21.60 -4.25 5.43
C ARG C 128 -22.74 -3.50 6.13
N LYS C 129 -23.37 -2.54 5.45
CA LYS C 129 -24.45 -1.81 6.09
C LYS C 129 -25.61 -2.75 6.45
N LEU C 130 -25.95 -3.66 5.54
CA LEU C 130 -27.00 -4.63 5.84
C LEU C 130 -26.61 -5.52 7.01
N LEU C 131 -25.40 -6.09 6.94
CA LEU C 131 -24.90 -6.92 8.03
C LEU C 131 -24.91 -6.18 9.36
N LEU C 132 -24.54 -4.89 9.35
CA LEU C 132 -24.50 -4.11 10.59
C LEU C 132 -25.90 -3.87 11.12
N ASP C 133 -26.84 -3.53 10.25
CA ASP C 133 -28.21 -3.26 10.69
C ASP C 133 -28.82 -4.51 11.33
N ILE C 134 -28.65 -5.66 10.67
CA ILE C 134 -29.21 -6.91 11.17
C ILE C 134 -28.67 -7.22 12.56
N ASN C 135 -27.34 -7.21 12.71
CA ASN C 135 -26.73 -7.45 14.01
C ASN C 135 -27.19 -6.43 15.05
N ASP C 136 -27.44 -5.19 14.63
CA ASP C 136 -27.85 -4.16 15.57
C ASP C 136 -29.26 -4.42 16.09
N SER C 137 -30.14 -4.96 15.25
CA SER C 137 -31.48 -5.31 15.72
C SER C 137 -31.45 -6.47 16.72
N GLY C 138 -30.39 -7.27 16.70
CA GLY C 138 -30.24 -8.36 17.65
C GLY C 138 -30.16 -9.72 17.02
N LEU C 139 -30.22 -9.82 15.69
CA LEU C 139 -30.20 -11.10 15.01
C LEU C 139 -28.78 -11.44 14.56
N PRO C 140 -28.22 -12.56 15.00
CA PRO C 140 -26.89 -12.96 14.53
C PRO C 140 -26.92 -13.38 13.08
N ALA C 141 -25.74 -13.31 12.45
CA ALA C 141 -25.61 -13.49 11.02
C ALA C 141 -24.63 -14.61 10.71
N ALA C 142 -24.83 -15.25 9.55
CA ALA C 142 -23.98 -16.34 9.08
C ALA C 142 -23.69 -16.15 7.60
N GLY C 143 -22.51 -16.58 7.16
CA GLY C 143 -22.17 -16.51 5.76
C GLY C 143 -21.16 -17.56 5.39
N GLU C 144 -21.07 -17.83 4.09
CA GLU C 144 -20.02 -18.69 3.56
C GLU C 144 -18.79 -17.83 3.28
N PHE C 145 -17.63 -18.28 3.74
CA PHE C 145 -16.37 -17.60 3.47
C PHE C 145 -15.77 -18.25 2.24
N LEU C 146 -16.01 -17.64 1.09
CA LEU C 146 -15.49 -18.15 -0.17
C LEU C 146 -14.28 -17.35 -0.64
N ASP C 147 -14.42 -16.02 -0.68
CA ASP C 147 -13.36 -15.16 -1.14
C ASP C 147 -12.26 -15.08 -0.09
N MET C 148 -11.02 -14.98 -0.56
CA MET C 148 -9.91 -14.79 0.37
C MET C 148 -9.74 -13.34 0.84
N ILE C 149 -10.28 -12.37 0.12
CA ILE C 149 -10.05 -10.97 0.45
C ILE C 149 -11.25 -10.29 1.12
N THR C 150 -12.48 -10.66 0.77
CA THR C 150 -13.64 -10.05 1.42
C THR C 150 -13.76 -10.28 2.93
N PRO C 151 -13.26 -11.38 3.54
CA PRO C 151 -13.52 -11.58 4.97
C PRO C 151 -13.14 -10.40 5.87
N GLN C 152 -12.07 -9.68 5.55
CA GLN C 152 -11.66 -8.56 6.39
C GLN C 152 -12.73 -7.47 6.47
N TYR C 153 -13.58 -7.35 5.46
CA TYR C 153 -14.63 -6.33 5.46
C TYR C 153 -15.84 -6.70 6.31
N LEU C 154 -16.06 -7.98 6.59
CA LEU C 154 -17.31 -8.46 7.18
C LEU C 154 -17.18 -9.28 8.46
N ALA C 155 -16.03 -9.92 8.72
CA ALA C 155 -15.99 -11.02 9.66
C ALA C 155 -16.33 -10.59 11.08
N ASP C 156 -15.99 -9.35 11.45
CA ASP C 156 -16.33 -8.84 12.78
C ASP C 156 -17.82 -8.79 13.02
N LEU C 157 -18.63 -8.89 11.97
CA LEU C 157 -20.08 -8.94 12.11
C LEU C 157 -20.64 -10.34 11.89
N MET C 158 -19.79 -11.37 11.76
CA MET C 158 -20.24 -12.74 11.54
C MET C 158 -20.20 -13.52 12.84
N SER C 159 -21.27 -14.26 13.13
CA SER C 159 -21.34 -15.10 14.32
C SER C 159 -20.99 -16.55 14.05
N TRP C 160 -20.97 -16.97 12.78
CA TRP C 160 -20.76 -18.34 12.36
C TRP C 160 -20.49 -18.31 10.87
N GLY C 161 -19.61 -19.20 10.40
CA GLY C 161 -19.26 -19.20 8.99
C GLY C 161 -19.21 -20.60 8.42
N ALA C 162 -19.26 -20.67 7.10
CA ALA C 162 -19.27 -21.94 6.39
C ALA C 162 -18.20 -21.95 5.32
N ILE C 163 -17.53 -23.08 5.17
CA ILE C 163 -16.67 -23.33 4.04
C ILE C 163 -17.41 -24.27 3.10
N GLY C 164 -17.59 -23.84 1.85
CA GLY C 164 -18.41 -24.60 0.92
C GLY C 164 -17.84 -25.95 0.59
N ALA C 165 -18.74 -26.82 0.08
CA ALA C 165 -18.36 -28.17 -0.30
C ALA C 165 -17.26 -28.17 -1.35
N ARG C 166 -17.29 -27.21 -2.27
CA ARG C 166 -16.31 -27.15 -3.34
C ARG C 166 -14.97 -26.56 -2.89
N THR C 167 -14.89 -26.09 -1.65
CA THR C 167 -13.67 -25.50 -1.13
C THR C 167 -13.24 -26.14 0.20
N THR C 168 -13.94 -27.20 0.65
CA THR C 168 -13.56 -27.88 1.88
C THR C 168 -12.15 -28.46 1.79
N GLU C 169 -11.75 -28.92 0.60
CA GLU C 169 -10.46 -29.55 0.40
C GLU C 169 -9.35 -28.53 0.21
N SER C 170 -9.68 -27.24 0.13
CA SER C 170 -8.73 -26.21 -0.28
C SER C 170 -7.88 -25.75 0.89
N GLN C 171 -6.55 -25.83 0.72
CA GLN C 171 -5.60 -25.37 1.74
C GLN C 171 -5.90 -23.93 2.16
N VAL C 172 -6.06 -23.03 1.19
CA VAL C 172 -6.24 -21.62 1.54
C VAL C 172 -7.49 -21.41 2.37
N HIS C 173 -8.55 -22.21 2.14
CA HIS C 173 -9.77 -22.03 2.93
C HIS C 173 -9.63 -22.61 4.33
N ARG C 174 -8.89 -23.71 4.44
CA ARG C 174 -8.60 -24.26 5.79
C ARG C 174 -7.72 -23.27 6.55
N GLU C 175 -6.72 -22.70 5.89
CA GLU C 175 -5.91 -21.64 6.49
C GLU C 175 -6.79 -20.48 6.95
N LEU C 176 -7.67 -20.00 6.07
CA LEU C 176 -8.56 -18.92 6.46
C LEU C 176 -9.36 -19.31 7.69
N ALA C 177 -9.86 -20.54 7.74
CA ALA C 177 -10.68 -20.97 8.87
C ALA C 177 -9.88 -20.93 10.17
N SER C 178 -8.59 -21.25 10.12
CA SER C 178 -7.77 -21.32 11.32
C SER C 178 -7.64 -19.97 12.03
N GLY C 179 -7.97 -18.87 11.36
CA GLY C 179 -7.83 -17.56 11.98
C GLY C 179 -9.11 -16.79 12.14
N LEU C 180 -10.25 -17.38 11.79
CA LEU C 180 -11.52 -16.67 11.92
C LEU C 180 -11.96 -16.60 13.38
N SER C 181 -12.49 -15.47 13.78
CA SER C 181 -12.89 -15.29 15.17
C SER C 181 -14.23 -15.95 15.48
N CYS C 182 -14.87 -16.59 14.51
CA CYS C 182 -16.17 -17.22 14.66
C CYS C 182 -16.07 -18.72 14.43
N PRO C 183 -17.02 -19.51 14.92
CA PRO C 183 -17.07 -20.93 14.57
C PRO C 183 -17.24 -21.13 13.06
N VAL C 184 -16.84 -22.31 12.59
CA VAL C 184 -16.83 -22.60 11.16
C VAL C 184 -17.32 -24.02 10.93
N GLY C 185 -18.33 -24.17 10.07
CA GLY C 185 -18.77 -25.49 9.62
C GLY C 185 -18.17 -25.83 8.26
N PHE C 186 -17.77 -27.09 8.10
CA PHE C 186 -17.21 -27.56 6.84
C PHE C 186 -18.17 -28.55 6.18
N LYS C 187 -18.54 -28.20 4.95
CA LYS C 187 -19.46 -29.04 4.18
C LYS C 187 -18.70 -30.25 3.65
N ASN C 188 -19.39 -31.39 3.57
CA ASN C 188 -18.78 -32.60 3.00
C ASN C 188 -18.62 -32.37 1.50
N GLY C 189 -17.79 -33.18 0.86
CA GLY C 189 -17.59 -33.06 -0.57
C GLY C 189 -18.89 -33.15 -1.33
N THR C 190 -18.91 -32.56 -2.52
CA THR C 190 -20.13 -32.57 -3.33
C THR C 190 -20.54 -33.99 -3.69
N ASP C 191 -19.56 -34.88 -3.87
CA ASP C 191 -19.90 -36.28 -4.09
C ASP C 191 -20.26 -37.00 -2.80
N GLY C 192 -20.29 -36.31 -1.66
CA GLY C 192 -20.64 -36.92 -0.39
C GLY C 192 -19.46 -37.34 0.46
N THR C 193 -18.24 -37.26 -0.07
CA THR C 193 -17.04 -37.66 0.67
C THR C 193 -16.97 -36.97 2.02
N ILE C 194 -16.94 -37.78 3.09
CA ILE C 194 -16.84 -37.23 4.42
C ILE C 194 -15.40 -36.91 4.81
N LYS C 195 -14.44 -37.70 4.30
CA LYS C 195 -13.03 -37.59 4.73
C LYS C 195 -12.50 -36.16 4.58
N VAL C 196 -12.70 -35.55 3.41
CA VAL C 196 -12.19 -34.20 3.16
C VAL C 196 -12.63 -33.22 4.24
N ALA C 197 -13.84 -33.41 4.79
CA ALA C 197 -14.34 -32.49 5.80
C ALA C 197 -13.69 -32.73 7.15
N ILE C 198 -13.44 -34.00 7.51
CA ILE C 198 -12.73 -34.29 8.79
C ILE C 198 -11.32 -33.71 8.69
N ASP C 199 -10.64 -33.97 7.58
CA ASP C 199 -9.31 -33.40 7.34
C ASP C 199 -9.33 -31.89 7.52
N ALA C 200 -10.34 -31.23 6.96
CA ALA C 200 -10.43 -29.77 7.07
C ALA C 200 -10.58 -29.33 8.52
N ILE C 201 -11.39 -30.04 9.32
CA ILE C 201 -11.58 -29.67 10.72
C ILE C 201 -10.28 -29.80 11.48
N ASN C 202 -9.50 -30.85 11.19
CA ASN C 202 -8.22 -31.03 11.86
C ASN C 202 -7.26 -29.92 11.48
N ALA C 203 -7.16 -29.61 10.19
CA ALA C 203 -6.27 -28.56 9.71
C ALA C 203 -6.62 -27.22 10.33
N ALA C 204 -7.90 -26.89 10.42
CA ALA C 204 -8.29 -25.53 10.88
C ALA C 204 -8.08 -25.34 12.38
N GLY C 205 -8.03 -26.44 13.14
CA GLY C 205 -7.79 -26.34 14.58
C GLY C 205 -6.32 -26.11 14.88
N ALA C 206 -5.49 -26.25 13.86
CA ALA C 206 -4.04 -26.09 14.02
C ALA C 206 -3.58 -24.68 13.66
N PRO C 207 -2.44 -24.20 14.20
CA PRO C 207 -1.88 -22.93 13.78
C PRO C 207 -1.31 -23.02 12.37
N HIS C 208 -1.36 -21.91 11.62
CA HIS C 208 -0.82 -21.88 10.25
C HIS C 208 -0.10 -20.56 10.00
N CYS C 209 0.74 -20.54 8.98
CA CYS C 209 1.44 -19.34 8.54
C CYS C 209 1.31 -19.25 7.03
N PHE C 210 0.77 -18.14 6.53
CA PHE C 210 0.46 -18.02 5.11
C PHE C 210 0.31 -16.55 4.76
N LEU C 211 0.18 -16.31 3.46
CA LEU C 211 0.03 -14.95 2.95
C LEU C 211 -1.45 -14.57 2.94
N SER C 212 -1.73 -13.31 3.28
CA SER C 212 -3.10 -12.82 3.37
C SER C 212 -3.06 -11.31 3.14
N VAL C 213 -4.22 -10.66 3.23
CA VAL C 213 -4.33 -9.21 3.07
C VAL C 213 -4.84 -8.62 4.38
N THR C 214 -4.23 -7.53 4.82
CA THR C 214 -4.57 -6.94 6.10
C THR C 214 -5.76 -5.97 5.95
N LYS C 215 -6.09 -5.28 7.03
CA LYS C 215 -7.21 -4.29 7.03
C LYS C 215 -6.84 -3.05 6.25
N TRP C 216 -5.57 -2.93 5.84
N TRP C 216 -5.57 -2.94 5.83
CA TRP C 216 -5.11 -1.74 5.08
CA TRP C 216 -5.11 -1.74 5.08
C TRP C 216 -5.01 -2.08 3.59
C TRP C 216 -5.01 -2.08 3.59
N GLY C 217 -5.48 -3.26 3.20
CA GLY C 217 -5.46 -3.66 1.79
C GLY C 217 -4.08 -4.09 1.30
N HIS C 218 -3.19 -4.43 2.22
CA HIS C 218 -1.81 -4.80 1.84
C HIS C 218 -1.55 -6.30 2.12
N SER C 219 -0.83 -6.96 1.22
CA SER C 219 -0.47 -8.35 1.46
C SER C 219 0.56 -8.43 2.58
N ALA C 220 0.53 -9.56 3.30
CA ALA C 220 1.37 -9.72 4.48
C ALA C 220 1.47 -11.20 4.83
N ILE C 221 2.43 -11.51 5.70
CA ILE C 221 2.55 -12.84 6.29
C ILE C 221 1.74 -12.85 7.57
N VAL C 222 0.81 -13.80 7.70
CA VAL C 222 0.01 -13.88 8.91
C VAL C 222 0.20 -15.25 9.56
N ASN C 223 0.06 -15.28 10.88
CA ASN C 223 0.15 -16.49 11.69
C ASN C 223 -1.13 -16.65 12.51
N THR C 224 -1.79 -17.78 12.38
CA THR C 224 -3.06 -18.03 13.05
C THR C 224 -2.88 -18.99 14.22
N SER C 225 -3.81 -18.92 15.17
CA SER C 225 -3.76 -19.78 16.35
C SER C 225 -4.33 -21.16 16.09
N GLY C 226 -5.34 -21.25 15.25
CA GLY C 226 -6.12 -22.46 15.06
C GLY C 226 -7.52 -22.23 15.61
N ASN C 227 -8.51 -22.84 14.95
CA ASN C 227 -9.90 -22.68 15.33
C ASN C 227 -10.40 -23.99 15.91
N GLY C 228 -10.77 -23.96 17.19
CA GLY C 228 -11.29 -25.15 17.84
C GLY C 228 -12.79 -25.33 17.68
N ASP C 229 -13.48 -24.26 17.30
CA ASP C 229 -14.93 -24.28 17.13
C ASP C 229 -15.34 -24.63 15.71
N CYS C 230 -14.82 -25.72 15.17
CA CYS C 230 -15.17 -26.17 13.83
C CYS C 230 -15.94 -27.49 13.88
N HIS C 231 -16.84 -27.69 12.92
CA HIS C 231 -17.69 -28.87 12.86
C HIS C 231 -18.03 -29.19 11.42
N ILE C 232 -18.48 -30.43 11.20
CA ILE C 232 -18.87 -30.89 9.86
C ILE C 232 -20.31 -30.48 9.58
N ILE C 233 -20.61 -30.36 8.30
CA ILE C 233 -21.94 -30.03 7.82
C ILE C 233 -22.30 -31.08 6.77
N LEU C 234 -23.34 -31.87 7.07
CA LEU C 234 -23.76 -32.91 6.14
C LEU C 234 -24.75 -32.33 5.14
N ARG C 235 -24.46 -32.48 3.85
CA ARG C 235 -25.27 -31.81 2.81
C ARG C 235 -25.52 -32.73 1.61
N GLY C 236 -25.21 -34.02 1.71
CA GLY C 236 -25.54 -34.97 0.67
C GLY C 236 -24.47 -35.05 -0.40
N GLY C 237 -24.59 -36.11 -1.20
CA GLY C 237 -23.71 -36.30 -2.34
C GLY C 237 -24.51 -36.86 -3.48
N LYS C 238 -24.12 -38.03 -4.00
CA LYS C 238 -24.98 -38.76 -4.93
C LYS C 238 -26.36 -38.95 -4.34
N GLU C 239 -26.42 -39.29 -3.06
CA GLU C 239 -27.66 -39.50 -2.33
C GLU C 239 -27.63 -38.64 -1.08
N PRO C 240 -28.80 -38.37 -0.48
CA PRO C 240 -28.83 -37.64 0.78
C PRO C 240 -28.06 -38.40 1.87
N ASN C 241 -27.63 -37.66 2.88
CA ASN C 241 -26.86 -38.27 3.96
C ASN C 241 -27.29 -37.73 5.31
N TYR C 242 -28.58 -37.46 5.48
CA TYR C 242 -29.12 -36.95 6.73
C TYR C 242 -29.69 -38.02 7.66
N SER C 243 -29.89 -39.23 7.15
CA SER C 243 -30.54 -40.27 7.95
C SER C 243 -29.64 -40.79 9.07
N ALA C 244 -30.27 -41.30 10.13
CA ALA C 244 -29.52 -41.78 11.29
C ALA C 244 -28.49 -42.83 10.92
N LYS C 245 -28.70 -43.54 9.79
CA LYS C 245 -27.66 -44.41 9.28
C LYS C 245 -26.41 -43.61 8.96
N HIS C 246 -26.56 -42.57 8.15
CA HIS C 246 -25.42 -41.72 7.79
C HIS C 246 -24.88 -40.98 9.01
N VAL C 247 -25.77 -40.46 9.87
CA VAL C 247 -25.31 -39.79 11.08
C VAL C 247 -24.47 -40.73 11.93
N ALA C 248 -24.90 -41.99 12.04
CA ALA C 248 -24.12 -43.01 12.72
C ALA C 248 -22.71 -43.09 12.17
N GLU C 249 -22.58 -43.38 10.87
CA GLU C 249 -21.28 -43.49 10.22
C GLU C 249 -20.40 -42.27 10.49
N VAL C 250 -20.99 -41.08 10.47
CA VAL C 250 -20.21 -39.86 10.67
C VAL C 250 -19.77 -39.72 12.12
N LYS C 251 -20.67 -40.04 13.06
CA LYS C 251 -20.28 -40.07 14.46
C LYS C 251 -19.11 -41.03 14.68
N GLU C 252 -19.15 -42.19 14.02
CA GLU C 252 -18.06 -43.15 14.09
C GLU C 252 -16.79 -42.58 13.45
N GLY C 253 -16.91 -42.02 12.25
CA GLY C 253 -15.76 -41.49 11.55
C GLY C 253 -15.10 -40.32 12.27
N LEU C 254 -15.88 -39.55 13.02
CA LEU C 254 -15.31 -38.45 13.80
C LEU C 254 -14.45 -38.98 14.94
N ASN C 255 -14.98 -39.97 15.67
CA ASN C 255 -14.20 -40.57 16.76
C ASN C 255 -12.93 -41.21 16.24
N LYS C 256 -13.03 -42.03 15.20
CA LYS C 256 -11.86 -42.60 14.55
C LYS C 256 -10.78 -41.55 14.28
N ALA C 257 -11.19 -40.29 14.09
CA ALA C 257 -10.25 -39.19 13.86
C ALA C 257 -10.01 -38.35 15.10
N GLY C 258 -10.69 -38.63 16.21
CA GLY C 258 -10.39 -37.94 17.45
C GLY C 258 -11.08 -36.61 17.62
N LEU C 259 -12.14 -36.37 16.89
CA LEU C 259 -12.94 -35.16 17.03
C LEU C 259 -14.25 -35.48 17.71
N PRO C 260 -14.88 -34.51 18.36
CA PRO C 260 -16.20 -34.75 18.97
C PRO C 260 -17.19 -35.27 17.93
N ALA C 261 -18.07 -36.16 18.37
CA ALA C 261 -19.05 -36.78 17.48
C ALA C 261 -20.30 -35.90 17.49
N GLN C 262 -20.30 -34.88 16.65
CA GLN C 262 -21.43 -33.98 16.53
C GLN C 262 -21.46 -33.40 15.12
N VAL C 263 -22.68 -33.22 14.58
CA VAL C 263 -22.86 -32.84 13.20
C VAL C 263 -23.88 -31.72 13.07
N MET C 264 -23.76 -30.97 11.98
CA MET C 264 -24.80 -30.08 11.48
C MET C 264 -25.40 -30.73 10.24
N ILE C 265 -26.72 -30.62 10.08
CA ILE C 265 -27.36 -31.21 8.90
C ILE C 265 -27.99 -30.11 8.07
N ASP C 266 -27.51 -29.97 6.85
CA ASP C 266 -28.07 -29.05 5.87
C ASP C 266 -29.25 -29.74 5.19
N PHE C 267 -30.46 -29.20 5.38
CA PHE C 267 -31.65 -29.83 4.81
C PHE C 267 -31.76 -29.65 3.30
N SER C 268 -31.00 -28.72 2.71
CA SER C 268 -31.17 -28.41 1.30
C SER C 268 -30.04 -29.01 0.46
N HIS C 269 -29.82 -28.44 -0.73
CA HIS C 269 -28.80 -28.86 -1.72
C HIS C 269 -29.00 -30.34 -2.02
N ALA C 270 -27.95 -31.17 -1.94
CA ALA C 270 -28.05 -32.58 -2.34
C ALA C 270 -28.85 -33.42 -1.35
N ASN C 271 -29.14 -32.92 -0.15
CA ASN C 271 -29.95 -33.69 0.79
C ASN C 271 -31.43 -33.64 0.43
N SER C 272 -31.90 -32.50 -0.04
CA SER C 272 -33.26 -32.36 -0.55
C SER C 272 -33.33 -32.62 -2.05
N SER C 273 -32.29 -33.19 -2.64
CA SER C 273 -32.23 -33.41 -4.08
C SER C 273 -32.51 -32.13 -4.87
N LYS C 274 -32.15 -30.98 -4.27
CA LYS C 274 -32.35 -29.66 -4.90
C LYS C 274 -33.82 -29.38 -5.16
N GLN C 275 -34.69 -29.85 -4.27
CA GLN C 275 -36.13 -29.60 -4.33
C GLN C 275 -36.57 -29.04 -2.98
N PHE C 276 -36.99 -27.77 -2.96
CA PHE C 276 -37.04 -27.04 -1.71
C PHE C 276 -38.11 -27.60 -0.76
N LYS C 277 -39.20 -28.15 -1.30
CA LYS C 277 -40.22 -28.74 -0.43
C LYS C 277 -39.64 -29.91 0.37
N LYS C 278 -38.74 -30.68 -0.24
CA LYS C 278 -38.15 -31.84 0.44
C LYS C 278 -37.38 -31.44 1.71
N GLN C 279 -37.06 -30.16 1.88
CA GLN C 279 -36.49 -29.70 3.14
C GLN C 279 -37.45 -29.98 4.30
N MET C 280 -38.75 -29.97 4.04
CA MET C 280 -39.71 -30.30 5.10
C MET C 280 -39.69 -31.78 5.42
N ASP C 281 -39.38 -32.62 4.43
CA ASP C 281 -39.24 -34.06 4.67
C ASP C 281 -37.96 -34.36 5.43
N VAL C 282 -36.85 -33.73 5.02
CA VAL C 282 -35.63 -33.87 5.82
C VAL C 282 -35.89 -33.39 7.24
N CYS C 283 -36.67 -32.32 7.38
CA CYS C 283 -36.93 -31.80 8.72
C CYS C 283 -37.73 -32.79 9.55
N ALA C 284 -38.69 -33.48 8.93
CA ALA C 284 -39.41 -34.54 9.63
C ALA C 284 -38.46 -35.61 10.13
N ASP C 285 -37.63 -36.15 9.24
CA ASP C 285 -36.70 -37.21 9.61
C ASP C 285 -35.71 -36.75 10.68
N VAL C 286 -35.09 -35.58 10.49
CA VAL C 286 -34.11 -35.10 11.46
C VAL C 286 -34.77 -34.82 12.79
N CYS C 287 -36.01 -34.31 12.76
CA CYS C 287 -36.74 -34.07 14.00
C CYS C 287 -36.99 -35.36 14.77
N GLN C 288 -37.14 -36.48 14.06
CA GLN C 288 -37.36 -37.74 14.76
C GLN C 288 -36.06 -38.26 15.37
N GLN C 289 -34.92 -38.03 14.71
CA GLN C 289 -33.63 -38.34 15.34
C GLN C 289 -33.45 -37.55 16.61
N ILE C 290 -33.76 -36.25 16.58
CA ILE C 290 -33.59 -35.42 17.76
C ILE C 290 -34.56 -35.98 18.80
N ALA C 291 -35.86 -35.87 18.53
CA ALA C 291 -36.84 -36.44 19.44
C ALA C 291 -36.49 -37.81 20.00
N GLY C 292 -35.91 -38.68 19.19
CA GLY C 292 -35.47 -40.00 19.65
C GLY C 292 -34.23 -40.00 20.51
N GLY C 293 -33.59 -38.85 20.73
CA GLY C 293 -32.48 -38.74 21.66
C GLY C 293 -31.11 -38.47 21.06
N GLU C 294 -31.02 -38.25 19.75
CA GLU C 294 -29.72 -38.04 19.11
C GLU C 294 -29.14 -36.71 19.57
N LYS C 295 -28.16 -36.78 20.47
CA LYS C 295 -27.49 -35.59 20.99
C LYS C 295 -26.42 -35.09 20.04
N ALA C 296 -26.05 -35.88 19.01
CA ALA C 296 -24.97 -35.48 18.12
C ALA C 296 -25.40 -34.39 17.15
N ILE C 297 -26.69 -34.30 16.84
CA ILE C 297 -27.19 -33.27 15.91
C ILE C 297 -27.23 -31.95 16.67
N ILE C 298 -26.20 -31.12 16.48
CA ILE C 298 -26.10 -29.85 17.20
C ILE C 298 -26.66 -28.68 16.40
N GLY C 299 -26.84 -28.84 15.10
CA GLY C 299 -27.33 -27.74 14.30
C GLY C 299 -27.90 -28.21 12.98
N VAL C 300 -28.66 -27.30 12.34
CA VAL C 300 -29.26 -27.56 11.05
C VAL C 300 -29.15 -26.29 10.21
N MET C 301 -29.16 -26.48 8.90
CA MET C 301 -29.10 -25.39 7.95
C MET C 301 -30.25 -25.54 6.97
N VAL C 302 -30.90 -24.42 6.66
CA VAL C 302 -32.15 -24.40 5.91
C VAL C 302 -32.14 -23.18 4.99
N GLU C 303 -32.50 -23.39 3.73
CA GLU C 303 -32.60 -22.27 2.77
C GLU C 303 -34.04 -21.73 2.81
N SER C 304 -34.27 -20.59 3.48
CA SER C 304 -35.63 -20.00 3.64
C SER C 304 -35.71 -18.58 3.08
N HIS C 305 -36.83 -18.23 2.45
CA HIS C 305 -37.06 -16.83 1.97
C HIS C 305 -38.52 -16.45 2.25
N LEU C 306 -38.87 -15.19 2.01
CA LEU C 306 -40.25 -14.70 2.26
C LEU C 306 -41.24 -15.44 1.34
N VAL C 307 -40.82 -15.74 0.11
CA VAL C 307 -41.67 -16.43 -0.84
C VAL C 307 -40.91 -17.63 -1.38
N GLU C 308 -41.57 -18.79 -1.41
CA GLU C 308 -40.96 -20.04 -1.84
C GLU C 308 -40.49 -19.96 -3.30
N GLY C 309 -39.62 -20.91 -3.66
CA GLY C 309 -39.18 -21.07 -5.04
C GLY C 309 -37.94 -20.27 -5.37
N ASN C 310 -37.69 -20.13 -6.68
CA ASN C 310 -36.63 -19.25 -7.16
C ASN C 310 -37.06 -18.63 -8.49
N GLN C 311 -36.19 -17.75 -8.99
CA GLN C 311 -36.46 -17.03 -10.27
C GLN C 311 -35.14 -16.84 -11.03
N SER C 312 -35.23 -16.66 -12.35
CA SER C 312 -34.04 -16.45 -13.21
C SER C 312 -33.65 -14.96 -13.22
N LEU C 313 -32.47 -14.64 -13.74
CA LEU C 313 -32.04 -13.24 -13.87
C LEU C 313 -31.97 -12.90 -15.36
N GLU C 317 -35.54 -7.71 -17.80
CA GLU C 317 -36.82 -8.02 -17.10
C GLU C 317 -36.66 -7.76 -15.60
N PRO C 318 -37.75 -7.51 -14.84
CA PRO C 318 -37.66 -7.17 -13.42
C PRO C 318 -37.77 -8.37 -12.48
N LEU C 319 -37.56 -8.18 -11.18
CA LEU C 319 -37.52 -9.33 -10.24
C LEU C 319 -38.73 -9.39 -9.33
N ALA C 320 -39.21 -10.59 -9.07
CA ALA C 320 -40.33 -10.78 -8.15
C ALA C 320 -39.85 -10.55 -6.73
N TYR C 321 -40.70 -9.97 -5.91
CA TYR C 321 -40.32 -9.66 -4.52
C TYR C 321 -40.13 -10.92 -3.69
N GLY C 322 -39.14 -10.94 -2.80
CA GLY C 322 -38.97 -12.04 -1.82
C GLY C 322 -38.60 -13.41 -2.38
N LYS C 323 -38.23 -13.49 -3.63
CA LYS C 323 -37.96 -14.82 -4.25
C LYS C 323 -36.47 -14.94 -4.56
N SER C 324 -35.86 -16.07 -4.22
CA SER C 324 -34.43 -16.27 -4.44
C SER C 324 -34.09 -16.23 -5.93
N ILE C 325 -32.96 -15.58 -6.27
CA ILE C 325 -32.43 -15.64 -7.63
C ILE C 325 -31.36 -16.70 -7.79
N THR C 326 -31.12 -17.51 -6.76
CA THR C 326 -30.23 -18.65 -6.90
C THR C 326 -31.00 -19.94 -6.63
N ASP C 327 -30.66 -20.65 -5.54
CA ASP C 327 -31.34 -21.91 -5.24
C ASP C 327 -32.75 -21.67 -4.72
N ALA C 328 -33.64 -22.63 -4.99
CA ALA C 328 -35.01 -22.49 -4.49
C ALA C 328 -35.04 -22.63 -2.97
N CYS C 329 -35.87 -21.81 -2.32
CA CYS C 329 -36.02 -21.83 -0.87
C CYS C 329 -37.46 -22.12 -0.48
N ILE C 330 -37.64 -22.57 0.77
CA ILE C 330 -38.98 -22.64 1.34
C ILE C 330 -39.46 -21.23 1.68
N GLY C 331 -40.77 -21.03 1.57
CA GLY C 331 -41.38 -19.76 1.86
C GLY C 331 -41.51 -19.52 3.34
N TRP C 332 -42.03 -18.35 3.68
CA TRP C 332 -42.01 -17.99 5.09
C TRP C 332 -43.01 -18.82 5.89
N GLU C 333 -44.13 -19.20 5.27
CA GLU C 333 -45.10 -20.05 5.95
C GLU C 333 -44.49 -21.39 6.32
N ASP C 334 -43.78 -22.01 5.38
CA ASP C 334 -43.09 -23.26 5.70
C ASP C 334 -41.98 -23.04 6.70
N THR C 335 -41.40 -21.84 6.72
CA THR C 335 -40.29 -21.55 7.61
C THR C 335 -40.74 -21.50 9.06
N ASP C 336 -41.84 -20.80 9.33
CA ASP C 336 -42.38 -20.79 10.69
C ASP C 336 -42.73 -22.20 11.13
N ALA C 337 -43.40 -22.96 10.26
CA ALA C 337 -43.74 -24.35 10.58
C ALA C 337 -42.50 -25.17 10.89
N LEU C 338 -41.50 -25.11 10.00
CA LEU C 338 -40.27 -25.88 10.20
C LEU C 338 -39.60 -25.50 11.51
N LEU C 339 -39.51 -24.21 11.80
CA LEU C 339 -38.80 -23.78 13.00
C LEU C 339 -39.48 -24.32 14.26
N ARG C 340 -40.81 -24.29 14.30
CA ARG C 340 -41.51 -24.84 15.46
C ARG C 340 -41.40 -26.35 15.55
N GLN C 341 -41.35 -27.04 14.39
CA GLN C 341 -41.00 -28.46 14.39
C GLN C 341 -39.68 -28.72 15.09
N LEU C 342 -38.68 -27.88 14.81
CA LEU C 342 -37.36 -28.07 15.39
C LEU C 342 -37.39 -27.85 16.90
N ALA C 343 -37.98 -26.74 17.34
CA ALA C 343 -38.03 -26.46 18.77
C ALA C 343 -38.78 -27.55 19.52
N ASN C 344 -39.81 -28.13 18.89
CA ASN C 344 -40.57 -29.19 19.55
C ASN C 344 -39.70 -30.42 19.81
N ALA C 345 -38.96 -30.85 18.79
CA ALA C 345 -38.11 -32.03 18.95
C ALA C 345 -37.00 -31.78 19.97
N VAL C 346 -36.57 -30.53 20.12
CA VAL C 346 -35.56 -30.22 21.14
C VAL C 346 -36.14 -30.41 22.53
N LYS C 347 -37.38 -29.94 22.74
CA LYS C 347 -38.03 -30.16 24.02
C LYS C 347 -38.31 -31.64 24.26
N ALA C 348 -38.47 -32.41 23.18
CA ALA C 348 -38.63 -33.86 23.31
C ALA C 348 -37.33 -34.52 23.76
N ARG C 349 -36.25 -34.24 23.05
CA ARG C 349 -34.93 -34.84 23.39
C ARG C 349 -34.55 -34.49 24.83
N ARG C 350 -35.20 -33.48 25.42
CA ARG C 350 -34.85 -33.04 26.75
C ARG C 350 -35.64 -33.78 27.82
N ASP D 8 -8.29 -11.03 14.25
CA ASP D 8 -8.62 -10.42 15.55
C ASP D 8 -8.08 -11.27 16.69
N LEU D 9 -8.76 -12.36 17.06
CA LEU D 9 -8.36 -13.15 18.25
C LEU D 9 -7.70 -14.47 17.86
N ARG D 10 -7.85 -14.90 16.60
CA ARG D 10 -7.16 -16.13 16.14
C ARG D 10 -6.02 -15.73 15.20
N ILE D 11 -5.77 -14.43 15.07
CA ILE D 11 -4.63 -13.93 14.26
C ILE D 11 -3.55 -13.56 15.27
N LYS D 12 -2.45 -14.31 15.29
CA LYS D 12 -1.47 -14.11 16.36
C LYS D 12 -0.45 -13.04 16.00
N GLU D 13 -0.05 -12.96 14.74
CA GLU D 13 0.93 -11.96 14.37
C GLU D 13 0.86 -11.74 12.87
N ILE D 14 1.23 -10.54 12.44
CA ILE D 14 1.26 -10.13 11.04
C ILE D 14 2.65 -9.58 10.78
N LYS D 15 3.30 -10.05 9.72
CA LYS D 15 4.67 -9.69 9.40
C LYS D 15 4.74 -9.10 7.99
N GLU D 16 5.78 -8.30 7.75
CA GLU D 16 5.87 -7.61 6.47
C GLU D 16 6.26 -8.57 5.35
N LEU D 17 5.71 -8.32 4.17
CA LEU D 17 5.91 -9.16 3.00
C LEU D 17 6.36 -8.29 1.85
N LEU D 18 7.49 -8.65 1.22
CA LEU D 18 7.96 -7.94 0.05
C LEU D 18 6.89 -7.97 -1.03
N PRO D 19 6.61 -6.83 -1.68
CA PRO D 19 5.64 -6.84 -2.78
C PRO D 19 6.24 -7.46 -4.01
N PRO D 20 5.41 -7.99 -4.93
CA PRO D 20 5.96 -8.63 -6.13
C PRO D 20 6.95 -7.76 -6.87
N VAL D 21 6.69 -6.45 -6.91
CA VAL D 21 7.53 -5.60 -7.72
C VAL D 21 8.95 -5.56 -7.17
N ALA D 22 9.13 -5.82 -5.88
CA ALA D 22 10.48 -5.90 -5.32
C ALA D 22 11.24 -7.10 -5.85
N LEU D 23 10.58 -8.25 -5.95
CA LEU D 23 11.22 -9.43 -6.53
C LEU D 23 11.43 -9.26 -8.03
N LEU D 24 10.49 -8.63 -8.72
CA LEU D 24 10.68 -8.39 -10.15
C LEU D 24 11.81 -7.41 -10.43
N GLU D 25 12.01 -6.43 -9.56
CA GLU D 25 13.13 -5.52 -9.76
C GLU D 25 14.46 -6.20 -9.45
N LYS D 26 14.51 -7.03 -8.40
CA LYS D 26 15.78 -7.66 -8.06
C LYS D 26 16.16 -8.73 -9.09
N PHE D 27 15.17 -9.49 -9.58
CA PHE D 27 15.40 -10.58 -10.52
C PHE D 27 14.54 -10.39 -11.77
N PRO D 28 14.90 -9.43 -12.62
CA PRO D 28 14.14 -9.26 -13.86
C PRO D 28 14.43 -10.38 -14.86
N ALA D 29 13.41 -10.72 -15.64
CA ALA D 29 13.62 -11.65 -16.73
C ALA D 29 14.70 -11.12 -17.67
N THR D 30 15.69 -11.96 -17.99
CA THR D 30 16.64 -11.66 -19.06
C THR D 30 15.93 -11.80 -20.40
N GLU D 31 16.60 -11.32 -21.47
CA GLU D 31 16.05 -11.55 -22.80
C GLU D 31 15.95 -13.04 -23.10
N ASN D 32 16.97 -13.81 -22.73
CA ASN D 32 16.91 -15.27 -22.92
C ASN D 32 15.73 -15.88 -22.18
N ALA D 33 15.51 -15.45 -20.93
CA ALA D 33 14.42 -16.02 -20.14
C ALA D 33 13.07 -15.69 -20.74
N ALA D 34 12.85 -14.41 -21.10
CA ALA D 34 11.58 -14.04 -21.69
C ALA D 34 11.35 -14.77 -23.01
N ASN D 35 12.41 -14.91 -23.82
CA ASN D 35 12.32 -15.70 -25.04
C ASN D 35 11.92 -17.15 -24.76
N THR D 36 12.53 -17.76 -23.73
CA THR D 36 12.19 -19.12 -23.37
C THR D 36 10.72 -19.24 -23.01
N VAL D 37 10.23 -18.33 -22.17
CA VAL D 37 8.83 -18.38 -21.77
C VAL D 37 7.93 -18.16 -22.97
N ALA D 38 8.29 -17.19 -23.81
CA ALA D 38 7.43 -16.85 -24.95
C ALA D 38 7.30 -18.04 -25.89
N HIS D 39 8.44 -18.62 -26.27
CA HIS D 39 8.48 -19.70 -27.25
C HIS D 39 7.71 -20.92 -26.76
N ALA D 40 7.88 -21.27 -25.48
CA ALA D 40 7.26 -22.48 -24.93
C ALA D 40 5.76 -22.32 -24.82
N ARG D 41 5.30 -21.18 -24.29
CA ARG D 41 3.87 -20.92 -24.21
C ARG D 41 3.21 -21.04 -25.59
N LYS D 42 3.87 -20.50 -26.61
CA LYS D 42 3.34 -20.59 -27.98
C LYS D 42 3.35 -22.03 -28.47
N ALA D 43 4.44 -22.76 -28.20
CA ALA D 43 4.52 -24.16 -28.63
C ALA D 43 3.42 -24.99 -27.97
N ILE D 44 3.19 -24.80 -26.67
CA ILE D 44 2.13 -25.55 -25.98
C ILE D 44 0.77 -25.17 -26.55
N HIS D 45 0.57 -23.89 -26.87
CA HIS D 45 -0.65 -23.48 -27.55
C HIS D 45 -0.80 -24.19 -28.89
N LYS D 46 0.26 -24.21 -29.69
CA LYS D 46 0.21 -24.89 -30.98
C LYS D 46 -0.15 -26.36 -30.82
N ILE D 47 0.25 -26.97 -29.70
CA ILE D 47 -0.12 -28.35 -29.45
C ILE D 47 -1.58 -28.44 -29.03
N LEU D 48 -2.02 -27.56 -28.13
CA LEU D 48 -3.39 -27.68 -27.62
C LEU D 48 -4.42 -27.41 -28.70
N LYS D 49 -4.09 -26.54 -29.66
CA LYS D 49 -4.96 -26.24 -30.80
C LYS D 49 -4.95 -27.35 -31.85
N GLY D 50 -4.20 -28.43 -31.62
CA GLY D 50 -4.11 -29.53 -32.55
C GLY D 50 -3.21 -29.28 -33.75
N ASN D 51 -2.53 -28.14 -33.82
CA ASN D 51 -1.71 -27.78 -34.96
C ASN D 51 -0.28 -28.29 -34.88
N ASP D 52 0.05 -29.02 -33.81
CA ASP D 52 1.35 -29.67 -33.68
C ASP D 52 1.12 -31.05 -33.10
N ASP D 53 1.92 -32.02 -33.53
CA ASP D 53 1.76 -33.42 -33.13
C ASP D 53 2.81 -33.88 -32.13
N ARG D 54 3.65 -32.97 -31.64
CA ARG D 54 4.62 -33.31 -30.61
C ARG D 54 3.93 -33.46 -29.26
N LEU D 55 4.64 -34.07 -28.31
CA LEU D 55 4.12 -34.36 -26.98
C LEU D 55 4.70 -33.39 -25.96
N LEU D 56 3.82 -32.74 -25.19
CA LEU D 56 4.26 -31.89 -24.07
C LEU D 56 4.66 -32.78 -22.89
N VAL D 57 5.92 -32.71 -22.47
CA VAL D 57 6.40 -33.51 -21.34
C VAL D 57 6.80 -32.56 -20.21
N VAL D 58 6.02 -32.55 -19.13
CA VAL D 58 6.35 -31.82 -17.92
C VAL D 58 6.97 -32.83 -16.96
N ILE D 59 8.26 -32.64 -16.65
CA ILE D 59 9.03 -33.66 -15.94
C ILE D 59 10.05 -33.00 -15.01
N GLY D 60 10.20 -33.56 -13.82
CA GLY D 60 11.15 -33.03 -12.86
C GLY D 60 10.72 -33.36 -11.44
N PRO D 61 11.40 -32.77 -10.46
CA PRO D 61 11.19 -33.19 -9.06
C PRO D 61 9.77 -32.99 -8.60
N CYS D 62 9.31 -33.89 -7.71
CA CYS D 62 8.05 -33.66 -7.02
C CYS D 62 8.05 -32.26 -6.40
N SER D 63 9.14 -31.90 -5.74
CA SER D 63 9.29 -30.56 -5.17
C SER D 63 10.76 -30.18 -5.18
N ILE D 64 11.02 -28.87 -5.35
CA ILE D 64 12.39 -28.30 -5.32
C ILE D 64 12.72 -27.99 -3.87
N HIS D 65 13.86 -28.47 -3.38
CA HIS D 65 14.30 -28.08 -2.06
C HIS D 65 15.74 -27.63 -2.05
N ASP D 66 16.42 -27.70 -3.18
CA ASP D 66 17.83 -27.37 -3.26
C ASP D 66 18.10 -26.80 -4.64
N PRO D 67 18.30 -25.48 -4.76
CA PRO D 67 18.59 -24.90 -6.09
C PRO D 67 19.78 -25.51 -6.80
N VAL D 68 20.79 -26.00 -6.07
CA VAL D 68 21.98 -26.54 -6.74
C VAL D 68 21.63 -27.81 -7.49
N ALA D 69 21.02 -28.78 -6.81
CA ALA D 69 20.56 -29.99 -7.49
C ALA D 69 19.59 -29.65 -8.62
N ALA D 70 18.71 -28.67 -8.40
CA ALA D 70 17.75 -28.32 -9.44
C ALA D 70 18.45 -27.82 -10.71
N LYS D 71 19.51 -27.03 -10.57
CA LYS D 71 20.20 -26.55 -11.77
C LYS D 71 21.01 -27.66 -12.45
N GLU D 72 21.60 -28.57 -11.68
CA GLU D 72 22.22 -29.72 -12.35
C GLU D 72 21.17 -30.55 -13.09
N TYR D 73 20.00 -30.76 -12.49
CA TYR D 73 18.91 -31.45 -13.20
C TYR D 73 18.55 -30.70 -14.48
N ALA D 74 18.40 -29.37 -14.39
CA ALA D 74 18.01 -28.58 -15.56
C ALA D 74 19.04 -28.70 -16.67
N THR D 75 20.32 -28.78 -16.33
CA THR D 75 21.35 -28.92 -17.35
C THR D 75 21.20 -30.24 -18.11
N ARG D 76 21.02 -31.33 -17.37
CA ARG D 76 20.79 -32.62 -18.00
C ARG D 76 19.53 -32.62 -18.82
N LEU D 77 18.44 -32.04 -18.31
CA LEU D 77 17.17 -32.10 -19.02
C LEU D 77 17.22 -31.26 -20.28
N LEU D 78 17.87 -30.10 -20.20
CA LEU D 78 18.04 -29.22 -21.37
C LEU D 78 18.67 -29.97 -22.53
N ALA D 79 19.66 -30.83 -22.22
CA ALA D 79 20.32 -31.57 -23.31
C ALA D 79 19.36 -32.54 -23.99
N LEU D 80 18.47 -33.17 -23.21
CA LEU D 80 17.48 -34.05 -23.82
C LEU D 80 16.38 -33.26 -24.50
N ARG D 81 16.09 -32.07 -23.98
CA ARG D 81 15.15 -31.17 -24.65
C ARG D 81 15.63 -30.86 -26.05
N GLU D 82 16.92 -30.55 -26.19
CA GLU D 82 17.47 -30.21 -27.50
C GLU D 82 17.49 -31.43 -28.41
N GLU D 83 17.88 -32.59 -27.88
CA GLU D 83 18.03 -33.77 -28.73
C GLU D 83 16.69 -34.35 -29.17
N LEU D 84 15.64 -34.21 -28.35
CA LEU D 84 14.34 -34.79 -28.66
C LEU D 84 13.32 -33.76 -29.12
N LYS D 85 13.76 -32.53 -29.39
CA LYS D 85 12.85 -31.41 -29.69
C LYS D 85 11.94 -31.70 -30.87
N ASP D 86 12.37 -32.57 -31.80
CA ASP D 86 11.52 -32.91 -32.94
C ASP D 86 10.29 -33.68 -32.53
N GLU D 87 10.31 -34.37 -31.39
CA GLU D 87 9.19 -35.15 -30.90
C GLU D 87 8.58 -34.61 -29.61
N LEU D 88 9.39 -34.02 -28.75
CA LEU D 88 8.96 -33.65 -27.41
C LEU D 88 9.13 -32.15 -27.20
N GLU D 89 8.14 -31.54 -26.56
CA GLU D 89 8.29 -30.20 -25.98
C GLU D 89 8.52 -30.41 -24.49
N ILE D 90 9.80 -30.46 -24.11
CA ILE D 90 10.14 -30.80 -22.71
C ILE D 90 10.12 -29.56 -21.81
N VAL D 91 9.32 -29.62 -20.75
CA VAL D 91 9.23 -28.52 -19.76
C VAL D 91 9.59 -29.10 -18.39
N MET D 92 10.44 -28.41 -17.65
CA MET D 92 10.88 -28.91 -16.34
C MET D 92 9.88 -28.59 -15.25
N ARG D 93 9.61 -29.57 -14.42
CA ARG D 93 8.70 -29.37 -13.26
C ARG D 93 9.49 -28.61 -12.19
N VAL D 94 9.05 -27.40 -11.87
CA VAL D 94 9.70 -26.58 -10.86
C VAL D 94 8.64 -26.25 -9.82
N TYR D 95 8.36 -27.24 -8.97
CA TYR D 95 7.33 -27.10 -7.91
C TYR D 95 8.02 -26.84 -6.58
N PHE D 96 7.39 -26.04 -5.74
CA PHE D 96 8.07 -25.62 -4.48
C PHE D 96 7.48 -26.33 -3.26
N GLU D 97 6.34 -27.00 -3.40
CA GLU D 97 5.66 -27.57 -2.21
C GLU D 97 4.92 -28.87 -2.52
N LYS D 98 4.47 -29.55 -1.48
CA LYS D 98 3.66 -30.77 -1.65
C LYS D 98 2.30 -30.50 -1.00
N PRO D 99 1.29 -29.99 -1.75
CA PRO D 99 0.00 -29.68 -1.18
C PRO D 99 -0.37 -30.90 -0.36
N ARG D 100 -0.59 -30.72 0.94
CA ARG D 100 -0.86 -31.87 1.83
C ARG D 100 -2.09 -31.61 2.68
N THR D 101 -1.99 -31.88 3.98
CA THR D 101 -3.07 -31.59 4.96
C THR D 101 -2.35 -30.92 6.11
N THR D 102 -1.08 -31.30 6.28
CA THR D 102 -0.21 -30.67 7.29
C THR D 102 1.14 -31.38 7.23
N VAL D 103 1.18 -32.68 7.56
CA VAL D 103 2.47 -33.42 7.67
C VAL D 103 3.52 -32.45 8.21
N GLY D 104 4.59 -32.21 7.44
CA GLY D 104 5.68 -31.35 7.93
C GLY D 104 6.09 -30.30 6.93
N TRP D 105 7.20 -30.53 6.21
CA TRP D 105 7.75 -29.48 5.31
C TRP D 105 6.63 -28.77 4.55
N LYS D 106 6.68 -27.45 4.54
CA LYS D 106 5.64 -26.63 3.88
C LYS D 106 6.15 -26.06 2.55
N GLY D 107 7.35 -26.43 2.09
CA GLY D 107 7.78 -26.04 0.73
C GLY D 107 8.90 -25.02 0.70
N LEU D 108 9.49 -24.78 -0.47
CA LEU D 108 10.67 -23.87 -0.52
C LEU D 108 10.17 -22.45 -0.27
N ILE D 109 9.03 -22.08 -0.86
CA ILE D 109 8.63 -20.69 -0.63
C ILE D 109 8.27 -20.48 0.82
N ASN D 110 7.42 -21.36 1.38
CA ASN D 110 6.93 -21.20 2.74
C ASN D 110 8.10 -21.29 3.70
N ASP D 111 8.95 -22.26 3.51
CA ASP D 111 9.93 -22.60 4.52
C ASP D 111 11.23 -23.01 3.83
N PRO D 112 11.91 -22.08 3.16
CA PRO D 112 13.10 -22.45 2.39
C PRO D 112 14.17 -23.13 3.21
N HIS D 113 14.31 -22.77 4.48
CA HIS D 113 15.37 -23.31 5.29
C HIS D 113 15.01 -24.66 5.93
N MET D 114 13.83 -25.19 5.58
CA MET D 114 13.42 -26.54 5.99
C MET D 114 13.52 -26.72 7.50
N ASP D 115 12.95 -25.77 8.25
CA ASP D 115 13.01 -25.83 9.70
C ASP D 115 11.84 -25.14 10.39
N ASN D 116 10.73 -24.87 9.69
CA ASN D 116 9.58 -24.15 10.23
C ASN D 116 9.93 -22.74 10.70
N SER D 117 10.94 -22.12 10.11
CA SER D 117 11.14 -20.70 10.37
C SER D 117 10.26 -19.83 9.48
N PHE D 118 9.64 -20.41 8.46
CA PHE D 118 8.71 -19.69 7.58
C PHE D 118 9.28 -18.36 7.10
N GLN D 119 10.47 -18.41 6.51
CA GLN D 119 11.15 -17.19 5.97
C GLN D 119 10.64 -17.01 4.55
N ILE D 120 9.39 -16.58 4.43
CA ILE D 120 8.74 -16.57 3.12
C ILE D 120 9.39 -15.56 2.20
N ASN D 121 9.85 -14.43 2.73
CA ASN D 121 10.57 -13.46 1.91
C ASN D 121 11.85 -14.08 1.33
N ASP D 122 12.55 -14.86 2.14
CA ASP D 122 13.72 -15.59 1.63
C ASP D 122 13.30 -16.59 0.57
N GLY D 123 12.20 -17.30 0.81
CA GLY D 123 11.77 -18.32 -0.13
C GLY D 123 11.40 -17.77 -1.49
N LEU D 124 10.73 -16.59 -1.51
CA LEU D 124 10.37 -15.98 -2.78
C LEU D 124 11.61 -15.56 -3.55
N ARG D 125 12.61 -15.02 -2.86
CA ARG D 125 13.87 -14.68 -3.52
C ARG D 125 14.51 -15.94 -4.10
N ILE D 126 14.55 -17.01 -3.31
CA ILE D 126 15.25 -18.19 -3.80
C ILE D 126 14.51 -18.77 -4.99
N ALA D 127 13.17 -18.87 -4.86
CA ALA D 127 12.33 -19.47 -5.89
C ALA D 127 12.36 -18.68 -7.19
N ARG D 128 12.30 -17.35 -7.10
CA ARG D 128 12.34 -16.58 -8.35
C ARG D 128 13.71 -16.67 -8.99
N LYS D 129 14.79 -16.56 -8.21
CA LYS D 129 16.12 -16.63 -8.82
C LYS D 129 16.32 -17.96 -9.55
N LEU D 130 15.83 -19.05 -8.97
CA LEU D 130 15.98 -20.36 -9.61
C LEU D 130 15.20 -20.41 -10.92
N LEU D 131 13.93 -20.02 -10.88
CA LEU D 131 13.14 -19.94 -12.11
C LEU D 131 13.83 -19.11 -13.17
N LEU D 132 14.38 -17.96 -12.75
CA LEU D 132 15.05 -17.10 -13.72
C LEU D 132 16.25 -17.84 -14.33
N ASP D 133 17.07 -18.46 -13.49
CA ASP D 133 18.25 -19.17 -14.01
C ASP D 133 17.88 -20.28 -14.98
N ILE D 134 16.85 -21.07 -14.63
CA ILE D 134 16.46 -22.18 -15.49
C ILE D 134 15.98 -21.66 -16.84
N ASN D 135 15.13 -20.64 -16.83
CA ASN D 135 14.64 -20.08 -18.08
C ASN D 135 15.76 -19.43 -18.89
N ASP D 136 16.67 -18.73 -18.21
CA ASP D 136 17.77 -18.06 -18.91
C ASP D 136 18.63 -19.05 -19.69
N SER D 137 18.76 -20.29 -19.18
CA SER D 137 19.53 -21.32 -19.85
C SER D 137 18.82 -21.91 -21.07
N GLY D 138 17.55 -21.59 -21.27
CA GLY D 138 16.78 -22.10 -22.39
C GLY D 138 15.75 -23.14 -22.04
N LEU D 139 15.66 -23.56 -20.77
CA LEU D 139 14.72 -24.60 -20.36
C LEU D 139 13.44 -24.00 -19.79
N PRO D 140 12.28 -24.26 -20.38
CA PRO D 140 11.02 -23.76 -19.80
C PRO D 140 10.66 -24.48 -18.50
N ALA D 141 9.78 -23.82 -17.73
CA ALA D 141 9.41 -24.28 -16.40
C ALA D 141 7.89 -24.38 -16.23
N ALA D 142 7.47 -25.38 -15.48
CA ALA D 142 6.09 -25.62 -15.12
C ALA D 142 5.94 -25.53 -13.61
N GLY D 143 4.81 -24.99 -13.15
CA GLY D 143 4.60 -24.76 -11.74
C GLY D 143 3.21 -25.21 -11.32
N GLU D 144 3.00 -25.22 -10.01
CA GLU D 144 1.66 -25.53 -9.46
C GLU D 144 1.15 -24.27 -8.77
N PHE D 145 -0.11 -23.93 -9.00
CA PHE D 145 -0.71 -22.72 -8.38
C PHE D 145 -1.59 -23.12 -7.20
N LEU D 146 -1.04 -23.09 -6.00
CA LEU D 146 -1.80 -23.47 -4.78
C LEU D 146 -2.13 -22.22 -3.98
N ASP D 147 -1.60 -21.08 -4.40
CA ASP D 147 -1.72 -19.84 -3.60
C ASP D 147 -2.26 -18.73 -4.52
N MET D 148 -3.08 -17.84 -3.98
CA MET D 148 -3.60 -16.70 -4.78
C MET D 148 -2.62 -15.50 -4.79
N ILE D 149 -1.57 -15.51 -3.95
CA ILE D 149 -0.66 -14.33 -3.85
C ILE D 149 0.73 -14.62 -4.45
N THR D 150 1.27 -15.83 -4.28
CA THR D 150 2.58 -16.23 -4.85
C THR D 150 2.68 -16.02 -6.36
N PRO D 151 1.64 -16.30 -7.16
CA PRO D 151 1.71 -16.21 -8.63
C PRO D 151 2.28 -14.90 -9.20
N GLN D 152 1.95 -13.76 -8.60
CA GLN D 152 2.43 -12.45 -9.09
C GLN D 152 3.96 -12.37 -9.03
N TYR D 153 4.57 -13.17 -8.15
CA TYR D 153 6.05 -13.13 -7.99
C TYR D 153 6.74 -14.07 -8.97
N LEU D 154 6.03 -15.04 -9.56
CA LEU D 154 6.71 -16.08 -10.38
C LEU D 154 6.06 -16.39 -11.74
N ALA D 155 4.79 -16.06 -11.94
CA ALA D 155 4.05 -16.49 -13.17
C ALA D 155 4.70 -16.00 -14.47
N ASP D 156 5.34 -14.83 -14.48
CA ASP D 156 5.99 -14.39 -15.71
C ASP D 156 7.11 -15.34 -16.16
N LEU D 157 7.56 -16.23 -15.29
CA LEU D 157 8.61 -17.18 -15.64
C LEU D 157 8.07 -18.59 -15.85
N MET D 158 6.75 -18.74 -15.80
CA MET D 158 6.12 -20.06 -16.01
CA MET D 158 6.09 -20.05 -16.05
C MET D 158 5.47 -20.25 -17.45
N SER D 159 5.84 -21.38 -18.04
CA SER D 159 5.37 -21.67 -19.39
C SER D 159 4.10 -22.52 -19.40
N TRP D 160 3.73 -23.08 -18.26
CA TRP D 160 2.63 -24.01 -18.10
C TRP D 160 2.40 -24.12 -16.60
N GLY D 161 1.16 -24.26 -16.21
CA GLY D 161 0.82 -24.34 -14.80
C GLY D 161 -0.22 -25.42 -14.55
N ALA D 162 -0.20 -25.94 -13.33
CA ALA D 162 -1.20 -26.90 -12.90
C ALA D 162 -2.00 -26.32 -11.75
N ILE D 163 -3.29 -26.61 -11.75
CA ILE D 163 -4.11 -26.43 -10.57
C ILE D 163 -4.20 -27.78 -9.88
N GLY D 164 -4.02 -27.79 -8.56
CA GLY D 164 -4.02 -29.03 -7.83
C GLY D 164 -5.36 -29.75 -7.86
N ALA D 165 -5.28 -31.05 -7.59
CA ALA D 165 -6.50 -31.86 -7.51
C ALA D 165 -7.38 -31.43 -6.36
N ARG D 166 -6.82 -30.85 -5.30
CA ARG D 166 -7.64 -30.46 -4.13
C ARG D 166 -8.33 -29.12 -4.39
N THR D 167 -8.03 -28.46 -5.52
CA THR D 167 -8.55 -27.12 -5.73
C THR D 167 -9.21 -26.94 -7.10
N THR D 168 -9.28 -27.98 -7.92
CA THR D 168 -9.89 -27.89 -9.24
C THR D 168 -11.35 -27.42 -9.16
N GLU D 169 -12.04 -27.74 -8.06
CA GLU D 169 -13.44 -27.38 -7.90
C GLU D 169 -13.64 -26.00 -7.31
N SER D 170 -12.57 -25.35 -6.88
CA SER D 170 -12.65 -24.09 -6.15
C SER D 170 -12.86 -22.94 -7.14
N GLN D 171 -13.85 -22.11 -6.86
CA GLN D 171 -14.09 -20.95 -7.70
C GLN D 171 -12.88 -20.02 -7.70
N VAL D 172 -12.23 -19.87 -6.54
CA VAL D 172 -11.10 -18.93 -6.45
C VAL D 172 -9.94 -19.39 -7.32
N HIS D 173 -9.72 -20.70 -7.43
CA HIS D 173 -8.64 -21.18 -8.29
C HIS D 173 -9.02 -21.14 -9.75
N ARG D 174 -10.29 -21.39 -10.07
CA ARG D 174 -10.73 -21.22 -11.46
C ARG D 174 -10.61 -19.76 -11.89
N GLU D 175 -10.98 -18.82 -11.01
CA GLU D 175 -10.77 -17.41 -11.31
C GLU D 175 -9.31 -17.14 -11.66
N LEU D 176 -8.38 -17.61 -10.82
CA LEU D 176 -6.95 -17.41 -11.08
C LEU D 176 -6.55 -17.90 -12.47
N ALA D 177 -6.99 -19.11 -12.82
CA ALA D 177 -6.61 -19.68 -14.12
C ALA D 177 -7.09 -18.82 -15.28
N SER D 178 -8.25 -18.18 -15.13
CA SER D 178 -8.82 -17.38 -16.22
C SER D 178 -7.97 -16.16 -16.56
N GLY D 179 -7.04 -15.78 -15.69
CA GLY D 179 -6.17 -14.66 -15.95
C GLY D 179 -4.69 -14.98 -16.07
N LEU D 180 -4.30 -16.25 -15.96
CA LEU D 180 -2.89 -16.61 -16.11
C LEU D 180 -2.48 -16.53 -17.58
N SER D 181 -1.24 -16.11 -17.81
CA SER D 181 -0.72 -15.98 -19.17
C SER D 181 -0.19 -17.29 -19.75
N CYS D 182 -0.24 -18.38 -19.00
CA CYS D 182 0.26 -19.66 -19.47
C CYS D 182 -0.88 -20.66 -19.60
N PRO D 183 -0.70 -21.71 -20.39
CA PRO D 183 -1.66 -22.81 -20.36
C PRO D 183 -1.76 -23.41 -18.97
N VAL D 184 -2.92 -23.99 -18.65
CA VAL D 184 -3.23 -24.46 -17.31
C VAL D 184 -3.87 -25.84 -17.40
N GLY D 185 -3.34 -26.80 -16.65
CA GLY D 185 -3.91 -28.14 -16.61
C GLY D 185 -4.67 -28.34 -15.32
N PHE D 186 -5.87 -28.93 -15.43
CA PHE D 186 -6.73 -29.21 -14.28
C PHE D 186 -6.76 -30.71 -14.05
N LYS D 187 -6.34 -31.12 -12.86
CA LYS D 187 -6.33 -32.54 -12.56
C LYS D 187 -7.73 -33.02 -12.21
N ASN D 188 -7.98 -34.28 -12.56
CA ASN D 188 -9.25 -34.89 -12.16
C ASN D 188 -9.26 -34.92 -10.64
N GLY D 189 -10.38 -35.23 -10.04
CA GLY D 189 -10.47 -35.18 -8.58
C GLY D 189 -9.63 -36.26 -7.93
N THR D 190 -9.29 -36.06 -6.65
CA THR D 190 -8.54 -37.06 -5.86
C THR D 190 -9.23 -38.42 -5.97
N ASP D 191 -10.52 -38.44 -6.31
CA ASP D 191 -11.29 -39.70 -6.43
C ASP D 191 -11.41 -40.15 -7.88
N GLY D 192 -10.93 -39.37 -8.85
CA GLY D 192 -10.93 -39.83 -10.24
C GLY D 192 -12.06 -39.28 -11.10
N THR D 193 -12.86 -38.37 -10.54
CA THR D 193 -14.01 -37.78 -11.28
C THR D 193 -13.47 -36.82 -12.33
N ILE D 194 -14.07 -36.83 -13.52
CA ILE D 194 -13.66 -35.91 -14.60
C ILE D 194 -14.61 -34.71 -14.67
N LYS D 195 -15.77 -34.78 -14.01
CA LYS D 195 -16.70 -33.68 -14.19
C LYS D 195 -16.18 -32.37 -13.58
N VAL D 196 -15.50 -32.43 -12.44
CA VAL D 196 -15.05 -31.20 -11.81
C VAL D 196 -13.98 -30.54 -12.65
N ALA D 197 -13.22 -31.32 -13.41
CA ALA D 197 -12.19 -30.74 -14.25
C ALA D 197 -12.76 -30.21 -15.54
N ILE D 198 -13.83 -30.82 -16.04
CA ILE D 198 -14.50 -30.23 -17.25
C ILE D 198 -15.20 -28.95 -16.78
N ASP D 199 -15.85 -29.01 -15.63
CA ASP D 199 -16.46 -27.79 -15.11
C ASP D 199 -15.41 -26.71 -14.91
N ALA D 200 -14.21 -27.09 -14.48
CA ALA D 200 -13.13 -26.12 -14.25
C ALA D 200 -12.59 -25.56 -15.56
N ILE D 201 -12.42 -26.41 -16.58
CA ILE D 201 -11.98 -25.91 -17.87
C ILE D 201 -12.97 -24.90 -18.42
N ASN D 202 -14.26 -25.12 -18.17
CA ASN D 202 -15.29 -24.22 -18.69
C ASN D 202 -15.29 -22.91 -17.92
N ALA D 203 -15.30 -22.98 -16.60
CA ALA D 203 -15.24 -21.77 -15.80
C ALA D 203 -14.00 -20.95 -16.14
N ALA D 204 -12.85 -21.62 -16.29
CA ALA D 204 -11.60 -20.90 -16.54
C ALA D 204 -11.54 -20.30 -17.94
N GLY D 205 -12.31 -20.81 -18.88
CA GLY D 205 -12.28 -20.24 -20.21
C GLY D 205 -13.09 -18.97 -20.38
N ALA D 206 -13.89 -18.63 -19.39
CA ALA D 206 -14.78 -17.49 -19.27
C ALA D 206 -14.09 -16.32 -18.57
N PRO D 207 -14.47 -15.09 -18.90
CA PRO D 207 -13.92 -13.94 -18.16
C PRO D 207 -14.52 -13.85 -16.76
N HIS D 208 -13.73 -13.30 -15.84
CA HIS D 208 -14.17 -13.17 -14.46
C HIS D 208 -13.78 -11.81 -13.93
N CYS D 209 -14.43 -11.42 -12.85
CA CYS D 209 -14.05 -10.24 -12.10
C CYS D 209 -13.94 -10.65 -10.65
N PHE D 210 -12.79 -10.37 -10.04
CA PHE D 210 -12.59 -10.82 -8.66
C PHE D 210 -11.52 -9.96 -7.99
N LEU D 211 -11.42 -10.09 -6.68
CA LEU D 211 -10.41 -9.37 -5.93
C LEU D 211 -9.10 -10.16 -5.95
N SER D 212 -7.99 -9.44 -6.07
CA SER D 212 -6.67 -10.04 -6.18
C SER D 212 -5.65 -9.02 -5.73
N VAL D 213 -4.49 -9.50 -5.33
CA VAL D 213 -3.37 -8.64 -4.93
C VAL D 213 -2.54 -8.32 -6.17
N THR D 214 -2.24 -7.05 -6.36
CA THR D 214 -1.46 -6.60 -7.54
C THR D 214 0.05 -6.74 -7.30
N LYS D 215 0.85 -6.35 -8.28
CA LYS D 215 2.34 -6.41 -8.18
C LYS D 215 2.84 -5.46 -7.10
N TRP D 216 2.01 -4.51 -6.68
CA TRP D 216 2.43 -3.50 -5.68
C TRP D 216 2.08 -4.01 -4.28
N GLY D 217 1.58 -5.24 -4.18
CA GLY D 217 1.18 -5.73 -2.89
C GLY D 217 -0.11 -5.15 -2.35
N HIS D 218 -0.92 -4.59 -3.23
CA HIS D 218 -2.21 -4.00 -2.80
C HIS D 218 -3.37 -4.80 -3.38
N SER D 219 -4.41 -5.02 -2.59
CA SER D 219 -5.58 -5.69 -3.16
C SER D 219 -6.29 -4.75 -4.14
N ALA D 220 -6.86 -5.35 -5.18
CA ALA D 220 -7.58 -4.56 -6.19
C ALA D 220 -8.65 -5.44 -6.84
N ILE D 221 -9.47 -4.80 -7.68
CA ILE D 221 -10.46 -5.49 -8.51
C ILE D 221 -9.83 -5.76 -9.87
N VAL D 222 -9.85 -7.01 -10.32
CA VAL D 222 -9.24 -7.37 -11.61
C VAL D 222 -10.27 -8.03 -12.50
N ASN D 223 -10.09 -7.85 -13.80
CA ASN D 223 -10.91 -8.51 -14.82
C ASN D 223 -10.03 -9.36 -15.70
N THR D 224 -10.50 -10.57 -15.99
CA THR D 224 -9.72 -11.49 -16.79
C THR D 224 -10.40 -11.72 -18.13
N SER D 225 -9.60 -12.19 -19.10
CA SER D 225 -10.10 -12.48 -20.42
C SER D 225 -10.69 -13.89 -20.53
N GLY D 226 -10.44 -14.76 -19.56
CA GLY D 226 -10.70 -16.17 -19.77
C GLY D 226 -9.54 -16.83 -20.48
N ASN D 227 -9.32 -18.11 -20.13
CA ASN D 227 -8.13 -18.84 -20.54
C ASN D 227 -8.56 -20.02 -21.38
N GLY D 228 -8.29 -19.95 -22.68
CA GLY D 228 -8.63 -21.02 -23.60
C GLY D 228 -7.61 -22.15 -23.70
N ASP D 229 -6.48 -22.02 -23.01
CA ASP D 229 -5.42 -23.03 -23.05
C ASP D 229 -5.44 -23.92 -21.82
N CYS D 230 -6.61 -24.41 -21.44
CA CYS D 230 -6.76 -25.32 -20.31
C CYS D 230 -7.13 -26.71 -20.80
N HIS D 231 -6.76 -27.70 -20.01
CA HIS D 231 -6.96 -29.10 -20.39
C HIS D 231 -6.95 -29.93 -19.13
N ILE D 232 -7.40 -31.18 -19.27
CA ILE D 232 -7.48 -32.12 -18.16
C ILE D 232 -6.13 -32.80 -17.99
N ILE D 233 -5.82 -33.16 -16.75
CA ILE D 233 -4.68 -34.00 -16.43
C ILE D 233 -5.23 -35.25 -15.79
N LEU D 234 -4.98 -36.40 -16.41
CA LEU D 234 -5.42 -37.66 -15.83
C LEU D 234 -4.38 -38.13 -14.83
N ARG D 235 -4.81 -38.26 -13.57
CA ARG D 235 -3.93 -38.46 -12.43
C ARG D 235 -4.36 -39.67 -11.60
N GLY D 236 -5.31 -40.45 -12.10
CA GLY D 236 -5.86 -41.54 -11.35
C GLY D 236 -6.88 -41.09 -10.31
N GLY D 237 -7.55 -42.08 -9.74
CA GLY D 237 -8.41 -41.88 -8.59
C GLY D 237 -8.22 -43.06 -7.64
N LYS D 238 -9.32 -43.74 -7.31
CA LYS D 238 -9.21 -44.98 -6.55
C LYS D 238 -8.38 -46.01 -7.32
N GLU D 239 -8.50 -46.03 -8.63
CA GLU D 239 -7.69 -46.86 -9.51
C GLU D 239 -6.96 -45.96 -10.51
N PRO D 240 -5.92 -46.47 -11.17
CA PRO D 240 -5.30 -45.69 -12.24
C PRO D 240 -6.27 -45.46 -13.40
N ASN D 241 -6.03 -44.39 -14.16
CA ASN D 241 -6.94 -44.01 -15.23
C ASN D 241 -6.18 -43.56 -16.47
N TYR D 242 -5.07 -44.24 -16.77
CA TYR D 242 -4.25 -43.91 -17.95
C TYR D 242 -4.47 -44.86 -19.12
N SER D 243 -5.19 -45.97 -18.92
CA SER D 243 -5.31 -47.00 -19.94
C SER D 243 -6.20 -46.52 -21.09
N ALA D 244 -6.17 -47.28 -22.18
CA ALA D 244 -6.96 -46.94 -23.36
C ALA D 244 -8.44 -46.83 -23.04
N LYS D 245 -8.93 -47.72 -22.16
CA LYS D 245 -10.35 -47.68 -21.80
C LYS D 245 -10.71 -46.36 -21.13
N HIS D 246 -9.83 -45.84 -20.25
CA HIS D 246 -10.14 -44.59 -19.56
C HIS D 246 -9.99 -43.39 -20.48
N VAL D 247 -8.95 -43.40 -21.33
CA VAL D 247 -8.74 -42.30 -22.26
C VAL D 247 -9.93 -42.17 -23.20
N ALA D 248 -10.39 -43.28 -23.77
CA ALA D 248 -11.56 -43.25 -24.64
C ALA D 248 -12.77 -42.70 -23.89
N GLU D 249 -12.93 -43.12 -22.63
CA GLU D 249 -14.06 -42.66 -21.84
C GLU D 249 -13.97 -41.16 -21.54
N VAL D 250 -12.77 -40.64 -21.32
CA VAL D 250 -12.62 -39.21 -21.04
C VAL D 250 -12.82 -38.39 -22.31
N LYS D 251 -12.31 -38.90 -23.43
CA LYS D 251 -12.56 -38.25 -24.73
C LYS D 251 -14.06 -38.02 -24.94
N GLU D 252 -14.86 -39.06 -24.68
CA GLU D 252 -16.31 -38.94 -24.81
C GLU D 252 -16.86 -37.82 -23.94
N GLY D 253 -16.42 -37.77 -22.68
CA GLY D 253 -16.85 -36.68 -21.81
C GLY D 253 -16.42 -35.32 -22.31
N LEU D 254 -15.20 -35.23 -22.84
CA LEU D 254 -14.72 -33.95 -23.38
C LEU D 254 -15.51 -33.56 -24.62
N ASN D 255 -15.85 -34.55 -25.46
CA ASN D 255 -16.63 -34.25 -26.69
C ASN D 255 -18.04 -33.80 -26.30
N LYS D 256 -18.67 -34.50 -25.36
CA LYS D 256 -20.05 -34.18 -24.93
C LYS D 256 -20.07 -32.85 -24.17
N ALA D 257 -18.93 -32.17 -24.08
CA ALA D 257 -18.88 -30.93 -23.27
C ALA D 257 -18.54 -29.72 -24.12
N GLY D 258 -18.15 -29.97 -25.38
CA GLY D 258 -17.76 -28.86 -26.26
C GLY D 258 -16.27 -28.65 -26.23
N LEU D 259 -15.56 -29.47 -25.46
CA LEU D 259 -14.14 -29.27 -25.32
C LEU D 259 -13.38 -30.25 -26.22
N PRO D 260 -12.18 -29.86 -26.66
CA PRO D 260 -11.37 -30.79 -27.46
C PRO D 260 -11.10 -32.06 -26.67
N ALA D 261 -11.07 -33.18 -27.40
CA ALA D 261 -10.83 -34.50 -26.82
C ALA D 261 -9.32 -34.67 -26.72
N GLN D 262 -8.77 -34.20 -25.61
CA GLN D 262 -7.33 -34.24 -25.40
C GLN D 262 -7.05 -34.33 -23.91
N VAL D 263 -5.97 -35.04 -23.56
CA VAL D 263 -5.64 -35.28 -22.16
C VAL D 263 -4.14 -35.13 -21.99
N MET D 264 -3.73 -34.79 -20.77
CA MET D 264 -2.37 -35.04 -20.34
C MET D 264 -2.47 -36.11 -19.26
N ILE D 265 -1.55 -37.05 -19.28
CA ILE D 265 -1.61 -38.17 -18.36
C ILE D 265 -0.45 -38.07 -17.39
N ASP D 266 -0.77 -37.96 -16.11
CA ASP D 266 0.23 -37.97 -15.06
C ASP D 266 0.64 -39.41 -14.80
N PHE D 267 1.92 -39.75 -15.06
CA PHE D 267 2.40 -41.11 -14.82
C PHE D 267 2.52 -41.42 -13.33
N SER D 268 2.50 -40.41 -12.47
CA SER D 268 2.82 -40.58 -11.07
C SER D 268 1.55 -40.54 -10.22
N HIS D 269 1.71 -40.22 -8.93
CA HIS D 269 0.60 -40.04 -7.98
C HIS D 269 -0.29 -41.28 -8.08
N ALA D 270 -1.62 -41.15 -8.18
CA ALA D 270 -2.48 -42.32 -8.15
C ALA D 270 -2.29 -43.22 -9.37
N ASN D 271 -1.77 -42.69 -10.47
CA ASN D 271 -1.63 -43.53 -11.65
C ASN D 271 -0.52 -44.56 -11.51
N SER D 272 0.46 -44.31 -10.65
CA SER D 272 1.51 -45.29 -10.40
C SER D 272 1.32 -46.02 -9.07
N SER D 273 0.15 -45.88 -8.44
CA SER D 273 -0.10 -46.47 -7.13
C SER D 273 0.97 -46.02 -6.13
N LYS D 274 1.42 -44.78 -6.29
CA LYS D 274 2.43 -44.15 -5.44
C LYS D 274 3.69 -45.01 -5.30
N GLN D 275 4.06 -45.70 -6.38
CA GLN D 275 5.31 -46.46 -6.46
C GLN D 275 6.12 -45.91 -7.63
N PHE D 276 7.18 -45.17 -7.33
CA PHE D 276 7.86 -44.36 -8.35
C PHE D 276 8.28 -45.20 -9.56
N LYS D 277 8.73 -46.44 -9.33
CA LYS D 277 9.19 -47.27 -10.44
C LYS D 277 8.06 -47.61 -11.40
N LYS D 278 6.83 -47.62 -10.93
CA LYS D 278 5.66 -47.94 -11.79
C LYS D 278 5.43 -46.84 -12.83
N GLN D 279 6.03 -45.67 -12.67
CA GLN D 279 5.94 -44.68 -13.75
C GLN D 279 6.49 -45.24 -15.06
N MET D 280 7.48 -46.12 -14.98
CA MET D 280 7.97 -46.79 -16.18
C MET D 280 6.92 -47.73 -16.78
N ASP D 281 6.06 -48.30 -15.94
CA ASP D 281 4.99 -49.16 -16.47
C ASP D 281 3.91 -48.33 -17.15
N VAL D 282 3.53 -47.21 -16.53
CA VAL D 282 2.59 -46.29 -17.18
C VAL D 282 3.17 -45.81 -18.51
N CYS D 283 4.46 -45.43 -18.51
CA CYS D 283 5.15 -45.02 -19.73
C CYS D 283 5.00 -46.05 -20.83
N ALA D 284 5.22 -47.32 -20.51
CA ALA D 284 5.12 -48.37 -21.52
C ALA D 284 3.72 -48.41 -22.11
N ASP D 285 2.70 -48.39 -21.25
CA ASP D 285 1.31 -48.38 -21.71
C ASP D 285 1.02 -47.16 -22.58
N VAL D 286 1.37 -45.96 -22.09
CA VAL D 286 1.04 -44.75 -22.82
C VAL D 286 1.79 -44.71 -24.16
N CYS D 287 3.05 -45.13 -24.16
CA CYS D 287 3.79 -45.22 -25.42
C CYS D 287 3.10 -46.15 -26.41
N GLN D 288 2.43 -47.20 -25.92
CA GLN D 288 1.70 -48.10 -26.79
C GLN D 288 0.48 -47.41 -27.39
N GLN D 289 -0.26 -46.67 -26.57
CA GLN D 289 -1.39 -45.91 -27.10
C GLN D 289 -0.94 -44.91 -28.15
N ILE D 290 0.19 -44.24 -27.91
CA ILE D 290 0.62 -43.16 -28.78
C ILE D 290 1.17 -43.72 -30.09
N ALA D 291 2.07 -44.69 -30.00
CA ALA D 291 2.58 -45.34 -31.21
C ALA D 291 1.45 -46.00 -32.00
N GLY D 292 0.43 -46.50 -31.30
CA GLY D 292 -0.72 -47.09 -31.97
C GLY D 292 -1.64 -46.09 -32.65
N GLY D 293 -1.43 -44.79 -32.44
CA GLY D 293 -2.18 -43.77 -33.13
C GLY D 293 -3.06 -42.87 -32.28
N GLU D 294 -2.98 -42.94 -30.95
CA GLU D 294 -3.85 -42.13 -30.11
C GLU D 294 -3.38 -40.68 -30.12
N LYS D 295 -4.15 -39.80 -30.75
CA LYS D 295 -3.76 -38.40 -30.87
C LYS D 295 -4.31 -37.53 -29.74
N ALA D 296 -5.23 -38.06 -28.93
CA ALA D 296 -5.78 -37.25 -27.85
C ALA D 296 -4.79 -37.05 -26.70
N ILE D 297 -3.74 -37.86 -26.62
CA ILE D 297 -2.74 -37.70 -25.57
C ILE D 297 -1.79 -36.60 -26.02
N ILE D 298 -1.98 -35.38 -25.51
CA ILE D 298 -1.16 -34.26 -25.92
C ILE D 298 0.00 -34.01 -24.95
N GLY D 299 -0.05 -34.57 -23.75
CA GLY D 299 1.06 -34.37 -22.84
C GLY D 299 1.08 -35.41 -21.74
N VAL D 300 2.20 -35.42 -21.01
CA VAL D 300 2.40 -36.32 -19.88
C VAL D 300 3.17 -35.58 -18.78
N MET D 301 3.04 -36.10 -17.57
CA MET D 301 3.68 -35.55 -16.39
C MET D 301 4.45 -36.66 -15.67
N VAL D 302 5.69 -36.39 -15.28
CA VAL D 302 6.56 -37.41 -14.69
C VAL D 302 7.28 -36.81 -13.50
N GLU D 303 7.32 -37.53 -12.38
CA GLU D 303 8.12 -37.10 -11.22
C GLU D 303 9.52 -37.72 -11.29
N SER D 304 10.52 -36.87 -11.46
CA SER D 304 11.86 -37.30 -11.83
C SER D 304 12.89 -36.44 -11.11
N HIS D 305 13.97 -37.06 -10.66
CA HIS D 305 15.06 -36.30 -10.05
C HIS D 305 16.40 -36.89 -10.51
N LEU D 306 17.50 -36.30 -10.04
CA LEU D 306 18.83 -36.84 -10.31
C LEU D 306 18.97 -38.25 -9.74
N VAL D 307 18.54 -38.44 -8.49
CA VAL D 307 18.67 -39.70 -7.77
C VAL D 307 17.27 -40.19 -7.45
N GLU D 308 17.02 -41.48 -7.69
CA GLU D 308 15.68 -42.01 -7.52
C GLU D 308 15.30 -42.06 -6.04
N GLY D 309 14.02 -42.30 -5.79
CA GLY D 309 13.51 -42.61 -4.47
C GLY D 309 13.17 -41.36 -3.68
N ASN D 310 13.25 -41.43 -2.35
CA ASN D 310 13.00 -40.22 -1.57
C ASN D 310 13.68 -40.39 -0.22
N GLN D 311 13.60 -39.34 0.59
CA GLN D 311 14.24 -39.34 1.92
C GLN D 311 13.44 -38.44 2.86
N SER D 312 13.58 -38.67 4.16
CA SER D 312 12.84 -37.89 5.18
C SER D 312 13.67 -36.71 5.66
N LEU D 313 13.05 -35.57 5.88
CA LEU D 313 13.76 -34.40 6.45
C LEU D 313 13.95 -34.61 7.94
N GLU D 314 15.20 -34.59 8.41
CA GLU D 314 15.48 -34.72 9.86
C GLU D 314 16.41 -33.58 10.27
N GLU D 317 20.60 -32.83 10.55
CA GLU D 317 21.22 -33.95 9.81
C GLU D 317 21.32 -33.59 8.33
N PRO D 318 22.48 -33.87 7.69
CA PRO D 318 22.62 -33.64 6.28
C PRO D 318 21.65 -34.49 5.46
N LEU D 319 21.42 -34.09 4.21
CA LEU D 319 20.53 -34.84 3.29
C LEU D 319 21.31 -35.42 2.11
N ALA D 320 20.76 -36.46 1.50
CA ALA D 320 21.34 -36.98 0.28
C ALA D 320 21.13 -35.98 -0.85
N TYR D 321 22.14 -35.85 -1.70
CA TYR D 321 22.07 -34.86 -2.77
C TYR D 321 21.17 -35.37 -3.90
N GLY D 322 20.33 -34.48 -4.40
CA GLY D 322 19.55 -34.80 -5.59
C GLY D 322 18.46 -35.82 -5.39
N LYS D 323 18.01 -36.04 -4.17
CA LYS D 323 16.95 -37.01 -3.93
C LYS D 323 15.81 -36.30 -3.21
N SER D 324 14.59 -36.58 -3.63
CA SER D 324 13.41 -35.85 -3.16
C SER D 324 13.25 -36.00 -1.64
N ILE D 325 12.77 -34.94 -1.00
CA ILE D 325 12.31 -35.03 0.40
C ILE D 325 10.79 -35.06 0.48
N THR D 326 10.09 -35.18 -0.65
CA THR D 326 8.64 -35.32 -0.64
C THR D 326 8.32 -36.68 -1.29
N ASP D 327 7.56 -36.71 -2.37
CA ASP D 327 7.22 -37.98 -3.01
C ASP D 327 8.45 -38.58 -3.70
N ALA D 328 8.44 -39.91 -3.87
CA ALA D 328 9.55 -40.58 -4.52
C ALA D 328 9.50 -40.38 -6.03
N CYS D 329 10.67 -40.20 -6.64
CA CYS D 329 10.81 -39.92 -8.06
C CYS D 329 11.63 -41.01 -8.74
N ILE D 330 11.45 -41.15 -10.07
CA ILE D 330 12.47 -41.89 -10.81
C ILE D 330 13.75 -41.06 -10.86
N GLY D 331 14.88 -41.75 -11.01
CA GLY D 331 16.17 -41.10 -11.12
C GLY D 331 16.55 -40.91 -12.57
N TRP D 332 17.78 -40.43 -12.76
CA TRP D 332 18.14 -39.90 -14.08
C TRP D 332 18.21 -41.00 -15.12
N GLU D 333 18.77 -42.15 -14.76
CA GLU D 333 18.88 -43.26 -15.70
C GLU D 333 17.52 -43.65 -16.28
N ASP D 334 16.52 -43.91 -15.42
CA ASP D 334 15.17 -44.18 -15.89
C ASP D 334 14.58 -43.00 -16.66
N THR D 335 14.93 -41.78 -16.24
CA THR D 335 14.37 -40.59 -16.89
C THR D 335 14.83 -40.50 -18.34
N ASP D 336 16.12 -40.73 -18.59
CA ASP D 336 16.64 -40.73 -19.96
C ASP D 336 15.97 -41.81 -20.81
N ALA D 337 15.77 -43.00 -20.25
CA ALA D 337 15.11 -44.06 -21.01
C ALA D 337 13.65 -43.75 -21.25
N LEU D 338 12.98 -43.18 -20.24
CA LEU D 338 11.56 -42.83 -20.38
C LEU D 338 11.36 -41.79 -21.48
N LEU D 339 12.19 -40.75 -21.50
CA LEU D 339 12.01 -39.70 -22.48
C LEU D 339 12.25 -40.23 -23.89
N ARG D 340 13.24 -41.10 -24.06
CA ARG D 340 13.52 -41.72 -25.35
C ARG D 340 12.39 -42.65 -25.77
N GLN D 341 11.75 -43.32 -24.82
CA GLN D 341 10.58 -44.12 -25.16
C GLN D 341 9.47 -43.25 -25.70
N LEU D 342 9.19 -42.13 -25.04
CA LEU D 342 8.15 -41.22 -25.50
C LEU D 342 8.47 -40.66 -26.88
N ALA D 343 9.71 -40.21 -27.08
CA ALA D 343 10.14 -39.72 -28.38
C ALA D 343 9.91 -40.77 -29.47
N ASN D 344 10.37 -42.01 -29.23
CA ASN D 344 10.13 -43.09 -30.18
C ASN D 344 8.63 -43.29 -30.43
N ALA D 345 7.82 -43.27 -29.38
CA ALA D 345 6.37 -43.43 -29.56
C ALA D 345 5.80 -42.33 -30.46
N VAL D 346 6.21 -41.09 -30.24
CA VAL D 346 5.72 -39.98 -31.05
C VAL D 346 6.09 -40.18 -32.51
N LYS D 347 7.33 -40.64 -32.76
CA LYS D 347 7.74 -40.98 -34.12
C LYS D 347 6.80 -42.00 -34.74
N ALA D 348 6.63 -43.16 -34.09
CA ALA D 348 5.79 -44.20 -34.67
C ALA D 348 4.37 -43.71 -34.96
N ARG D 349 3.87 -42.74 -34.20
CA ARG D 349 2.55 -42.18 -34.46
C ARG D 349 2.47 -41.46 -35.81
N ARG D 350 3.60 -41.21 -36.46
CA ARG D 350 3.58 -40.54 -37.76
C ARG D 350 4.57 -41.17 -38.75
MN MN E . -1.43 33.42 14.95
C1 PEP F . -0.87 31.79 10.44
O1 PEP F . -1.49 30.93 11.08
O2' PEP F . -1.43 32.60 9.69
C2 PEP F . 0.58 31.85 10.60
C3 PEP F . 1.22 30.80 11.07
O2 PEP F . 1.29 33.07 10.26
P PEP F . 2.72 33.07 9.56
O1P PEP F . 3.70 32.90 10.68
O2P PEP F . 2.78 34.44 8.94
O3P PEP F . 2.71 31.93 8.58
MN MN G . 24.50 24.66 -6.23
C1 PEP H . 23.57 23.40 -2.51
O1 PEP H . 24.49 23.32 -1.69
O2' PEP H . 23.47 22.61 -3.47
C2 PEP H . 22.58 24.46 -2.38
C3 PEP H . 21.42 24.36 -3.01
O2 PEP H . 22.89 25.62 -1.59
P PEP H . 21.81 26.56 -0.87
O1P PEP H . 22.61 27.23 0.19
O2P PEP H . 21.35 27.49 -1.96
O3P PEP H . 20.73 25.65 -0.34
P PO4 I . 18.15 28.70 -9.89
O1 PO4 I . 19.31 27.83 -9.44
O2 PO4 I . 18.26 28.97 -11.37
O3 PO4 I . 18.21 30.02 -9.14
O4 PO4 I . 16.85 28.00 -9.58
C1 PEP J . -24.71 -23.03 0.51
O1 PEP J . -24.86 -23.43 1.68
O2' PEP J . -25.15 -21.94 0.13
C2 PEP J . -24.00 -23.87 -0.44
C3 PEP J . -23.45 -23.35 -1.51
O2 PEP J . -23.92 -25.30 -0.18
P PEP J . -22.86 -26.27 -0.88
O1P PEP J . -21.53 -25.64 -0.60
O2P PEP J . -23.24 -26.31 -2.32
O3P PEP J . -23.12 -27.57 -0.16
P PO4 K . -25.12 -23.35 -9.86
O1 PO4 K . -23.79 -22.71 -10.22
O2 PO4 K . -25.03 -24.86 -10.03
O3 PO4 K . -25.46 -23.03 -8.42
O4 PO4 K . -26.21 -22.81 -10.77
MN MN L . 4.40 -35.58 -5.89
C1 PEP M . 1.59 -32.54 -8.29
O1 PEP M . 2.57 -32.09 -7.70
O2' PEP M . 1.57 -32.76 -9.52
C2 PEP M . 0.41 -32.83 -7.51
C3 PEP M . 0.22 -32.21 -6.37
O2 PEP M . -0.53 -33.81 -8.01
P PEP M . -2.06 -33.80 -7.55
O1P PEP M . -2.00 -34.22 -6.11
O2P PEP M . -2.70 -34.80 -8.46
O3P PEP M . -2.51 -32.37 -7.74
#